data_6NIG
#
_entry.id   6NIG
#
_cell.length_a   66.098
_cell.length_b   201.252
_cell.length_c   109.359
_cell.angle_alpha   90.000
_cell.angle_beta   94.260
_cell.angle_gamma   90.000
#
_symmetry.space_group_name_H-M   'P 1 21 1'
#
loop_
_entity.id
_entity.type
_entity.pdbx_description
1 polymer 'Toll-like receptor 2,Variable lymphocyte receptor B'
2 branched 2-acetamido-2-deoxy-beta-D-glucopyranose-(1-4)-2-acetamido-2-deoxy-beta-D-glucopyranose
3 non-polymer "(3S,4S,3'S,4'S)-1,1'-(1,4-phenylenedicarbonyl)bis{N~3~,N~4~-bis[(1S,2R)-2-phenylcyclopropyl]pyrrolidine-3,4-dicarboxami de}"
4 non-polymer 2-acetamido-2-deoxy-beta-D-glucopyranose
5 water water
#
_entity_poly.entity_id   1
_entity_poly.type   'polypeptide(L)'
_entity_poly.pdbx_seq_one_letter_code
;MPHTLWMVWVLGVIISLSKEESSNQASLSCDRNGICKGSSGSLNSIPSGLTEAVKSLDLSNNRITYISNSDLQRCVNLQA
LVLTSNGINTIEEDSFSSLGSLEHLDLSYNYLSNLSSSWFKPLSSLTFLNLLGNPYKTLGETSLFSHLTKLQILRVGNMD
TFTKIQRKDFAGLTFLEELEIDASDLQSYEPKSLKSIQNVSHLILHMKQHILLLEIFVDVTSSVECLELRDTDLDTFHFS
ELSTGETNSLIKKFTFRNVKITDESLFQVMKLLNQISGLLELEFDDCTLNGVGNFRASDNDRVIDPGKVETLTIRRLHIP
RFYLFYDLSTLYSLTERVKRITVENSKVFLVPCLLSQHLKSLEYLDLSENLMVEEYLKNSACEDAWPSLQTLILRQNHLA
SLEKTGETLLTLKNLTNIDISKNSFHSMPETCQWPEKMKYLNLSSTRIHSVTGCIPKTLEILDVSNNNLNLFSLNLPQLK
ELYISRNKLMTLPDASLLPMLLVLKISRNQLKSVPDGIFDRLTSLQKIWLHTNPWDCSCPRIDYLSRWLNKNSQKEQGSA
KCSGSGKPVRSIICPT
;
_entity_poly.pdbx_strand_id   A,B,C,D
#
# COMPACT_ATOMS: atom_id res chain seq x y z
N SER A 27 0.83 45.53 15.84
CA SER A 27 -0.10 46.39 16.58
C SER A 27 -1.34 46.69 15.73
N LEU A 28 -1.16 47.53 14.71
CA LEU A 28 -2.22 47.84 13.75
C LEU A 28 -1.60 47.83 12.36
N SER A 29 -1.89 46.79 11.59
CA SER A 29 -1.28 46.58 10.29
C SER A 29 -2.30 46.91 9.20
N CYS A 30 -1.94 47.84 8.33
CA CYS A 30 -2.75 48.23 7.18
C CYS A 30 -2.06 47.80 5.89
N ASP A 31 -2.81 47.84 4.80
CA ASP A 31 -2.25 47.61 3.47
C ASP A 31 -2.27 48.91 2.68
N ARG A 32 -1.79 48.85 1.43
CA ARG A 32 -1.66 50.04 0.61
C ARG A 32 -2.99 50.72 0.31
N ASN A 33 -4.13 50.12 0.71
CA ASN A 33 -5.44 50.65 0.35
C ASN A 33 -6.32 50.90 1.56
N GLY A 34 -5.74 50.93 2.77
CA GLY A 34 -6.48 51.30 3.96
C GLY A 34 -7.19 50.16 4.67
N ILE A 35 -6.88 48.91 4.34
CA ILE A 35 -7.48 47.76 5.02
C ILE A 35 -6.62 47.46 6.24
N CYS A 36 -7.15 47.71 7.43
CA CYS A 36 -6.41 47.63 8.67
C CYS A 36 -6.99 46.57 9.59
N LYS A 37 -6.11 45.91 10.34
CA LYS A 37 -6.51 44.85 11.26
C LYS A 37 -5.62 44.88 12.49
N GLY A 38 -6.23 44.68 13.66
CA GLY A 38 -5.49 44.55 14.90
C GLY A 38 -5.48 43.12 15.39
N SER A 39 -4.43 42.38 15.04
CA SER A 39 -4.37 40.94 15.32
C SER A 39 -3.71 40.61 16.65
N SER A 40 -2.97 41.54 17.25
CA SER A 40 -2.23 41.22 18.46
C SER A 40 -3.13 40.71 19.56
N GLY A 41 -4.36 41.24 19.65
CA GLY A 41 -5.27 40.88 20.71
C GLY A 41 -5.03 41.59 22.02
N SER A 42 -3.95 42.35 22.14
CA SER A 42 -3.61 43.07 23.36
C SER A 42 -3.99 44.54 23.30
N LEU A 43 -5.11 44.86 22.65
CA LEU A 43 -5.59 46.23 22.55
C LEU A 43 -6.63 46.50 23.63
N ASN A 44 -6.46 47.62 24.34
CA ASN A 44 -7.37 48.00 25.41
C ASN A 44 -8.33 49.11 25.01
N SER A 45 -8.12 49.73 23.86
CA SER A 45 -9.02 50.77 23.35
C SER A 45 -8.76 50.91 21.86
N ILE A 46 -9.62 51.65 21.19
CA ILE A 46 -9.44 51.86 19.75
C ILE A 46 -8.17 52.67 19.53
N PRO A 47 -7.29 52.27 18.60
CA PRO A 47 -6.03 53.00 18.42
C PRO A 47 -6.24 54.46 18.10
N SER A 48 -5.27 55.28 18.48
CA SER A 48 -5.27 56.70 18.14
C SER A 48 -4.67 56.90 16.75
N GLY A 49 -4.87 58.10 16.21
CA GLY A 49 -4.34 58.43 14.90
C GLY A 49 -4.97 57.67 13.76
N LEU A 50 -6.26 57.36 13.85
CA LEU A 50 -7.02 56.89 12.70
C LEU A 50 -7.45 58.09 11.87
N THR A 51 -7.40 57.95 10.55
CA THR A 51 -7.51 59.08 9.66
C THR A 51 -8.54 58.80 8.56
N GLU A 52 -8.65 59.75 7.63
CA GLU A 52 -9.54 59.63 6.49
C GLU A 52 -9.06 58.59 5.48
N ALA A 53 -7.87 58.04 5.66
CA ALA A 53 -7.36 57.01 4.75
C ALA A 53 -7.72 55.60 5.18
N VAL A 54 -8.33 55.43 6.35
CA VAL A 54 -8.72 54.11 6.84
C VAL A 54 -10.02 53.72 6.17
N LYS A 55 -9.98 52.66 5.37
CA LYS A 55 -11.15 52.15 4.67
C LYS A 55 -11.84 51.01 5.40
N SER A 56 -11.09 50.23 6.17
CA SER A 56 -11.63 49.08 6.89
C SER A 56 -10.82 48.89 8.16
N LEU A 57 -11.52 48.58 9.25
CA LEU A 57 -10.91 48.50 10.58
C LEU A 57 -11.41 47.25 11.27
N ASP A 58 -10.56 46.23 11.35
CA ASP A 58 -10.88 44.95 11.98
C ASP A 58 -10.12 44.86 13.28
N LEU A 59 -10.79 45.15 14.39
CA LEU A 59 -10.22 45.05 15.73
C LEU A 59 -10.81 43.85 16.47
N SER A 60 -11.03 42.75 15.76
CA SER A 60 -11.60 41.57 16.37
C SER A 60 -10.68 40.99 17.44
N ASN A 61 -11.29 40.36 18.43
CA ASN A 61 -10.57 39.59 19.44
C ASN A 61 -9.46 40.41 20.09
N ASN A 62 -9.82 41.61 20.54
CA ASN A 62 -8.97 42.44 21.39
C ASN A 62 -9.68 42.64 22.72
N ARG A 63 -9.10 43.48 23.58
CA ARG A 63 -9.63 43.73 24.91
C ARG A 63 -10.28 45.11 25.02
N ILE A 64 -10.84 45.62 23.92
CA ILE A 64 -11.42 46.95 23.92
C ILE A 64 -12.64 46.97 24.84
N THR A 65 -12.70 47.98 25.70
CA THR A 65 -13.75 48.13 26.69
C THR A 65 -14.61 49.37 26.49
N TYR A 66 -14.04 50.45 25.95
CA TYR A 66 -14.68 51.75 25.89
C TYR A 66 -14.58 52.30 24.48
N ILE A 67 -15.59 53.06 24.06
CA ILE A 67 -15.59 53.74 22.77
C ILE A 67 -16.06 55.17 23.02
N SER A 68 -15.14 56.12 22.94
CA SER A 68 -15.46 57.52 23.16
C SER A 68 -15.85 58.20 21.85
N ASN A 69 -16.44 59.39 21.98
CA ASN A 69 -16.92 60.12 20.80
C ASN A 69 -15.80 60.55 19.88
N SER A 70 -14.55 60.56 20.35
CA SER A 70 -13.43 61.05 19.56
C SER A 70 -12.64 59.93 18.87
N ASP A 71 -12.88 58.67 19.24
CA ASP A 71 -12.05 57.58 18.70
C ASP A 71 -12.18 57.45 17.19
N LEU A 72 -13.37 57.72 16.64
CA LEU A 72 -13.65 57.44 15.23
C LEU A 72 -14.13 58.68 14.47
N GLN A 73 -13.89 59.88 14.99
CA GLN A 73 -14.45 61.06 14.36
C GLN A 73 -13.81 61.36 13.01
N ARG A 74 -12.56 60.95 12.81
CA ARG A 74 -11.84 61.27 11.58
C ARG A 74 -11.87 60.14 10.56
N CYS A 75 -12.58 59.05 10.83
CA CYS A 75 -12.69 57.93 9.90
C CYS A 75 -13.86 58.13 8.93
N VAL A 76 -13.88 59.29 8.28
CA VAL A 76 -14.98 59.66 7.40
C VAL A 76 -15.15 58.69 6.25
N ASN A 77 -14.11 57.95 5.89
CA ASN A 77 -14.16 57.03 4.75
C ASN A 77 -14.26 55.57 5.18
N LEU A 78 -14.42 55.30 6.48
CA LEU A 78 -14.49 53.92 6.95
C LEU A 78 -15.70 53.22 6.37
N GLN A 79 -15.45 52.12 5.65
CA GLN A 79 -16.52 51.34 5.04
C GLN A 79 -16.90 50.12 5.86
N ALA A 80 -16.00 49.58 6.67
CA ALA A 80 -16.28 48.40 7.47
C ALA A 80 -15.62 48.53 8.83
N LEU A 81 -16.37 48.20 9.89
CA LEU A 81 -15.91 48.31 11.26
C LEU A 81 -16.31 47.02 11.99
N VAL A 82 -15.31 46.22 12.35
CA VAL A 82 -15.53 44.91 12.96
C VAL A 82 -14.92 44.93 14.36
N LEU A 83 -15.77 44.73 15.37
CA LEU A 83 -15.34 44.73 16.77
C LEU A 83 -15.80 43.47 17.48
N THR A 84 -15.84 42.34 16.76
CA THR A 84 -16.32 41.10 17.33
C THR A 84 -15.45 40.66 18.51
N SER A 85 -16.11 40.14 19.54
CA SER A 85 -15.43 39.43 20.64
C SER A 85 -14.37 40.30 21.31
N ASN A 86 -14.77 41.51 21.69
CA ASN A 86 -13.89 42.44 22.40
C ASN A 86 -14.27 42.65 23.85
N GLY A 87 -15.57 42.72 24.16
CA GLY A 87 -16.01 43.00 25.50
C GLY A 87 -16.25 44.48 25.73
N ILE A 88 -16.89 45.13 24.77
CA ILE A 88 -17.17 46.56 24.84
C ILE A 88 -18.33 46.79 25.79
N ASN A 89 -18.09 47.62 26.82
CA ASN A 89 -19.12 47.89 27.82
C ASN A 89 -20.06 49.00 27.36
N THR A 90 -19.51 50.13 26.93
CA THR A 90 -20.28 51.31 26.63
C THR A 90 -19.77 51.97 25.36
N ILE A 91 -20.68 52.60 24.63
CA ILE A 91 -20.37 53.36 23.43
C ILE A 91 -21.03 54.72 23.56
N GLU A 92 -20.22 55.77 23.56
CA GLU A 92 -20.77 57.12 23.74
C GLU A 92 -21.74 57.45 22.61
N GLU A 93 -22.67 58.36 22.91
CA GLU A 93 -23.82 58.58 22.04
C GLU A 93 -23.40 58.89 20.60
N ASP A 94 -22.35 59.70 20.42
CA ASP A 94 -21.97 60.21 19.11
C ASP A 94 -20.69 59.55 18.57
N SER A 95 -20.37 58.35 19.04
CA SER A 95 -19.13 57.71 18.60
C SER A 95 -19.11 57.47 17.10
N PHE A 96 -20.28 57.32 16.47
CA PHE A 96 -20.38 57.02 15.05
C PHE A 96 -20.88 58.20 14.23
N SER A 97 -20.71 59.43 14.74
CA SER A 97 -21.26 60.60 14.07
C SER A 97 -20.61 60.84 12.72
N SER A 98 -19.34 60.44 12.55
CA SER A 98 -18.61 60.68 11.31
C SER A 98 -18.68 59.52 10.33
N LEU A 99 -19.32 58.42 10.70
CA LEU A 99 -19.27 57.18 9.91
C LEU A 99 -20.45 57.08 8.96
N GLY A 100 -20.70 58.13 8.19
CA GLY A 100 -21.79 58.14 7.22
C GLY A 100 -21.53 57.29 6.00
N SER A 101 -20.30 56.83 5.80
CA SER A 101 -19.97 55.93 4.70
C SER A 101 -19.79 54.49 5.18
N LEU A 102 -20.02 54.23 6.48
CA LEU A 102 -19.89 52.87 7.00
C LEU A 102 -20.97 51.99 6.41
N GLU A 103 -20.55 50.85 5.83
CA GLU A 103 -21.45 49.88 5.25
C GLU A 103 -21.58 48.60 6.05
N HIS A 104 -20.62 48.30 6.93
CA HIS A 104 -20.55 47.01 7.60
C HIS A 104 -20.15 47.27 9.05
N LEU A 105 -21.07 47.00 9.98
CA LEU A 105 -20.84 47.19 11.41
C LEU A 105 -21.11 45.88 12.13
N ASP A 106 -20.08 45.32 12.76
CA ASP A 106 -20.19 44.09 13.54
C ASP A 106 -19.79 44.40 14.97
N LEU A 107 -20.76 44.36 15.88
CA LEU A 107 -20.53 44.53 17.31
C LEU A 107 -20.82 43.24 18.08
N SER A 108 -20.83 42.10 17.40
CA SER A 108 -21.29 40.86 18.00
C SER A 108 -20.37 40.44 19.15
N TYR A 109 -20.97 39.74 20.12
CA TYR A 109 -20.26 39.13 21.23
C TYR A 109 -19.40 40.14 21.98
N ASN A 110 -20.06 41.21 22.42
CA ASN A 110 -19.49 42.15 23.39
C ASN A 110 -20.39 42.16 24.61
N TYR A 111 -20.25 43.16 25.47
CA TYR A 111 -21.05 43.24 26.69
C TYR A 111 -21.93 44.48 26.67
N LEU A 112 -22.61 44.70 25.54
CA LEU A 112 -23.57 45.80 25.40
C LEU A 112 -24.92 45.31 25.88
N SER A 113 -25.32 45.72 27.09
CA SER A 113 -26.62 45.36 27.62
C SER A 113 -27.66 46.45 27.39
N ASN A 114 -27.28 47.56 26.76
CA ASN A 114 -28.17 48.69 26.56
C ASN A 114 -27.79 49.37 25.25
N LEU A 115 -28.73 49.40 24.30
CA LEU A 115 -28.49 49.93 22.98
C LEU A 115 -29.10 51.32 22.85
N SER A 116 -28.39 52.22 22.15
CA SER A 116 -28.85 53.58 21.92
C SER A 116 -29.13 53.77 20.44
N SER A 117 -30.29 54.37 20.14
CA SER A 117 -30.64 54.66 18.75
C SER A 117 -29.75 55.72 18.12
N SER A 118 -28.97 56.45 18.93
CA SER A 118 -28.08 57.47 18.39
C SER A 118 -26.81 56.88 17.79
N TRP A 119 -26.46 55.65 18.15
CA TRP A 119 -25.34 54.98 17.49
C TRP A 119 -25.63 54.80 16.00
N PHE A 120 -26.87 54.47 15.66
CA PHE A 120 -27.22 54.07 14.30
C PHE A 120 -27.84 55.19 13.48
N LYS A 121 -28.29 56.27 14.10
CA LYS A 121 -28.85 57.39 13.36
C LYS A 121 -27.93 57.91 12.25
N PRO A 122 -26.62 58.04 12.45
CA PRO A 122 -25.77 58.60 11.39
C PRO A 122 -25.36 57.61 10.31
N LEU A 123 -25.72 56.33 10.42
CA LEU A 123 -25.20 55.30 9.52
C LEU A 123 -26.10 55.14 8.29
N SER A 124 -26.16 56.21 7.50
CA SER A 124 -27.07 56.25 6.36
C SER A 124 -26.70 55.25 5.27
N SER A 125 -25.44 54.83 5.19
CA SER A 125 -25.00 53.88 4.18
C SER A 125 -24.93 52.46 4.71
N LEU A 126 -25.43 52.19 5.91
CA LEU A 126 -25.22 50.90 6.52
C LEU A 126 -25.99 49.81 5.79
N THR A 127 -25.28 48.72 5.46
CA THR A 127 -25.84 47.59 4.75
C THR A 127 -25.83 46.31 5.57
N PHE A 128 -24.96 46.21 6.58
CA PHE A 128 -24.80 45.00 7.39
C PHE A 128 -24.66 45.42 8.85
N LEU A 129 -25.51 44.88 9.71
CA LEU A 129 -25.46 45.16 11.14
C LEU A 129 -25.62 43.85 11.90
N ASN A 130 -24.65 43.55 12.75
CA ASN A 130 -24.68 42.34 13.56
C ASN A 130 -24.55 42.74 15.03
N LEU A 131 -25.59 42.43 15.82
CA LEU A 131 -25.59 42.69 17.25
C LEU A 131 -25.73 41.42 18.07
N LEU A 132 -25.52 40.26 17.45
CA LEU A 132 -25.70 38.99 18.14
C LEU A 132 -24.73 38.86 19.31
N GLY A 133 -25.17 38.14 20.34
CA GLY A 133 -24.30 37.78 21.43
C GLY A 133 -24.06 38.87 22.46
N ASN A 134 -24.81 39.96 22.41
CA ASN A 134 -24.70 40.96 23.46
C ASN A 134 -25.81 40.76 24.49
N PRO A 135 -25.53 40.94 25.80
CA PRO A 135 -26.48 40.59 26.85
C PRO A 135 -27.55 41.66 27.13
N TYR A 136 -28.26 42.06 26.08
CA TYR A 136 -29.42 42.92 26.26
C TYR A 136 -30.67 42.06 26.33
N LYS A 137 -31.58 42.42 27.23
CA LYS A 137 -32.86 41.74 27.35
C LYS A 137 -33.86 42.21 26.31
N THR A 138 -33.68 43.44 25.82
CA THR A 138 -34.60 44.06 24.87
C THR A 138 -33.78 44.94 23.95
N LEU A 139 -34.32 45.20 22.75
CA LEU A 139 -33.68 46.12 21.82
C LEU A 139 -33.87 47.58 22.23
N GLY A 140 -34.31 47.83 23.44
CA GLY A 140 -34.50 49.18 23.94
C GLY A 140 -35.95 49.64 23.82
N GLU A 141 -36.21 50.78 24.45
CA GLU A 141 -37.51 51.43 24.37
C GLU A 141 -37.58 52.44 23.23
N THR A 142 -36.53 52.56 22.43
CA THR A 142 -36.51 53.42 21.25
C THR A 142 -36.06 52.60 20.05
N SER A 143 -36.79 52.74 18.94
CA SER A 143 -36.44 52.00 17.73
C SER A 143 -35.02 52.33 17.29
N LEU A 144 -34.25 51.29 16.98
CA LEU A 144 -32.83 51.44 16.68
C LEU A 144 -32.54 51.60 15.20
N PHE A 145 -33.42 51.10 14.32
CA PHE A 145 -33.10 50.94 12.91
C PHE A 145 -33.93 51.84 12.00
N SER A 146 -34.60 52.85 12.56
CA SER A 146 -35.47 53.68 11.74
C SER A 146 -34.70 54.42 10.64
N HIS A 147 -33.41 54.69 10.86
CA HIS A 147 -32.63 55.49 9.94
C HIS A 147 -31.74 54.66 9.02
N LEU A 148 -31.79 53.33 9.11
CA LEU A 148 -30.95 52.48 8.27
C LEU A 148 -31.70 52.14 6.98
N THR A 149 -31.91 53.18 6.18
CA THR A 149 -32.70 53.05 4.95
C THR A 149 -32.06 52.10 3.95
N LYS A 150 -30.77 51.83 4.07
CA LYS A 150 -30.05 50.96 3.15
C LYS A 150 -29.80 49.57 3.73
N LEU A 151 -30.23 49.30 4.96
CA LEU A 151 -29.89 48.05 5.62
C LEU A 151 -30.40 46.86 4.82
N GLN A 152 -29.56 45.83 4.71
CA GLN A 152 -29.91 44.60 4.02
C GLN A 152 -29.78 43.35 4.88
N ILE A 153 -28.83 43.32 5.81
CA ILE A 153 -28.62 42.15 6.67
C ILE A 153 -28.61 42.64 8.11
N LEU A 154 -29.56 42.15 8.90
CA LEU A 154 -29.65 42.47 10.32
C LEU A 154 -29.61 41.18 11.13
N ARG A 155 -28.70 41.10 12.09
CA ARG A 155 -28.59 39.98 13.00
C ARG A 155 -28.72 40.50 14.43
N VAL A 156 -29.63 39.89 15.20
CA VAL A 156 -30.00 40.43 16.50
C VAL A 156 -30.43 39.28 17.40
N GLY A 157 -30.19 39.44 18.70
CA GLY A 157 -30.58 38.47 19.70
C GLY A 157 -29.38 37.87 20.41
N ASN A 158 -29.67 36.95 21.33
CA ASN A 158 -28.62 36.23 22.05
C ASN A 158 -29.20 34.94 22.62
N MET A 159 -28.34 34.18 23.31
CA MET A 159 -28.68 32.84 23.75
C MET A 159 -29.40 32.83 25.09
N ASP A 160 -29.12 33.81 25.96
CA ASP A 160 -29.52 33.71 27.36
C ASP A 160 -30.57 34.74 27.78
N THR A 161 -30.34 36.02 27.51
CA THR A 161 -31.11 37.08 28.16
C THR A 161 -32.10 37.79 27.26
N PHE A 162 -32.05 37.58 25.95
CA PHE A 162 -33.00 38.22 25.03
C PHE A 162 -34.35 37.52 25.17
N THR A 163 -35.29 38.17 25.87
CA THR A 163 -36.55 37.54 26.22
C THR A 163 -37.80 38.28 25.74
N LYS A 164 -37.67 39.46 25.15
CA LYS A 164 -38.83 40.21 24.68
C LYS A 164 -38.57 40.75 23.28
N ILE A 165 -39.55 40.55 22.39
CA ILE A 165 -39.61 41.22 21.10
C ILE A 165 -40.80 42.17 21.14
N GLN A 166 -40.53 43.45 20.91
CA GLN A 166 -41.56 44.49 20.95
C GLN A 166 -42.00 44.87 19.55
N ARG A 167 -43.18 45.49 19.46
CA ARG A 167 -43.71 45.87 18.16
C ARG A 167 -42.94 47.02 17.52
N LYS A 168 -42.22 47.81 18.33
CA LYS A 168 -41.43 48.92 17.81
C LYS A 168 -40.05 48.50 17.32
N ASP A 169 -39.62 47.27 17.61
CA ASP A 169 -38.23 46.90 17.45
C ASP A 169 -37.74 47.08 16.02
N PHE A 170 -38.57 46.73 15.04
CA PHE A 170 -38.16 46.75 13.64
C PHE A 170 -38.94 47.83 12.89
N ALA A 171 -38.94 49.05 13.44
CA ALA A 171 -39.88 50.07 13.03
C ALA A 171 -39.70 50.45 11.56
N GLY A 172 -38.55 51.01 11.21
CA GLY A 172 -38.37 51.59 9.90
C GLY A 172 -37.79 50.66 8.85
N LEU A 173 -37.89 49.36 9.08
CA LEU A 173 -37.35 48.37 8.15
C LEU A 173 -38.48 47.82 7.29
N THR A 174 -38.41 48.06 5.99
CA THR A 174 -39.40 47.58 5.04
C THR A 174 -38.92 46.42 4.18
N PHE A 175 -37.62 46.35 3.91
CA PHE A 175 -37.06 45.36 3.02
C PHE A 175 -35.72 44.91 3.58
N LEU A 176 -35.53 43.60 3.67
CA LEU A 176 -34.29 43.03 4.17
C LEU A 176 -33.93 41.79 3.36
N GLU A 177 -32.65 41.65 3.03
CA GLU A 177 -32.20 40.42 2.39
C GLU A 177 -32.10 39.27 3.38
N GLU A 178 -31.60 39.54 4.58
CA GLU A 178 -31.41 38.51 5.59
C GLU A 178 -31.65 39.10 6.97
N LEU A 179 -32.48 38.42 7.76
CA LEU A 179 -32.77 38.81 9.13
C LEU A 179 -32.56 37.58 10.00
N GLU A 180 -31.65 37.69 10.97
CA GLU A 180 -31.36 36.60 11.91
C GLU A 180 -31.75 37.06 13.30
N ILE A 181 -32.65 36.32 13.94
CA ILE A 181 -33.13 36.62 15.29
C ILE A 181 -32.75 35.43 16.17
N ASP A 182 -31.83 35.65 17.11
CA ASP A 182 -31.53 34.62 18.11
C ASP A 182 -32.50 34.80 19.26
N ALA A 183 -33.66 34.16 19.15
CA ALA A 183 -34.68 34.15 20.19
C ALA A 183 -34.59 32.89 21.04
N SER A 184 -33.35 32.45 21.31
CA SER A 184 -33.13 31.15 21.92
C SER A 184 -33.98 30.97 23.19
N ASP A 185 -33.97 31.96 24.07
CA ASP A 185 -34.78 31.91 25.30
C ASP A 185 -35.78 33.06 25.32
N LEU A 186 -36.37 33.34 24.17
CA LEU A 186 -37.43 34.35 24.10
C LEU A 186 -38.61 33.92 24.95
N GLN A 187 -39.16 34.87 25.72
CA GLN A 187 -40.31 34.61 26.57
C GLN A 187 -41.61 35.19 26.03
N SER A 188 -41.58 36.39 25.46
CA SER A 188 -42.78 37.02 24.93
C SER A 188 -42.50 37.62 23.56
N TYR A 189 -43.53 37.62 22.73
CA TYR A 189 -43.47 38.18 21.39
C TYR A 189 -44.70 39.05 21.21
N GLU A 190 -44.50 40.36 21.15
CA GLU A 190 -45.62 41.28 20.97
C GLU A 190 -46.21 41.08 19.58
N PRO A 191 -47.52 40.89 19.45
CA PRO A 191 -48.10 40.60 18.13
C PRO A 191 -47.75 41.66 17.09
N LYS A 192 -47.44 41.20 15.88
CA LYS A 192 -47.19 42.05 14.72
C LYS A 192 -45.89 42.84 14.82
N SER A 193 -44.97 42.38 15.67
CA SER A 193 -43.65 43.03 15.74
C SER A 193 -42.90 42.87 14.43
N LEU A 194 -43.03 41.72 13.78
CA LEU A 194 -42.32 41.44 12.54
C LEU A 194 -43.17 41.69 11.29
N LYS A 195 -44.48 41.84 11.44
CA LYS A 195 -45.36 42.05 10.30
C LYS A 195 -45.10 43.38 9.60
N SER A 196 -44.36 44.30 10.23
CA SER A 196 -44.08 45.58 9.60
C SER A 196 -43.07 45.45 8.47
N ILE A 197 -42.22 44.43 8.51
CA ILE A 197 -41.23 44.20 7.45
C ILE A 197 -41.95 43.54 6.28
N GLN A 198 -42.06 44.26 5.16
CA GLN A 198 -42.86 43.77 4.04
C GLN A 198 -42.18 42.60 3.33
N ASN A 199 -40.85 42.67 3.18
CA ASN A 199 -40.11 41.65 2.43
C ASN A 199 -38.87 41.23 3.22
N VAL A 200 -38.70 39.93 3.38
CA VAL A 200 -37.51 39.34 3.97
C VAL A 200 -37.17 38.10 3.15
N SER A 201 -36.06 38.16 2.41
CA SER A 201 -35.70 37.00 1.60
C SER A 201 -35.37 35.79 2.46
N HIS A 202 -34.60 35.99 3.53
CA HIS A 202 -34.13 34.88 4.36
C HIS A 202 -34.29 35.27 5.81
N LEU A 203 -35.14 34.52 6.54
CA LEU A 203 -35.34 34.72 7.97
C LEU A 203 -34.78 33.51 8.72
N ILE A 204 -33.86 33.76 9.62
CA ILE A 204 -33.26 32.73 10.47
C ILE A 204 -33.70 33.00 11.90
N LEU A 205 -34.30 31.99 12.53
CA LEU A 205 -34.91 32.14 13.85
C LEU A 205 -34.37 31.03 14.76
N HIS A 206 -33.52 31.41 15.72
CA HIS A 206 -33.12 30.50 16.78
C HIS A 206 -34.16 30.54 17.88
N MET A 207 -34.48 29.37 18.43
CA MET A 207 -35.57 29.25 19.38
C MET A 207 -35.57 27.85 19.96
N LYS A 208 -35.25 27.71 21.26
CA LYS A 208 -35.11 26.39 21.84
C LYS A 208 -36.45 25.73 22.13
N GLN A 209 -37.48 26.53 22.44
CA GLN A 209 -38.82 26.03 22.68
C GLN A 209 -39.75 26.52 21.58
N HIS A 210 -40.89 25.82 21.42
CA HIS A 210 -41.82 26.10 20.34
C HIS A 210 -43.04 26.89 20.80
N ILE A 211 -43.06 27.36 22.06
CA ILE A 211 -44.23 28.05 22.59
C ILE A 211 -44.61 29.22 21.71
N LEU A 212 -43.63 30.00 21.27
CA LEU A 212 -43.86 31.21 20.50
C LEU A 212 -43.83 30.99 19.00
N LEU A 213 -43.69 29.74 18.53
CA LEU A 213 -43.41 29.50 17.12
C LEU A 213 -44.57 29.94 16.24
N LEU A 214 -45.79 29.52 16.57
CA LEU A 214 -46.93 29.83 15.73
C LEU A 214 -47.33 31.29 15.81
N GLU A 215 -47.00 31.98 16.90
CA GLU A 215 -47.33 33.40 17.02
C GLU A 215 -46.35 34.27 16.24
N ILE A 216 -45.12 33.80 16.06
CA ILE A 216 -44.20 34.49 15.16
C ILE A 216 -44.50 34.13 13.70
N PHE A 217 -44.95 32.91 13.45
CA PHE A 217 -45.17 32.45 12.09
C PHE A 217 -46.21 33.29 11.37
N VAL A 218 -47.32 33.61 12.05
CA VAL A 218 -48.41 34.33 11.39
C VAL A 218 -47.96 35.71 10.92
N ASP A 219 -46.95 36.28 11.58
CA ASP A 219 -46.49 37.62 11.22
C ASP A 219 -45.47 37.63 10.08
N VAL A 220 -44.79 36.51 9.83
CA VAL A 220 -43.75 36.47 8.80
C VAL A 220 -44.12 35.61 7.61
N THR A 221 -45.16 34.79 7.71
CA THR A 221 -45.48 33.87 6.62
C THR A 221 -45.76 34.61 5.32
N SER A 222 -46.20 35.86 5.38
CA SER A 222 -46.54 36.61 4.19
C SER A 222 -45.40 37.47 3.67
N SER A 223 -44.23 37.46 4.34
CA SER A 223 -43.11 38.30 3.95
C SER A 223 -41.83 37.54 3.66
N VAL A 224 -41.72 36.28 4.07
CA VAL A 224 -40.47 35.54 4.00
C VAL A 224 -40.50 34.58 2.81
N GLU A 225 -39.38 34.51 2.10
CA GLU A 225 -39.24 33.55 1.01
C GLU A 225 -38.55 32.26 1.48
N CYS A 226 -37.43 32.40 2.20
CA CYS A 226 -36.72 31.25 2.77
C CYS A 226 -36.78 31.37 4.28
N LEU A 227 -37.52 30.45 4.91
CA LEU A 227 -37.67 30.43 6.37
C LEU A 227 -36.78 29.31 6.93
N GLU A 228 -36.00 29.65 7.95
CA GLU A 228 -35.11 28.69 8.60
C GLU A 228 -35.37 28.74 10.10
N LEU A 229 -35.63 27.56 10.68
CA LEU A 229 -35.85 27.41 12.11
C LEU A 229 -34.71 26.60 12.71
N ARG A 230 -34.05 27.16 13.72
CA ARG A 230 -32.85 26.55 14.29
C ARG A 230 -33.06 26.22 15.76
N ASP A 231 -32.58 25.04 16.16
CA ASP A 231 -32.37 24.61 17.54
C ASP A 231 -33.65 24.20 18.26
N THR A 232 -34.81 24.30 17.63
CA THR A 232 -36.07 24.15 18.35
C THR A 232 -36.37 22.69 18.68
N ASP A 233 -36.89 22.49 19.89
CA ASP A 233 -37.35 21.17 20.34
C ASP A 233 -38.82 21.03 19.98
N LEU A 234 -39.11 20.24 18.93
CA LEU A 234 -40.46 20.04 18.44
C LEU A 234 -41.01 18.66 18.81
N ASP A 235 -40.41 17.99 19.79
CA ASP A 235 -40.85 16.64 20.16
C ASP A 235 -42.33 16.62 20.53
N THR A 236 -42.79 17.65 21.26
CA THR A 236 -44.17 17.74 21.68
C THR A 236 -44.93 18.88 21.01
N PHE A 237 -44.47 19.32 19.84
CA PHE A 237 -45.16 20.38 19.12
C PHE A 237 -46.53 19.92 18.68
N HIS A 238 -47.53 20.78 18.87
CA HIS A 238 -48.89 20.52 18.44
C HIS A 238 -49.36 21.70 17.60
N PHE A 239 -49.92 21.40 16.43
CA PHE A 239 -50.43 22.47 15.56
C PHE A 239 -51.82 22.88 16.00
N SER A 240 -52.07 24.19 16.01
CA SER A 240 -53.39 24.74 16.23
C SER A 240 -53.68 25.77 15.15
N GLU A 241 -54.94 25.79 14.68
CA GLU A 241 -55.34 26.65 13.60
C GLU A 241 -54.82 28.08 13.78
N LEU A 242 -54.37 28.66 12.68
CA LEU A 242 -53.76 29.98 12.71
C LEU A 242 -54.81 31.08 12.55
N SER A 243 -54.50 32.25 13.09
CA SER A 243 -55.40 33.38 13.07
C SER A 243 -55.46 34.07 11.72
N THR A 244 -54.96 33.40 10.68
CA THR A 244 -54.96 33.97 9.34
C THR A 244 -56.37 34.17 8.82
N ASN A 248 -52.60 33.69 1.76
CA ASN A 248 -51.59 32.81 1.18
C ASN A 248 -50.21 33.16 1.70
N SER A 249 -49.27 32.23 1.57
CA SER A 249 -47.94 32.37 2.14
C SER A 249 -46.90 32.58 1.04
N LEU A 250 -45.87 33.35 1.37
CA LEU A 250 -44.78 33.65 0.46
C LEU A 250 -43.59 32.71 0.62
N ILE A 251 -43.62 31.81 1.62
CA ILE A 251 -42.48 30.94 1.88
C ILE A 251 -42.38 29.89 0.78
N LYS A 252 -41.21 29.81 0.16
CA LYS A 252 -40.94 28.77 -0.83
C LYS A 252 -40.02 27.68 -0.30
N LYS A 253 -39.26 27.96 0.74
CA LYS A 253 -38.33 26.98 1.31
C LYS A 253 -38.41 27.08 2.83
N PHE A 254 -38.58 25.92 3.47
CA PHE A 254 -38.61 25.83 4.93
C PHE A 254 -37.48 24.92 5.36
N THR A 255 -36.53 25.48 6.11
CA THR A 255 -35.36 24.75 6.58
C THR A 255 -35.46 24.55 8.09
N PHE A 256 -35.29 23.30 8.53
CA PHE A 256 -35.15 22.97 9.94
C PHE A 256 -33.70 22.55 10.17
N ARG A 257 -33.02 23.25 11.07
CA ARG A 257 -31.62 22.97 11.38
C ARG A 257 -31.48 22.72 12.88
N ASN A 258 -30.81 21.63 13.23
CA ASN A 258 -30.60 21.28 14.64
C ASN A 258 -31.93 21.21 15.39
N VAL A 259 -32.95 20.67 14.73
CA VAL A 259 -34.30 20.57 15.30
C VAL A 259 -34.57 19.12 15.68
N LYS A 260 -35.32 18.95 16.76
CA LYS A 260 -35.72 17.63 17.25
C LYS A 260 -37.19 17.40 16.91
N ILE A 261 -37.47 16.27 16.28
CA ILE A 261 -38.82 15.89 15.90
C ILE A 261 -39.04 14.44 16.28
N THR A 262 -40.27 14.12 16.66
CA THR A 262 -40.69 12.75 16.91
C THR A 262 -41.65 12.30 15.82
N ASP A 263 -41.86 10.99 15.73
CA ASP A 263 -42.82 10.48 14.75
C ASP A 263 -44.19 11.09 14.96
N GLU A 264 -44.56 11.37 16.22
CA GLU A 264 -45.86 11.95 16.50
C GLU A 264 -45.91 13.41 16.08
N SER A 265 -44.90 14.20 16.47
CA SER A 265 -44.93 15.63 16.19
C SER A 265 -44.65 15.94 14.72
N LEU A 266 -44.13 14.97 13.95
CA LEU A 266 -43.87 15.22 12.55
C LEU A 266 -45.16 15.52 11.80
N PHE A 267 -46.24 14.80 12.13
CA PHE A 267 -47.52 15.06 11.48
C PHE A 267 -48.06 16.44 11.86
N GLN A 268 -47.72 16.93 13.05
CA GLN A 268 -48.06 18.29 13.41
C GLN A 268 -47.22 19.29 12.61
N VAL A 269 -45.93 19.03 12.47
CA VAL A 269 -45.07 19.88 11.66
C VAL A 269 -45.60 19.96 10.23
N MET A 270 -46.07 18.82 9.70
CA MET A 270 -46.59 18.80 8.33
C MET A 270 -47.88 19.59 8.21
N LYS A 271 -48.69 19.64 9.27
CA LYS A 271 -49.88 20.48 9.25
C LYS A 271 -49.49 21.96 9.23
N LEU A 272 -48.41 22.32 9.92
CA LEU A 272 -47.89 23.68 9.81
C LEU A 272 -47.42 23.96 8.38
N LEU A 273 -46.70 23.01 7.78
CA LEU A 273 -46.31 23.14 6.38
C LEU A 273 -47.52 23.17 5.45
N ASN A 274 -48.65 22.59 5.87
CA ASN A 274 -49.85 22.62 5.05
C ASN A 274 -50.41 24.02 4.90
N GLN A 275 -50.06 24.93 5.81
CA GLN A 275 -50.48 26.32 5.68
C GLN A 275 -49.69 27.08 4.61
N ILE A 276 -48.63 26.48 4.06
CA ILE A 276 -47.80 27.11 3.05
C ILE A 276 -48.11 26.46 1.71
N SER A 277 -49.10 27.00 0.99
CA SER A 277 -49.58 26.33 -0.22
C SER A 277 -48.51 26.29 -1.31
N GLY A 278 -47.62 27.28 -1.35
CA GLY A 278 -46.60 27.36 -2.36
C GLY A 278 -45.25 26.79 -1.98
N LEU A 279 -45.15 26.11 -0.83
CA LEU A 279 -43.88 25.54 -0.40
C LEU A 279 -43.33 24.61 -1.47
N LEU A 280 -42.10 24.88 -1.91
CA LEU A 280 -41.44 24.08 -2.93
C LEU A 280 -40.34 23.20 -2.39
N GLU A 281 -39.69 23.60 -1.30
CA GLU A 281 -38.48 22.95 -0.82
C GLU A 281 -38.56 22.78 0.69
N LEU A 282 -38.26 21.57 1.15
CA LEU A 282 -38.28 21.22 2.57
C LEU A 282 -36.94 20.61 2.93
N GLU A 283 -36.28 21.15 3.96
CA GLU A 283 -34.91 20.79 4.27
C GLU A 283 -34.73 20.57 5.77
N PHE A 284 -34.13 19.43 6.12
CA PHE A 284 -33.78 19.11 7.50
C PHE A 284 -32.27 18.89 7.57
N ASP A 285 -31.57 19.79 8.26
CA ASP A 285 -30.12 19.68 8.46
C ASP A 285 -29.82 19.39 9.93
N ASP A 286 -29.04 18.35 10.17
CA ASP A 286 -28.56 18.03 11.52
C ASP A 286 -29.72 17.91 12.52
N CYS A 287 -30.86 17.44 12.03
CA CYS A 287 -32.02 17.26 12.89
C CYS A 287 -31.99 15.88 13.55
N THR A 288 -32.93 15.69 14.47
CA THR A 288 -33.06 14.43 15.21
C THR A 288 -34.48 13.93 15.04
N LEU A 289 -34.61 12.63 14.72
CA LEU A 289 -35.89 11.96 14.60
C LEU A 289 -35.92 10.80 15.57
N ASN A 290 -37.03 10.67 16.30
CA ASN A 290 -37.16 9.63 17.32
C ASN A 290 -38.63 9.29 17.48
N GLY A 291 -38.90 8.16 18.13
CA GLY A 291 -40.25 7.77 18.45
C GLY A 291 -40.65 8.24 19.84
N VAL A 292 -41.95 8.46 20.02
CA VAL A 292 -42.47 8.74 21.35
C VAL A 292 -42.76 7.47 22.13
N GLY A 293 -42.70 6.31 21.47
CA GLY A 293 -43.03 5.06 22.11
C GLY A 293 -44.43 4.59 21.78
N ASN A 294 -44.55 3.57 20.95
CA ASN A 294 -45.82 2.92 20.63
C ASN A 294 -46.78 3.84 19.88
N PHE A 295 -46.24 4.79 19.11
CA PHE A 295 -47.09 5.62 18.27
C PHE A 295 -47.44 4.88 16.98
N ARG A 296 -48.67 5.07 16.52
CA ARG A 296 -49.14 4.46 15.29
C ARG A 296 -49.75 5.53 14.40
N ALA A 297 -49.78 5.24 13.10
CA ALA A 297 -50.41 6.11 12.11
C ALA A 297 -51.85 5.64 11.92
N SER A 298 -52.79 6.39 12.48
CA SER A 298 -54.20 5.98 12.50
C SER A 298 -55.04 6.88 11.60
N ASP A 299 -55.24 8.15 11.96
CA ASP A 299 -56.07 9.05 11.17
C ASP A 299 -55.30 10.23 10.58
N ASN A 300 -54.03 10.42 10.94
CA ASN A 300 -53.21 11.43 10.28
C ASN A 300 -52.88 11.07 8.84
N ASP A 301 -53.00 9.78 8.48
CA ASP A 301 -52.59 9.34 7.15
C ASP A 301 -53.36 10.07 6.06
N ARG A 302 -54.69 10.11 6.16
CA ARG A 302 -55.49 10.72 5.10
C ARG A 302 -55.31 12.23 5.06
N VAL A 303 -55.31 12.88 6.22
CA VAL A 303 -55.29 14.34 6.27
C VAL A 303 -53.85 14.85 6.17
N ILE A 304 -53.19 14.55 5.05
CA ILE A 304 -51.88 15.11 4.76
C ILE A 304 -51.77 15.37 3.25
N ASP A 305 -51.60 16.64 2.88
CA ASP A 305 -51.52 17.02 1.47
C ASP A 305 -50.07 17.24 1.08
N PRO A 306 -49.54 16.56 0.04
CA PRO A 306 -48.15 16.83 -0.36
C PRO A 306 -47.92 18.23 -0.88
N GLY A 307 -48.96 18.92 -1.35
CA GLY A 307 -48.80 20.25 -1.88
C GLY A 307 -47.91 20.26 -3.11
N LYS A 308 -47.17 21.35 -3.25
CA LYS A 308 -46.25 21.54 -4.38
C LYS A 308 -44.80 21.29 -4.01
N VAL A 309 -44.56 20.61 -2.89
CA VAL A 309 -43.19 20.33 -2.47
C VAL A 309 -42.54 19.43 -3.51
N GLU A 310 -41.44 19.92 -4.09
CA GLU A 310 -40.75 19.19 -5.16
C GLU A 310 -39.30 18.87 -4.82
N THR A 311 -38.74 19.44 -3.75
CA THR A 311 -37.38 19.14 -3.35
C THR A 311 -37.36 18.84 -1.85
N LEU A 312 -36.80 17.67 -1.51
CA LEU A 312 -36.63 17.25 -0.13
C LEU A 312 -35.14 17.04 0.14
N THR A 313 -34.63 17.70 1.17
CA THR A 313 -33.21 17.64 1.49
C THR A 313 -33.05 17.27 2.96
N ILE A 314 -32.40 16.14 3.21
CA ILE A 314 -32.12 15.66 4.57
C ILE A 314 -30.62 15.44 4.68
N ARG A 315 -30.00 16.11 5.65
CA ARG A 315 -28.56 16.01 5.84
C ARG A 315 -28.26 15.69 7.30
N ARG A 316 -27.39 14.71 7.52
CA ARG A 316 -26.88 14.41 8.85
C ARG A 316 -28.02 14.23 9.84
N LEU A 317 -29.01 13.44 9.43
CA LEU A 317 -30.10 13.11 10.34
C LEU A 317 -29.57 12.20 11.44
N HIS A 318 -29.79 12.60 12.69
CA HIS A 318 -29.40 11.81 13.85
C HIS A 318 -30.60 11.03 14.36
N ILE A 319 -30.37 9.79 14.74
CA ILE A 319 -31.36 8.97 15.43
C ILE A 319 -30.77 8.64 16.80
N PRO A 320 -31.47 8.95 17.90
CA PRO A 320 -30.84 8.82 19.21
C PRO A 320 -30.21 7.44 19.40
N ARG A 321 -29.14 7.43 20.18
CA ARG A 321 -28.42 6.20 20.48
C ARG A 321 -29.32 5.18 21.15
N PHE A 322 -30.15 5.63 22.09
CA PHE A 322 -31.16 4.78 22.71
C PHE A 322 -32.53 5.20 22.20
N TYR A 323 -32.74 5.08 20.90
CA TYR A 323 -33.95 5.56 20.27
C TYR A 323 -35.15 4.70 20.64
N LEU A 324 -36.33 5.27 20.48
CA LEU A 324 -37.59 4.54 20.53
C LEU A 324 -38.02 4.27 19.09
N PHE A 325 -38.35 3.02 18.79
CA PHE A 325 -38.64 2.63 17.43
C PHE A 325 -39.82 3.42 16.87
N TYR A 326 -39.77 3.69 15.57
CA TYR A 326 -40.85 4.39 14.88
C TYR A 326 -41.06 3.75 13.52
N ASP A 327 -42.30 3.84 13.03
CA ASP A 327 -42.68 3.32 11.71
C ASP A 327 -43.42 4.42 10.98
N LEU A 328 -42.72 5.11 10.09
CA LEU A 328 -43.28 6.15 9.24
C LEU A 328 -43.33 5.72 7.78
N SER A 329 -43.46 4.41 7.52
CA SER A 329 -43.52 3.93 6.15
C SER A 329 -44.72 4.45 5.39
N THR A 330 -45.80 4.85 6.09
CA THR A 330 -46.93 5.44 5.41
C THR A 330 -46.56 6.74 4.70
N LEU A 331 -45.46 7.38 5.11
CA LEU A 331 -45.02 8.60 4.44
C LEU A 331 -44.43 8.33 3.06
N TYR A 332 -44.08 7.08 2.76
CA TYR A 332 -43.57 6.76 1.43
C TYR A 332 -44.52 7.20 0.34
N SER A 333 -45.83 7.13 0.58
CA SER A 333 -46.82 7.45 -0.44
C SER A 333 -46.94 8.93 -0.71
N LEU A 334 -46.34 9.79 0.10
CA LEU A 334 -46.43 11.24 -0.09
C LEU A 334 -45.39 11.78 -1.06
N THR A 335 -44.51 10.94 -1.59
CA THR A 335 -43.36 11.38 -2.38
C THR A 335 -43.60 11.30 -3.88
N GLU A 336 -44.83 11.06 -4.32
CA GLU A 336 -45.09 10.80 -5.72
C GLU A 336 -44.79 12.00 -6.62
N ARG A 337 -44.79 13.20 -6.07
CA ARG A 337 -44.57 14.41 -6.86
C ARG A 337 -43.22 15.06 -6.59
N VAL A 338 -42.38 14.45 -5.76
CA VAL A 338 -41.08 15.04 -5.43
C VAL A 338 -40.09 14.76 -6.55
N LYS A 339 -39.44 15.82 -7.02
CA LYS A 339 -38.51 15.72 -8.16
C LYS A 339 -37.06 15.58 -7.73
N ARG A 340 -36.68 16.12 -6.58
CA ARG A 340 -35.29 16.21 -6.17
C ARG A 340 -35.18 15.79 -4.71
N ILE A 341 -34.37 14.76 -4.45
CA ILE A 341 -34.19 14.26 -3.09
C ILE A 341 -32.71 14.14 -2.79
N THR A 342 -32.31 14.71 -1.66
CA THR A 342 -30.98 14.50 -1.08
C THR A 342 -31.18 13.93 0.32
N VAL A 343 -30.62 12.74 0.55
CA VAL A 343 -30.59 12.13 1.88
C VAL A 343 -29.13 11.78 2.14
N GLU A 344 -28.38 12.74 2.68
CA GLU A 344 -26.94 12.63 2.83
C GLU A 344 -26.58 12.31 4.27
N ASN A 345 -25.70 11.32 4.45
CA ASN A 345 -25.10 11.02 5.75
C ASN A 345 -26.19 10.86 6.82
N SER A 346 -27.16 10.00 6.54
CA SER A 346 -28.33 9.84 7.41
C SER A 346 -28.64 8.37 7.63
N LYS A 347 -27.61 7.52 7.69
CA LYS A 347 -27.75 6.12 8.05
C LYS A 347 -28.83 5.43 7.22
N VAL A 348 -28.67 5.50 5.91
CA VAL A 348 -29.54 4.81 4.96
C VAL A 348 -28.82 3.54 4.53
N PHE A 349 -29.40 2.38 4.87
CA PHE A 349 -28.92 1.11 4.32
C PHE A 349 -30.00 0.36 3.55
N LEU A 350 -31.22 0.88 3.49
CA LEU A 350 -32.25 0.30 2.66
C LEU A 350 -33.08 1.40 2.00
N VAL A 351 -33.37 1.23 0.71
CA VAL A 351 -34.35 2.04 0.01
C VAL A 351 -35.39 1.07 -0.54
N PRO A 352 -36.44 0.76 0.22
CA PRO A 352 -37.34 -0.34 -0.18
C PRO A 352 -37.99 -0.12 -1.52
N CYS A 353 -38.30 -1.22 -2.20
CA CYS A 353 -38.98 -1.16 -3.50
C CYS A 353 -40.31 -0.41 -3.40
N LEU A 354 -41.02 -0.60 -2.29
CA LEU A 354 -42.27 0.13 -2.07
C LEU A 354 -42.04 1.63 -2.19
N LEU A 355 -41.01 2.14 -1.52
CA LEU A 355 -40.70 3.57 -1.58
C LEU A 355 -40.28 3.97 -3.00
N SER A 356 -39.35 3.21 -3.59
CA SER A 356 -38.84 3.58 -4.90
C SER A 356 -39.94 3.56 -5.96
N GLN A 357 -40.96 2.73 -5.78
CA GLN A 357 -42.07 2.71 -6.73
C GLN A 357 -43.00 3.91 -6.55
N HIS A 358 -43.11 4.42 -5.32
CA HIS A 358 -43.86 5.65 -5.09
C HIS A 358 -43.13 6.88 -5.65
N LEU A 359 -41.81 6.80 -5.82
CA LEU A 359 -41.02 7.92 -6.33
C LEU A 359 -41.11 7.96 -7.85
N LYS A 360 -42.30 8.34 -8.33
CA LYS A 360 -42.58 8.32 -9.76
C LYS A 360 -42.05 9.56 -10.47
N SER A 361 -41.95 10.68 -9.77
CA SER A 361 -41.48 11.92 -10.37
C SER A 361 -40.00 12.18 -10.10
N LEU A 362 -39.36 11.37 -9.27
CA LEU A 362 -37.98 11.64 -8.87
C LEU A 362 -37.06 11.64 -10.08
N GLU A 363 -36.39 12.77 -10.30
CA GLU A 363 -35.40 12.90 -11.35
C GLU A 363 -33.96 12.93 -10.83
N TYR A 364 -33.77 13.21 -9.54
CA TYR A 364 -32.44 13.40 -8.96
C TYR A 364 -32.45 12.83 -7.56
N LEU A 365 -31.58 11.87 -7.30
CA LEU A 365 -31.47 11.22 -5.99
C LEU A 365 -30.02 11.26 -5.55
N ASP A 366 -29.77 11.85 -4.38
CA ASP A 366 -28.42 11.95 -3.81
C ASP A 366 -28.42 11.20 -2.48
N LEU A 367 -27.76 10.04 -2.46
CA LEU A 367 -27.65 9.21 -1.27
C LEU A 367 -26.21 9.16 -0.77
N SER A 368 -25.50 10.27 -0.87
CA SER A 368 -24.08 10.31 -0.50
C SER A 368 -23.88 10.01 0.99
N GLU A 369 -22.79 9.32 1.29
CA GLU A 369 -22.32 9.10 2.66
C GLU A 369 -23.31 8.26 3.47
N ASN A 370 -23.85 7.21 2.86
CA ASN A 370 -24.73 6.31 3.59
C ASN A 370 -24.14 4.91 3.61
N LEU A 371 -24.95 3.89 3.87
CA LEU A 371 -24.47 2.53 4.10
C LEU A 371 -25.16 1.56 3.15
N MET A 372 -25.26 1.94 1.88
CA MET A 372 -25.90 1.11 0.88
C MET A 372 -24.94 0.04 0.36
N VAL A 373 -25.41 -1.20 0.29
CA VAL A 373 -24.67 -2.28 -0.32
C VAL A 373 -25.46 -2.73 -1.55
N GLU A 374 -24.72 -3.19 -2.58
CA GLU A 374 -25.34 -3.50 -3.86
C GLU A 374 -26.55 -4.40 -3.71
N GLU A 375 -26.46 -5.40 -2.82
CA GLU A 375 -27.49 -6.43 -2.72
C GLU A 375 -28.88 -5.81 -2.57
N TYR A 376 -29.02 -4.83 -1.69
CA TYR A 376 -30.30 -4.19 -1.44
C TYR A 376 -30.58 -3.06 -2.43
N LEU A 377 -29.57 -2.61 -3.15
CA LEU A 377 -29.78 -1.66 -4.23
C LEU A 377 -30.56 -2.29 -5.38
N LYS A 378 -30.42 -3.61 -5.56
CA LYS A 378 -31.17 -4.31 -6.60
C LYS A 378 -32.65 -4.34 -6.28
N ASN A 379 -33.02 -4.44 -5.00
CA ASN A 379 -34.42 -4.34 -4.62
C ASN A 379 -34.96 -2.94 -4.92
N SER A 380 -34.17 -1.91 -4.65
CA SER A 380 -34.59 -0.55 -4.94
C SER A 380 -34.88 -0.37 -6.43
N ALA A 381 -34.14 -1.06 -7.29
CA ALA A 381 -34.36 -0.99 -8.74
C ALA A 381 -35.30 -2.07 -9.23
N CYS A 382 -36.37 -2.34 -8.47
CA CYS A 382 -37.39 -3.29 -8.90
C CYS A 382 -38.11 -2.75 -10.14
N GLU A 383 -38.87 -3.62 -10.78
CA GLU A 383 -39.59 -3.23 -11.99
C GLU A 383 -40.51 -2.05 -11.70
N ASP A 384 -40.53 -1.09 -12.63
CA ASP A 384 -41.31 0.14 -12.52
C ASP A 384 -40.81 1.04 -11.41
N ALA A 385 -39.58 0.87 -10.95
CA ALA A 385 -38.98 1.77 -10.00
C ALA A 385 -38.30 2.92 -10.72
N TRP A 386 -38.42 4.12 -10.15
CA TRP A 386 -37.65 5.28 -10.59
C TRP A 386 -37.74 5.50 -12.10
N PRO A 387 -38.95 5.61 -12.67
CA PRO A 387 -39.05 5.84 -14.12
C PRO A 387 -38.40 7.13 -14.58
N SER A 388 -38.48 8.18 -13.77
CA SER A 388 -38.00 9.51 -14.16
C SER A 388 -36.58 9.79 -13.70
N LEU A 389 -35.95 8.89 -12.96
CA LEU A 389 -34.66 9.16 -12.35
C LEU A 389 -33.58 9.28 -13.42
N GLN A 390 -32.88 10.41 -13.44
CA GLN A 390 -31.79 10.66 -14.39
C GLN A 390 -30.43 10.80 -13.71
N THR A 391 -30.39 11.16 -12.43
CA THR A 391 -29.15 11.35 -11.70
C THR A 391 -29.21 10.53 -10.42
N LEU A 392 -28.24 9.63 -10.25
CA LEU A 392 -28.12 8.82 -9.04
C LEU A 392 -26.72 9.00 -8.49
N ILE A 393 -26.62 9.43 -7.23
CA ILE A 393 -25.35 9.67 -6.56
C ILE A 393 -25.27 8.72 -5.39
N LEU A 394 -24.33 7.77 -5.46
CA LEU A 394 -24.04 6.83 -4.38
C LEU A 394 -22.63 7.04 -3.86
N ARG A 395 -22.18 8.29 -3.84
CA ARG A 395 -20.83 8.60 -3.37
C ARG A 395 -20.66 8.18 -1.92
N GLN A 396 -19.55 7.48 -1.65
CA GLN A 396 -19.16 7.14 -0.30
C GLN A 396 -20.24 6.34 0.42
N ASN A 397 -20.62 5.22 -0.21
CA ASN A 397 -21.39 4.18 0.44
C ASN A 397 -20.43 3.00 0.67
N HIS A 398 -20.96 1.79 0.77
CA HIS A 398 -20.13 0.60 0.97
C HIS A 398 -20.08 -0.26 -0.28
N LEU A 399 -20.16 0.36 -1.45
CA LEU A 399 -20.14 -0.38 -2.71
C LEU A 399 -18.78 -1.03 -2.90
N ALA A 400 -18.80 -2.27 -3.38
CA ALA A 400 -17.60 -3.08 -3.48
C ALA A 400 -17.28 -3.57 -4.89
N SER A 401 -18.29 -3.76 -5.73
CA SER A 401 -18.11 -4.34 -7.06
C SER A 401 -18.61 -3.37 -8.12
N LEU A 402 -17.71 -2.94 -9.01
CA LEU A 402 -18.12 -2.11 -10.14
C LEU A 402 -19.08 -2.87 -11.06
N GLU A 403 -18.87 -4.18 -11.22
CA GLU A 403 -19.71 -4.97 -12.11
C GLU A 403 -21.12 -5.09 -11.56
N LYS A 404 -21.26 -5.53 -10.31
CA LYS A 404 -22.60 -5.69 -9.72
C LYS A 404 -23.34 -4.36 -9.71
N THR A 405 -22.63 -3.25 -9.46
CA THR A 405 -23.27 -1.95 -9.49
C THR A 405 -23.80 -1.63 -10.89
N GLY A 406 -23.00 -1.89 -11.92
CA GLY A 406 -23.45 -1.66 -13.27
C GLY A 406 -24.68 -2.47 -13.62
N GLU A 407 -24.67 -3.75 -13.27
CA GLU A 407 -25.84 -4.59 -13.52
C GLU A 407 -27.03 -4.16 -12.67
N THR A 408 -26.78 -3.66 -11.46
CA THR A 408 -27.88 -3.22 -10.60
C THR A 408 -28.63 -2.05 -11.22
N LEU A 409 -27.90 -1.08 -11.77
CA LEU A 409 -28.51 0.12 -12.34
C LEU A 409 -29.01 -0.07 -13.77
N LEU A 410 -28.81 -1.26 -14.35
CA LEU A 410 -29.08 -1.44 -15.77
C LEU A 410 -30.55 -1.19 -16.11
N THR A 411 -31.47 -1.63 -15.23
CA THR A 411 -32.89 -1.52 -15.52
C THR A 411 -33.45 -0.12 -15.32
N LEU A 412 -32.63 0.84 -14.91
CA LEU A 412 -33.07 2.24 -14.80
C LEU A 412 -32.75 2.91 -16.13
N LYS A 413 -33.75 2.97 -17.03
CA LYS A 413 -33.47 3.25 -18.43
C LYS A 413 -33.14 4.72 -18.66
N ASN A 414 -33.65 5.63 -17.84
CA ASN A 414 -33.40 7.06 -18.05
C ASN A 414 -32.18 7.56 -17.29
N LEU A 415 -31.43 6.67 -16.65
CA LEU A 415 -30.27 7.08 -15.85
C LEU A 415 -29.15 7.56 -16.78
N THR A 416 -28.79 8.84 -16.67
CA THR A 416 -27.71 9.41 -17.45
C THR A 416 -26.50 9.82 -16.63
N ASN A 417 -26.69 10.19 -15.37
CA ASN A 417 -25.60 10.64 -14.50
C ASN A 417 -25.47 9.66 -13.35
N ILE A 418 -24.30 9.04 -13.23
CA ILE A 418 -24.02 8.08 -12.17
C ILE A 418 -22.72 8.48 -11.49
N ASP A 419 -22.81 8.80 -10.20
CA ASP A 419 -21.65 9.14 -9.38
C ASP A 419 -21.51 8.05 -8.33
N ILE A 420 -20.46 7.24 -8.45
CA ILE A 420 -20.18 6.19 -7.48
C ILE A 420 -18.75 6.36 -6.96
N SER A 421 -18.32 7.61 -6.81
CA SER A 421 -16.99 7.89 -6.34
C SER A 421 -16.86 7.58 -4.84
N LYS A 422 -15.62 7.57 -4.37
CA LYS A 422 -15.32 7.31 -2.97
C LYS A 422 -15.92 5.99 -2.51
N ASN A 423 -15.91 5.00 -3.40
CA ASN A 423 -16.25 3.62 -3.08
C ASN A 423 -15.05 2.75 -3.44
N SER A 424 -14.69 1.85 -2.52
CA SER A 424 -13.48 1.02 -2.69
C SER A 424 -13.78 -0.14 -3.65
N PHE A 425 -13.69 0.17 -4.95
CA PHE A 425 -13.91 -0.85 -5.98
C PHE A 425 -12.64 -1.61 -6.30
N HIS A 426 -11.48 -0.95 -6.26
CA HIS A 426 -10.16 -1.56 -6.43
C HIS A 426 -9.86 -1.95 -7.88
N SER A 427 -10.82 -2.52 -8.60
CA SER A 427 -10.56 -2.94 -9.98
C SER A 427 -11.87 -3.02 -10.74
N MET A 428 -11.75 -3.26 -12.04
CA MET A 428 -12.89 -3.42 -12.93
C MET A 428 -12.60 -4.52 -13.94
N PRO A 429 -13.60 -5.29 -14.34
CA PRO A 429 -13.38 -6.39 -15.29
C PRO A 429 -13.26 -5.86 -16.70
N GLU A 430 -13.06 -6.80 -17.65
CA GLU A 430 -12.86 -6.41 -19.04
C GLU A 430 -14.11 -5.75 -19.63
N THR A 431 -15.29 -6.30 -19.31
CA THR A 431 -16.53 -5.81 -19.89
C THR A 431 -17.59 -5.67 -18.80
N CYS A 432 -18.39 -4.62 -18.94
CA CYS A 432 -19.44 -4.30 -17.98
C CYS A 432 -20.72 -3.95 -18.73
N GLN A 433 -21.82 -3.91 -17.99
CA GLN A 433 -23.10 -3.41 -18.48
C GLN A 433 -23.44 -2.13 -17.73
N TRP A 434 -23.87 -1.12 -18.47
CA TRP A 434 -24.25 0.16 -17.89
C TRP A 434 -25.51 0.66 -18.56
N PRO A 435 -26.28 1.51 -17.89
CA PRO A 435 -27.46 2.10 -18.52
C PRO A 435 -27.12 2.76 -19.85
N GLU A 436 -27.95 2.50 -20.87
CA GLU A 436 -27.61 2.89 -22.23
C GLU A 436 -27.45 4.39 -22.39
N LYS A 437 -28.22 5.18 -21.65
CA LYS A 437 -28.17 6.63 -21.79
C LYS A 437 -27.06 7.28 -20.96
N MET A 438 -26.23 6.50 -20.30
CA MET A 438 -25.24 7.06 -19.39
C MET A 438 -24.24 7.91 -20.15
N LYS A 439 -24.11 9.18 -19.73
CA LYS A 439 -23.15 10.11 -20.32
C LYS A 439 -22.19 10.71 -19.31
N TYR A 440 -22.43 10.52 -18.02
CA TYR A 440 -21.55 11.01 -16.97
C TYR A 440 -21.30 9.86 -15.99
N LEU A 441 -20.05 9.51 -15.80
CA LEU A 441 -19.65 8.46 -14.87
C LEU A 441 -18.50 8.98 -14.02
N ASN A 442 -18.70 8.98 -12.70
CA ASN A 442 -17.71 9.47 -11.75
C ASN A 442 -17.11 8.27 -11.02
N LEU A 443 -15.87 7.94 -11.34
CA LEU A 443 -15.13 6.88 -10.66
C LEU A 443 -13.98 7.43 -9.82
N SER A 444 -14.11 8.68 -9.37
CA SER A 444 -13.11 9.29 -8.53
C SER A 444 -12.94 8.52 -7.22
N SER A 445 -11.72 8.50 -6.72
CA SER A 445 -11.39 7.90 -5.42
C SER A 445 -12.02 6.52 -5.27
N THR A 446 -11.65 5.63 -6.20
CA THR A 446 -12.14 4.26 -6.17
C THR A 446 -11.01 3.23 -6.07
N ARG A 447 -9.76 3.67 -5.91
CA ARG A 447 -8.62 2.80 -5.64
C ARG A 447 -8.29 1.87 -6.80
N ILE A 448 -8.52 2.32 -8.03
CA ILE A 448 -8.23 1.49 -9.20
C ILE A 448 -6.82 1.80 -9.71
N HIS A 449 -6.19 0.79 -10.28
CA HIS A 449 -4.85 0.92 -10.85
C HIS A 449 -4.84 0.86 -12.37
N SER A 450 -5.99 0.60 -12.99
CA SER A 450 -6.09 0.54 -14.44
C SER A 450 -7.55 0.65 -14.83
N VAL A 451 -7.78 1.03 -16.08
CA VAL A 451 -9.12 1.13 -16.65
C VAL A 451 -9.23 0.18 -17.83
N THR A 452 -10.46 -0.27 -18.09
CA THR A 452 -10.72 -1.23 -19.16
C THR A 452 -11.94 -0.76 -19.95
N GLY A 453 -12.36 -1.60 -20.90
CA GLY A 453 -13.57 -1.37 -21.66
C GLY A 453 -14.84 -1.42 -20.84
N CYS A 454 -14.74 -1.75 -19.54
CA CYS A 454 -15.88 -1.62 -18.64
C CYS A 454 -16.52 -0.24 -18.80
N ILE A 455 -15.69 0.79 -19.02
CA ILE A 455 -16.15 2.16 -19.21
C ILE A 455 -16.74 2.26 -20.62
N PRO A 456 -18.01 2.61 -20.78
CA PRO A 456 -18.63 2.55 -22.10
C PRO A 456 -18.21 3.69 -23.01
N LYS A 457 -18.35 3.45 -24.32
CA LYS A 457 -18.05 4.45 -25.32
C LYS A 457 -19.07 5.59 -25.33
N THR A 458 -20.24 5.40 -24.72
CA THR A 458 -21.28 6.42 -24.74
C THR A 458 -20.92 7.63 -23.87
N LEU A 459 -19.86 7.56 -23.08
CA LEU A 459 -19.59 8.60 -22.10
C LEU A 459 -19.20 9.92 -22.75
N GLU A 460 -19.72 11.01 -22.20
CA GLU A 460 -19.26 12.35 -22.52
C GLU A 460 -18.40 12.96 -21.42
N ILE A 461 -18.61 12.54 -20.17
CA ILE A 461 -17.84 13.03 -19.03
C ILE A 461 -17.40 11.82 -18.21
N LEU A 462 -16.10 11.74 -17.92
CA LEU A 462 -15.53 10.66 -17.13
C LEU A 462 -14.58 11.27 -16.11
N ASP A 463 -14.76 10.91 -14.85
CA ASP A 463 -13.87 11.31 -13.77
C ASP A 463 -13.22 10.06 -13.19
N VAL A 464 -11.90 9.96 -13.34
CA VAL A 464 -11.13 8.88 -12.72
C VAL A 464 -10.01 9.51 -11.90
N SER A 465 -10.30 10.67 -11.31
CA SER A 465 -9.34 11.36 -10.46
C SER A 465 -9.05 10.56 -9.20
N ASN A 466 -7.91 10.87 -8.58
CA ASN A 466 -7.55 10.37 -7.25
C ASN A 466 -7.60 8.85 -7.19
N ASN A 467 -6.92 8.22 -8.14
CA ASN A 467 -6.74 6.77 -8.14
C ASN A 467 -5.25 6.47 -8.28
N ASN A 468 -4.89 5.32 -8.83
CA ASN A 468 -3.49 4.95 -9.01
C ASN A 468 -3.25 4.45 -10.44
N LEU A 469 -3.78 5.19 -11.40
CA LEU A 469 -3.61 4.84 -12.81
C LEU A 469 -2.22 5.25 -13.30
N ASN A 470 -1.64 4.41 -14.14
CA ASN A 470 -0.40 4.74 -14.85
C ASN A 470 -0.63 5.06 -16.32
N LEU A 471 -1.71 4.52 -16.89
CA LEU A 471 -2.03 4.66 -18.30
C LEU A 471 -3.51 4.94 -18.46
N PHE A 472 -3.85 5.71 -19.49
CA PHE A 472 -5.24 5.86 -19.92
C PHE A 472 -5.24 5.83 -21.45
N SER A 473 -5.65 4.69 -22.00
CA SER A 473 -5.68 4.51 -23.45
C SER A 473 -7.00 3.86 -23.86
N LEU A 474 -8.11 4.44 -23.42
CA LEU A 474 -9.43 4.00 -23.84
C LEU A 474 -9.88 4.83 -25.04
N ASN A 475 -10.61 4.19 -25.95
CA ASN A 475 -11.21 4.90 -27.07
C ASN A 475 -12.58 5.39 -26.63
N LEU A 476 -12.70 6.71 -26.42
CA LEU A 476 -13.94 7.36 -26.02
C LEU A 476 -14.23 8.44 -27.06
N PRO A 477 -14.79 8.06 -28.21
CA PRO A 477 -14.87 9.02 -29.32
C PRO A 477 -15.80 10.20 -29.07
N GLN A 478 -16.67 10.13 -28.07
CA GLN A 478 -17.61 11.21 -27.77
C GLN A 478 -17.25 11.97 -26.50
N LEU A 479 -16.20 11.57 -25.79
CA LEU A 479 -15.90 12.16 -24.49
C LEU A 479 -15.58 13.65 -24.65
N LYS A 480 -16.31 14.48 -23.89
CA LYS A 480 -16.07 15.92 -23.90
C LYS A 480 -15.14 16.36 -22.78
N GLU A 481 -15.11 15.65 -21.67
CA GLU A 481 -14.39 16.08 -20.48
C GLU A 481 -13.78 14.86 -19.81
N LEU A 482 -12.47 14.89 -19.60
CA LEU A 482 -11.75 13.85 -18.89
C LEU A 482 -11.08 14.45 -17.67
N TYR A 483 -11.46 13.98 -16.49
CA TYR A 483 -10.83 14.35 -15.24
C TYR A 483 -10.02 13.17 -14.75
N ILE A 484 -8.71 13.37 -14.58
CA ILE A 484 -7.79 12.28 -14.31
C ILE A 484 -6.60 12.80 -13.50
N SER A 485 -6.83 13.84 -12.70
CA SER A 485 -5.77 14.36 -11.85
C SER A 485 -5.57 13.46 -10.63
N ARG A 486 -4.44 13.65 -9.96
CA ARG A 486 -4.06 12.85 -8.81
C ARG A 486 -3.98 11.37 -9.17
N ASN A 487 -3.16 11.08 -10.18
CA ASN A 487 -2.84 9.70 -10.56
C ASN A 487 -1.33 9.58 -10.75
N LYS A 488 -0.89 8.49 -11.38
CA LYS A 488 0.53 8.29 -11.66
C LYS A 488 0.77 8.18 -13.16
N LEU A 489 0.08 9.01 -13.94
CA LEU A 489 0.19 8.94 -15.39
C LEU A 489 1.60 9.33 -15.84
N MET A 490 2.24 8.44 -16.60
CA MET A 490 3.55 8.73 -17.18
C MET A 490 3.44 9.40 -18.54
N THR A 491 2.36 9.14 -19.28
CA THR A 491 2.18 9.71 -20.60
C THR A 491 0.76 10.21 -20.78
N LEU A 492 0.62 11.31 -21.50
CA LEU A 492 -0.69 11.86 -21.81
C LEU A 492 -1.50 10.85 -22.63
N PRO A 493 -2.81 10.76 -22.41
CA PRO A 493 -3.63 9.89 -23.27
C PRO A 493 -3.54 10.31 -24.74
N ASP A 494 -3.77 9.34 -25.61
CA ASP A 494 -3.67 9.58 -27.05
C ASP A 494 -4.78 10.52 -27.50
N ALA A 495 -4.41 11.56 -28.25
CA ALA A 495 -5.40 12.53 -28.71
C ALA A 495 -6.33 11.94 -29.74
N SER A 496 -5.88 10.93 -30.49
CA SER A 496 -6.74 10.30 -31.48
C SER A 496 -7.90 9.55 -30.82
N LEU A 497 -7.72 9.08 -29.59
CA LEU A 497 -8.77 8.34 -28.90
C LEU A 497 -9.80 9.24 -28.24
N LEU A 498 -9.49 10.51 -28.04
CA LEU A 498 -10.39 11.46 -27.38
C LEU A 498 -10.59 12.68 -28.29
N PRO A 499 -11.14 12.46 -29.49
CA PRO A 499 -11.22 13.58 -30.46
C PRO A 499 -11.99 14.79 -29.94
N MET A 500 -13.12 14.58 -29.30
CA MET A 500 -14.04 15.67 -28.97
C MET A 500 -13.75 16.30 -27.61
N LEU A 501 -12.55 16.12 -27.07
CA LEU A 501 -12.26 16.57 -25.71
C LEU A 501 -12.34 18.09 -25.62
N LEU A 502 -13.22 18.58 -24.76
CA LEU A 502 -13.28 20.00 -24.41
C LEU A 502 -12.41 20.32 -23.20
N VAL A 503 -12.33 19.40 -22.24
CA VAL A 503 -11.67 19.64 -20.97
C VAL A 503 -10.77 18.45 -20.66
N LEU A 504 -9.54 18.73 -20.23
CA LEU A 504 -8.60 17.69 -19.84
C LEU A 504 -7.90 18.17 -18.57
N LYS A 505 -8.29 17.60 -17.43
CA LYS A 505 -7.66 17.90 -16.14
C LYS A 505 -6.68 16.77 -15.83
N ILE A 506 -5.40 17.00 -16.10
CA ILE A 506 -4.38 15.96 -15.98
C ILE A 506 -3.25 16.44 -15.09
N SER A 507 -3.56 17.35 -14.17
CA SER A 507 -2.58 17.83 -13.22
C SER A 507 -2.33 16.80 -12.12
N ARG A 508 -1.25 17.01 -11.38
CA ARG A 508 -0.85 16.12 -10.29
C ARG A 508 -0.72 14.67 -10.79
N ASN A 509 0.21 14.50 -11.72
CA ASN A 509 0.57 13.18 -12.24
C ASN A 509 2.09 13.12 -12.27
N GLN A 510 2.63 12.23 -13.09
CA GLN A 510 4.08 12.09 -13.27
C GLN A 510 4.48 12.36 -14.72
N LEU A 511 3.78 13.28 -15.37
CA LEU A 511 4.07 13.61 -16.76
C LEU A 511 5.39 14.37 -16.85
N LYS A 512 6.30 13.88 -17.68
CA LYS A 512 7.57 14.57 -17.94
C LYS A 512 7.56 15.33 -19.25
N SER A 513 6.80 14.87 -20.23
CA SER A 513 6.72 15.54 -21.53
C SER A 513 5.42 15.17 -22.21
N VAL A 514 5.19 15.76 -23.38
CA VAL A 514 4.01 15.50 -24.19
C VAL A 514 4.38 15.44 -25.65
N PRO A 515 3.78 14.57 -26.44
CA PRO A 515 4.16 14.48 -27.84
C PRO A 515 3.89 15.78 -28.57
N ASP A 516 4.82 16.15 -29.44
CA ASP A 516 4.68 17.40 -30.19
C ASP A 516 3.44 17.33 -31.09
N GLY A 517 2.75 18.47 -31.19
CA GLY A 517 1.54 18.55 -31.99
C GLY A 517 0.32 17.90 -31.39
N ILE A 518 0.39 17.48 -30.12
CA ILE A 518 -0.70 16.71 -29.54
C ILE A 518 -1.95 17.56 -29.39
N PHE A 519 -1.81 18.81 -28.95
CA PHE A 519 -2.96 19.63 -28.60
C PHE A 519 -3.63 20.26 -29.83
N ASP A 520 -2.94 20.34 -30.96
CA ASP A 520 -3.62 20.70 -32.19
C ASP A 520 -4.62 19.62 -32.60
N ARG A 521 -4.39 18.38 -32.17
CA ARG A 521 -5.31 17.29 -32.47
C ARG A 521 -6.66 17.51 -31.79
N LEU A 522 -6.66 18.12 -30.61
CA LEU A 522 -7.89 18.35 -29.84
C LEU A 522 -8.47 19.67 -30.31
N THR A 523 -9.28 19.62 -31.38
CA THR A 523 -9.76 20.83 -32.00
C THR A 523 -10.73 21.60 -31.10
N SER A 524 -11.40 20.90 -30.18
CA SER A 524 -12.42 21.53 -29.34
C SER A 524 -11.92 21.82 -27.92
N LEU A 525 -10.60 21.79 -27.70
CA LEU A 525 -10.08 21.95 -26.36
C LEU A 525 -10.26 23.39 -25.88
N GLN A 526 -10.82 23.55 -24.68
CA GLN A 526 -11.05 24.86 -24.08
C GLN A 526 -10.25 25.07 -22.81
N LYS A 527 -10.24 24.09 -21.90
CA LYS A 527 -9.53 24.19 -20.64
C LYS A 527 -8.66 22.96 -20.43
N ILE A 528 -7.46 23.17 -19.87
CA ILE A 528 -6.54 22.08 -19.60
C ILE A 528 -5.75 22.41 -18.34
N TRP A 529 -5.67 21.43 -17.43
CA TRP A 529 -4.83 21.53 -16.24
C TRP A 529 -3.56 20.72 -16.48
N LEU A 530 -2.40 21.38 -16.36
CA LEU A 530 -1.12 20.70 -16.53
C LEU A 530 -0.16 20.89 -15.36
N HIS A 531 -0.59 21.57 -14.31
CA HIS A 531 0.32 21.93 -13.23
C HIS A 531 0.60 20.73 -12.32
N THR A 532 1.63 20.88 -11.49
CA THR A 532 2.06 19.84 -10.56
C THR A 532 2.41 18.55 -11.31
N ASN A 533 3.17 18.71 -12.40
CA ASN A 533 3.81 17.59 -13.08
C ASN A 533 5.30 17.86 -13.19
N PRO A 534 6.15 16.84 -13.08
CA PRO A 534 7.61 17.06 -13.17
C PRO A 534 8.07 17.29 -14.60
N TRP A 535 7.70 18.43 -15.16
CA TRP A 535 8.00 18.72 -16.55
C TRP A 535 9.51 18.84 -16.77
N ASP A 536 10.01 18.11 -17.77
CA ASP A 536 11.39 18.23 -18.20
C ASP A 536 11.52 19.45 -19.10
N CYS A 537 12.17 20.50 -18.61
CA CYS A 537 12.35 21.73 -19.37
C CYS A 537 13.72 21.77 -20.04
N SER A 538 14.05 20.67 -20.74
CA SER A 538 15.25 20.64 -21.58
C SER A 538 14.86 21.15 -22.96
N CYS A 539 15.61 22.14 -23.46
CA CYS A 539 15.15 22.91 -24.61
C CYS A 539 14.87 22.08 -25.85
N PRO A 540 15.64 21.02 -26.18
CA PRO A 540 15.33 20.27 -27.40
C PRO A 540 14.05 19.45 -27.31
N ARG A 541 13.30 19.60 -26.24
CA ARG A 541 12.09 18.81 -26.00
C ARG A 541 10.90 19.64 -25.53
N ILE A 542 11.14 20.65 -24.67
CA ILE A 542 10.06 21.49 -24.14
C ILE A 542 9.64 22.58 -25.11
N ASP A 543 10.24 22.62 -26.30
CA ASP A 543 9.97 23.73 -27.22
C ASP A 543 8.48 23.85 -27.54
N TYR A 544 7.86 22.74 -27.98
CA TYR A 544 6.46 22.80 -28.39
C TYR A 544 5.56 23.19 -27.24
N LEU A 545 5.74 22.55 -26.08
CA LEU A 545 4.84 22.81 -24.95
C LEU A 545 4.98 24.24 -24.47
N SER A 546 6.22 24.70 -24.26
CA SER A 546 6.44 26.07 -23.80
C SER A 546 5.83 27.07 -24.77
N ARG A 547 6.01 26.85 -26.07
CA ARG A 547 5.41 27.74 -27.06
C ARG A 547 3.88 27.66 -27.00
N TRP A 548 3.33 26.45 -26.97
CA TRP A 548 1.89 26.28 -26.99
C TRP A 548 1.23 26.98 -25.80
N LEU A 549 1.89 26.95 -24.63
CA LEU A 549 1.32 27.57 -23.45
C LEU A 549 1.21 29.09 -23.61
N ASN A 550 2.24 29.71 -24.20
CA ASN A 550 2.21 31.16 -24.39
C ASN A 550 1.11 31.57 -25.36
N LYS A 551 0.98 30.84 -26.47
CA LYS A 551 -0.08 31.16 -27.43
C LYS A 551 -1.46 30.84 -26.90
N ASN A 552 -1.56 29.97 -25.89
CA ASN A 552 -2.83 29.49 -25.36
C ASN A 552 -2.88 29.67 -23.85
N SER A 553 -2.30 30.76 -23.35
CA SER A 553 -2.28 31.00 -21.92
C SER A 553 -3.68 30.96 -21.32
N GLN A 554 -4.69 31.41 -22.07
CA GLN A 554 -6.06 31.44 -21.58
C GLN A 554 -6.69 30.07 -21.47
N LYS A 555 -6.11 29.04 -22.09
CA LYS A 555 -6.61 27.69 -21.96
C LYS A 555 -6.07 27.00 -20.71
N GLU A 556 -4.84 27.30 -20.31
CA GLU A 556 -4.23 26.60 -19.19
C GLU A 556 -4.83 27.08 -17.88
N GLN A 557 -5.36 26.14 -17.10
CA GLN A 557 -5.81 26.40 -15.74
C GLN A 557 -4.63 26.14 -14.82
N GLY A 558 -4.23 27.16 -14.06
CA GLY A 558 -2.98 27.09 -13.33
C GLY A 558 -1.81 27.43 -14.23
N SER A 559 -0.62 27.01 -13.80
CA SER A 559 0.58 27.22 -14.60
C SER A 559 1.56 26.09 -14.36
N ALA A 560 1.91 25.36 -15.41
CA ALA A 560 2.89 24.30 -15.31
C ALA A 560 4.26 24.86 -14.94
N LYS A 561 4.92 24.20 -14.00
CA LYS A 561 6.24 24.58 -13.54
C LYS A 561 7.28 23.53 -13.94
N CYS A 562 8.52 23.98 -14.11
CA CYS A 562 9.61 23.06 -14.40
C CYS A 562 10.03 22.34 -13.11
N SER A 563 10.64 21.17 -13.29
CA SER A 563 11.01 20.33 -12.15
C SER A 563 12.10 21.02 -11.32
N GLY A 564 13.30 21.15 -11.87
CA GLY A 564 14.40 21.77 -11.17
C GLY A 564 14.06 23.17 -10.69
N SER A 565 13.94 24.11 -11.63
CA SER A 565 13.57 25.47 -11.31
C SER A 565 12.05 25.59 -11.20
N GLY A 566 11.61 26.46 -10.29
CA GLY A 566 10.18 26.68 -10.11
C GLY A 566 9.62 27.69 -11.08
N LYS A 567 10.15 27.69 -12.31
CA LYS A 567 9.76 28.68 -13.30
C LYS A 567 8.63 28.13 -14.18
N PRO A 568 7.65 28.96 -14.53
CA PRO A 568 6.57 28.48 -15.40
C PRO A 568 7.11 28.01 -16.74
N VAL A 569 6.58 26.87 -17.21
CA VAL A 569 6.92 26.39 -18.54
C VAL A 569 6.53 27.43 -19.59
N ARG A 570 5.47 28.19 -19.33
CA ARG A 570 5.00 29.20 -20.26
C ARG A 570 6.12 30.15 -20.67
N SER A 571 6.91 30.61 -19.71
CA SER A 571 7.98 31.57 -19.97
C SER A 571 9.32 30.84 -20.16
N ILE A 572 9.35 29.96 -21.15
CA ILE A 572 10.57 29.26 -21.55
C ILE A 572 10.67 29.33 -23.06
N ILE A 573 11.70 30.01 -23.56
CA ILE A 573 11.94 30.16 -24.99
C ILE A 573 13.15 29.31 -25.35
N CYS A 574 13.11 28.70 -26.53
CA CYS A 574 14.21 27.88 -27.00
C CYS A 574 14.72 28.38 -28.34
N PRO A 575 16.04 28.26 -28.60
CA PRO A 575 16.62 28.69 -29.86
C PRO A 575 15.91 28.12 -31.08
N SER B 27 -4.41 -49.80 -16.56
CA SER B 27 -4.00 -48.74 -15.65
C SER B 27 -4.71 -48.87 -14.30
N LEU B 28 -4.22 -49.80 -13.48
CA LEU B 28 -4.74 -50.01 -12.12
C LEU B 28 -3.55 -50.06 -11.17
N SER B 29 -3.38 -49.03 -10.36
CA SER B 29 -2.30 -48.97 -9.39
C SER B 29 -2.73 -49.68 -8.13
N CYS B 30 -2.17 -50.85 -7.86
CA CYS B 30 -2.51 -51.66 -6.70
C CYS B 30 -1.36 -51.65 -5.69
N ASP B 31 -1.71 -51.91 -4.44
CA ASP B 31 -0.79 -51.94 -3.33
C ASP B 31 -0.55 -53.39 -2.91
N ARG B 32 0.54 -53.61 -2.17
CA ARG B 32 0.73 -54.90 -1.54
C ARG B 32 -0.25 -55.12 -0.40
N ASN B 33 -0.82 -54.05 0.13
CA ASN B 33 -1.83 -54.12 1.18
C ASN B 33 -3.24 -54.28 0.62
N GLY B 34 -3.38 -54.43 -0.69
CA GLY B 34 -4.66 -54.71 -1.29
C GLY B 34 -5.48 -53.50 -1.71
N ILE B 35 -4.89 -52.31 -1.73
CA ILE B 35 -5.58 -51.10 -2.13
C ILE B 35 -5.36 -50.90 -3.63
N CYS B 36 -6.43 -51.02 -4.41
CA CYS B 36 -6.36 -50.89 -5.86
C CYS B 36 -7.16 -49.67 -6.31
N LYS B 37 -6.73 -49.08 -7.43
CA LYS B 37 -7.34 -47.87 -7.96
C LYS B 37 -7.67 -48.05 -9.43
N GLY B 38 -8.77 -47.45 -9.85
CA GLY B 38 -9.09 -47.34 -11.27
C GLY B 38 -8.69 -45.98 -11.79
N SER B 39 -7.40 -45.80 -12.06
CA SER B 39 -6.84 -44.49 -12.35
C SER B 39 -7.45 -43.90 -13.62
N SER B 40 -7.15 -44.47 -14.78
CA SER B 40 -7.69 -43.96 -16.03
C SER B 40 -9.21 -43.89 -15.95
N GLY B 41 -9.78 -42.85 -16.56
CA GLY B 41 -11.22 -42.62 -16.49
C GLY B 41 -12.00 -43.34 -17.57
N SER B 42 -11.32 -43.71 -18.66
CA SER B 42 -11.97 -44.38 -19.79
C SER B 42 -11.78 -45.90 -19.62
N LEU B 43 -12.56 -46.45 -18.70
CA LEU B 43 -12.56 -47.88 -18.41
C LEU B 43 -13.94 -48.46 -18.70
N ASN B 44 -13.97 -49.70 -19.21
CA ASN B 44 -15.21 -50.28 -19.71
C ASN B 44 -15.78 -51.41 -18.86
N SER B 45 -14.99 -52.02 -17.99
CA SER B 45 -15.52 -53.12 -17.19
C SER B 45 -14.60 -53.39 -16.00
N ILE B 46 -15.13 -54.15 -15.06
CA ILE B 46 -14.37 -54.60 -13.89
C ILE B 46 -13.32 -55.62 -14.34
N PRO B 47 -12.07 -55.54 -13.87
CA PRO B 47 -11.04 -56.48 -14.36
C PRO B 47 -11.48 -57.94 -14.28
N SER B 48 -10.83 -58.79 -15.06
CA SER B 48 -11.07 -60.23 -15.03
C SER B 48 -10.01 -60.91 -14.19
N GLY B 49 -10.37 -62.07 -13.65
CA GLY B 49 -9.46 -62.86 -12.84
C GLY B 49 -8.85 -62.06 -11.70
N LEU B 50 -9.62 -61.85 -10.63
CA LEU B 50 -9.18 -61.00 -9.54
C LEU B 50 -8.46 -61.84 -8.47
N THR B 51 -8.20 -61.23 -7.33
CA THR B 51 -7.24 -61.74 -6.36
C THR B 51 -7.91 -61.98 -5.02
N GLU B 52 -7.26 -62.82 -4.20
CA GLU B 52 -7.64 -62.97 -2.80
C GLU B 52 -6.98 -61.92 -1.92
N ALA B 53 -6.16 -61.04 -2.48
CA ALA B 53 -5.41 -60.05 -1.72
C ALA B 53 -6.00 -58.65 -1.85
N VAL B 54 -7.18 -58.52 -2.44
CA VAL B 54 -7.81 -57.23 -2.63
C VAL B 54 -8.58 -56.87 -1.36
N LYS B 55 -8.20 -55.76 -0.73
CA LYS B 55 -8.92 -55.25 0.43
C LYS B 55 -9.71 -53.99 0.14
N SER B 56 -9.45 -53.31 -0.98
CA SER B 56 -10.18 -52.11 -1.34
C SER B 56 -10.23 -52.01 -2.86
N LEU B 57 -11.29 -51.37 -3.35
CA LEU B 57 -11.54 -51.26 -4.80
C LEU B 57 -12.22 -49.93 -5.05
N ASP B 58 -11.46 -48.95 -5.55
CA ASP B 58 -12.00 -47.66 -5.94
C ASP B 58 -11.94 -47.57 -7.47
N LEU B 59 -13.08 -47.79 -8.11
CA LEU B 59 -13.22 -47.70 -9.55
C LEU B 59 -14.15 -46.55 -9.93
N SER B 60 -14.01 -45.42 -9.24
CA SER B 60 -14.84 -44.26 -9.49
C SER B 60 -14.51 -43.63 -10.84
N ASN B 61 -15.48 -42.88 -11.37
CA ASN B 61 -15.31 -42.15 -12.62
C ASN B 61 -14.82 -43.08 -13.74
N ASN B 62 -15.51 -44.21 -13.88
CA ASN B 62 -15.29 -45.15 -14.97
C ASN B 62 -16.59 -45.36 -15.73
N ARG B 63 -16.50 -46.12 -16.82
CA ARG B 63 -17.68 -46.46 -17.61
C ARG B 63 -18.05 -47.94 -17.44
N ILE B 64 -17.81 -48.49 -16.25
CA ILE B 64 -18.23 -49.86 -15.96
C ILE B 64 -19.74 -49.95 -16.11
N THR B 65 -20.20 -51.01 -16.77
CA THR B 65 -21.61 -51.20 -17.06
C THR B 65 -22.20 -52.48 -16.48
N TYR B 66 -21.37 -53.46 -16.16
CA TYR B 66 -21.85 -54.80 -15.85
C TYR B 66 -21.12 -55.36 -14.65
N ILE B 67 -21.73 -56.34 -13.99
CA ILE B 67 -21.12 -57.04 -12.86
C ILE B 67 -21.55 -58.49 -12.89
N SER B 68 -20.62 -59.38 -13.26
CA SER B 68 -20.87 -60.82 -13.20
C SER B 68 -20.40 -61.38 -11.86
N ASN B 69 -20.81 -62.62 -11.60
CA ASN B 69 -20.38 -63.30 -10.38
C ASN B 69 -18.92 -63.72 -10.44
N SER B 70 -18.34 -63.80 -11.64
CA SER B 70 -16.96 -64.22 -11.81
C SER B 70 -15.98 -63.05 -11.77
N ASP B 71 -16.47 -61.81 -11.90
CA ASP B 71 -15.57 -60.65 -11.84
C ASP B 71 -15.09 -60.37 -10.42
N LEU B 72 -15.74 -60.94 -9.40
CA LEU B 72 -15.38 -60.65 -8.02
C LEU B 72 -15.67 -61.85 -7.12
N GLN B 73 -15.40 -63.05 -7.60
CA GLN B 73 -15.61 -64.25 -6.79
C GLN B 73 -14.40 -64.65 -5.97
N ARG B 74 -13.28 -63.93 -6.09
CA ARG B 74 -12.05 -64.29 -5.39
C ARG B 74 -11.69 -63.34 -4.26
N CYS B 75 -12.36 -62.19 -4.14
CA CYS B 75 -12.00 -61.19 -3.14
C CYS B 75 -12.71 -61.46 -1.81
N VAL B 76 -12.58 -62.69 -1.31
CA VAL B 76 -13.25 -63.08 -0.07
C VAL B 76 -12.74 -62.26 1.11
N ASN B 77 -11.60 -61.58 0.95
CA ASN B 77 -11.07 -60.71 1.99
C ASN B 77 -11.33 -59.23 1.71
N LEU B 78 -12.23 -58.93 0.78
CA LEU B 78 -12.50 -57.55 0.41
C LEU B 78 -13.31 -56.85 1.49
N GLN B 79 -12.89 -55.62 1.84
CA GLN B 79 -13.53 -54.84 2.88
C GLN B 79 -14.16 -53.55 2.38
N ALA B 80 -13.84 -53.10 1.17
CA ALA B 80 -14.40 -51.86 0.64
C ALA B 80 -14.57 -52.00 -0.87
N LEU B 81 -15.62 -51.37 -1.38
CA LEU B 81 -15.93 -51.44 -2.81
C LEU B 81 -16.61 -50.13 -3.20
N VAL B 82 -15.93 -49.33 -4.02
CA VAL B 82 -16.41 -48.00 -4.42
C VAL B 82 -16.58 -48.00 -5.93
N LEU B 83 -17.79 -47.68 -6.41
CA LEU B 83 -18.10 -47.68 -7.83
C LEU B 83 -18.89 -46.44 -8.23
N THR B 84 -18.64 -45.31 -7.56
CA THR B 84 -19.42 -44.11 -7.81
C THR B 84 -19.28 -43.65 -9.26
N SER B 85 -20.34 -43.02 -9.76
CA SER B 85 -20.33 -42.37 -11.08
C SER B 85 -19.92 -43.34 -12.19
N ASN B 86 -20.48 -44.55 -12.15
CA ASN B 86 -20.31 -45.52 -13.21
C ASN B 86 -21.65 -45.71 -13.92
N GLY B 87 -21.62 -46.50 -15.00
CA GLY B 87 -22.81 -46.74 -15.78
C GLY B 87 -23.40 -48.12 -15.57
N ILE B 88 -23.31 -48.62 -14.34
CA ILE B 88 -23.76 -49.97 -14.01
C ILE B 88 -25.26 -50.07 -14.25
N ASN B 89 -25.65 -50.88 -15.25
CA ASN B 89 -27.04 -51.10 -15.56
C ASN B 89 -27.63 -52.28 -14.79
N THR B 90 -26.87 -53.37 -14.67
CA THR B 90 -27.35 -54.59 -14.04
C THR B 90 -26.24 -55.21 -13.21
N ILE B 91 -26.65 -55.96 -12.19
CA ILE B 91 -25.74 -56.69 -11.30
C ILE B 91 -26.30 -58.09 -11.16
N GLU B 92 -25.61 -59.07 -11.73
CA GLU B 92 -26.11 -60.44 -11.71
C GLU B 92 -26.34 -60.91 -10.28
N GLU B 93 -27.36 -61.75 -10.12
CA GLU B 93 -27.65 -62.33 -8.82
C GLU B 93 -26.44 -63.07 -8.29
N ASP B 94 -26.16 -62.90 -6.99
CA ASP B 94 -25.03 -63.52 -6.31
C ASP B 94 -23.69 -62.98 -6.75
N SER B 95 -23.66 -61.82 -7.41
CA SER B 95 -22.38 -61.21 -7.77
C SER B 95 -21.54 -60.90 -6.54
N PHE B 96 -22.18 -60.78 -5.37
CA PHE B 96 -21.48 -60.48 -4.11
C PHE B 96 -21.40 -61.71 -3.21
N SER B 97 -21.56 -62.92 -3.78
CA SER B 97 -21.60 -64.12 -2.96
C SER B 97 -20.32 -64.28 -2.14
N SER B 98 -19.18 -63.92 -2.72
CA SER B 98 -17.91 -64.06 -2.02
C SER B 98 -17.68 -62.97 -0.97
N LEU B 99 -18.38 -61.85 -1.08
CA LEU B 99 -18.16 -60.70 -0.20
C LEU B 99 -18.88 -60.95 1.13
N GLY B 100 -18.26 -61.76 1.98
CA GLY B 100 -18.82 -62.08 3.28
C GLY B 100 -18.29 -61.18 4.38
N SER B 101 -17.18 -60.49 4.11
CA SER B 101 -16.56 -59.60 5.08
C SER B 101 -16.55 -58.14 4.61
N LEU B 102 -17.28 -57.83 3.55
CA LEU B 102 -17.31 -56.46 3.04
C LEU B 102 -17.91 -55.52 4.08
N GLU B 103 -17.31 -54.34 4.23
CA GLU B 103 -17.78 -53.34 5.17
C GLU B 103 -18.29 -52.08 4.49
N HIS B 104 -17.79 -51.75 3.30
CA HIS B 104 -18.09 -50.48 2.65
C HIS B 104 -18.49 -50.75 1.20
N LEU B 105 -19.74 -50.43 0.87
CA LEU B 105 -20.27 -50.61 -0.48
C LEU B 105 -20.90 -49.30 -0.93
N ASP B 106 -20.43 -48.77 -2.05
CA ASP B 106 -20.92 -47.50 -2.60
C ASP B 106 -21.28 -47.73 -4.06
N LEU B 107 -22.58 -47.71 -4.36
CA LEU B 107 -23.08 -47.81 -5.73
C LEU B 107 -23.72 -46.50 -6.18
N SER B 108 -23.27 -45.38 -5.62
CA SER B 108 -23.88 -44.09 -5.89
C SER B 108 -23.80 -43.74 -7.37
N TYR B 109 -24.83 -43.01 -7.83
CA TYR B 109 -24.83 -42.38 -9.15
C TYR B 109 -24.48 -43.37 -10.25
N ASN B 110 -25.24 -44.47 -10.29
CA ASN B 110 -25.26 -45.40 -11.39
C ASN B 110 -26.66 -45.37 -12.02
N TYR B 111 -26.93 -46.34 -12.89
CA TYR B 111 -28.19 -46.43 -13.61
C TYR B 111 -29.01 -47.63 -13.16
N LEU B 112 -29.02 -47.90 -11.85
CA LEU B 112 -29.77 -49.03 -11.31
C LEU B 112 -31.22 -48.62 -11.07
N SER B 113 -32.14 -49.25 -11.79
CA SER B 113 -33.57 -49.02 -11.62
C SER B 113 -34.29 -50.22 -11.03
N ASN B 114 -33.57 -51.30 -10.74
CA ASN B 114 -34.17 -52.53 -10.21
C ASN B 114 -33.21 -53.13 -9.21
N LEU B 115 -33.64 -53.22 -7.94
CA LEU B 115 -32.79 -53.66 -6.85
C LEU B 115 -33.17 -55.08 -6.44
N SER B 116 -32.16 -55.94 -6.29
CA SER B 116 -32.34 -57.32 -5.87
C SER B 116 -31.83 -57.51 -4.46
N SER B 117 -32.58 -58.27 -3.66
CA SER B 117 -32.18 -58.55 -2.29
C SER B 117 -31.02 -59.52 -2.20
N SER B 118 -30.68 -60.23 -3.27
CA SER B 118 -29.58 -61.17 -3.24
C SER B 118 -28.21 -60.49 -3.28
N TRP B 119 -28.16 -59.22 -3.71
CA TRP B 119 -26.90 -58.48 -3.68
C TRP B 119 -26.43 -58.28 -2.24
N PHE B 120 -27.36 -57.96 -1.35
CA PHE B 120 -27.06 -57.69 0.06
C PHE B 120 -27.25 -58.91 0.94
N LYS B 121 -27.67 -60.04 0.36
CA LYS B 121 -27.76 -61.29 1.09
C LYS B 121 -26.44 -61.71 1.72
N PRO B 122 -25.30 -61.67 1.03
CA PRO B 122 -24.06 -62.20 1.62
C PRO B 122 -23.28 -61.23 2.51
N LEU B 123 -23.70 -59.97 2.62
CA LEU B 123 -22.87 -58.94 3.24
C LEU B 123 -23.14 -58.83 4.74
N SER B 124 -22.86 -59.92 5.45
CA SER B 124 -23.15 -59.97 6.88
C SER B 124 -22.30 -58.99 7.69
N SER B 125 -21.21 -58.47 7.12
CA SER B 125 -20.33 -57.54 7.82
C SER B 125 -20.47 -56.12 7.32
N LEU B 126 -21.52 -55.82 6.54
CA LEU B 126 -21.61 -54.50 5.91
C LEU B 126 -21.90 -53.42 6.93
N THR B 127 -21.17 -52.31 6.80
CA THR B 127 -21.29 -51.15 7.69
C THR B 127 -21.74 -49.89 6.98
N PHE B 128 -21.40 -49.72 5.70
CA PHE B 128 -21.73 -48.53 4.94
C PHE B 128 -22.36 -48.97 3.61
N LEU B 129 -23.52 -48.40 3.30
CA LEU B 129 -24.22 -48.73 2.06
C LEU B 129 -24.81 -47.46 1.48
N ASN B 130 -24.34 -47.07 0.31
CA ASN B 130 -24.79 -45.86 -0.38
C ASN B 130 -25.41 -46.26 -1.71
N LEU B 131 -26.71 -45.94 -1.88
CA LEU B 131 -27.44 -46.23 -3.11
C LEU B 131 -28.01 -44.97 -3.73
N LEU B 132 -27.63 -43.79 -3.25
CA LEU B 132 -28.17 -42.54 -3.79
C LEU B 132 -27.89 -42.43 -5.28
N GLY B 133 -28.67 -41.55 -5.93
CA GLY B 133 -28.42 -41.20 -7.31
C GLY B 133 -28.77 -42.24 -8.35
N ASN B 134 -29.41 -43.36 -7.95
CA ASN B 134 -29.80 -44.35 -8.94
C ASN B 134 -31.27 -44.17 -9.31
N PRO B 135 -31.64 -44.27 -10.60
CA PRO B 135 -33.03 -43.95 -10.99
C PRO B 135 -34.01 -45.11 -10.76
N TYR B 136 -34.09 -45.57 -9.51
CA TYR B 136 -35.11 -46.55 -9.14
C TYR B 136 -36.31 -45.82 -8.52
N LYS B 137 -37.51 -46.28 -8.87
CA LYS B 137 -38.73 -45.62 -8.41
C LYS B 137 -39.09 -46.05 -6.99
N THR B 138 -38.69 -47.24 -6.58
CA THR B 138 -39.02 -47.77 -5.27
C THR B 138 -37.88 -48.69 -4.84
N LEU B 139 -37.87 -49.05 -3.55
CA LEU B 139 -36.89 -49.99 -3.05
C LEU B 139 -37.25 -51.44 -3.36
N GLY B 140 -38.37 -51.69 -4.01
CA GLY B 140 -38.73 -53.03 -4.43
C GLY B 140 -39.78 -53.66 -3.54
N GLU B 141 -40.22 -54.84 -3.96
CA GLU B 141 -41.19 -55.63 -3.21
C GLU B 141 -40.53 -56.60 -2.24
N THR B 142 -39.20 -56.63 -2.17
CA THR B 142 -38.47 -57.45 -1.21
C THR B 142 -37.60 -56.54 -0.37
N SER B 143 -37.62 -56.75 0.94
CA SER B 143 -36.76 -55.99 1.83
C SER B 143 -35.30 -56.20 1.46
N LEU B 144 -34.54 -55.12 1.41
CA LEU B 144 -33.17 -55.16 0.92
C LEU B 144 -32.13 -55.25 2.03
N PHE B 145 -32.47 -54.86 3.25
CA PHE B 145 -31.49 -54.69 4.32
C PHE B 145 -31.77 -55.59 5.51
N SER B 146 -32.41 -56.74 5.26
CA SER B 146 -32.83 -57.60 6.37
C SER B 146 -31.64 -58.26 7.06
N HIS B 147 -30.59 -58.59 6.30
CA HIS B 147 -29.46 -59.33 6.83
C HIS B 147 -28.28 -58.46 7.23
N LEU B 148 -28.38 -57.13 7.06
CA LEU B 148 -27.27 -56.23 7.38
C LEU B 148 -27.33 -55.87 8.86
N THR B 149 -26.97 -56.86 9.69
CA THR B 149 -27.05 -56.70 11.14
C THR B 149 -26.07 -55.68 11.68
N LYS B 150 -24.96 -55.44 10.98
CA LYS B 150 -23.93 -54.50 11.44
C LYS B 150 -23.93 -53.20 10.64
N LEU B 151 -24.96 -52.97 9.84
CA LEU B 151 -25.05 -51.72 9.09
C LEU B 151 -25.14 -50.54 10.04
N GLN B 152 -24.45 -49.46 9.69
CA GLN B 152 -24.49 -48.22 10.45
C GLN B 152 -24.88 -47.00 9.63
N ILE B 153 -24.52 -46.97 8.34
CA ILE B 153 -24.79 -45.82 7.48
C ILE B 153 -25.49 -46.32 6.23
N LEU B 154 -26.71 -45.82 6.00
CA LEU B 154 -27.50 -46.19 4.84
C LEU B 154 -27.98 -44.93 4.13
N ARG B 155 -27.74 -44.87 2.82
CA ARG B 155 -28.17 -43.75 2.00
C ARG B 155 -28.92 -44.28 0.79
N VAL B 156 -30.09 -43.73 0.52
CA VAL B 156 -30.99 -44.27 -0.49
C VAL B 156 -31.86 -43.14 -1.03
N GLY B 157 -32.16 -43.21 -2.33
CA GLY B 157 -33.07 -42.30 -2.98
C GLY B 157 -32.39 -41.57 -4.13
N ASN B 158 -33.15 -40.65 -4.72
CA ASN B 158 -32.62 -39.77 -5.76
C ASN B 158 -33.62 -38.64 -5.95
N MET B 159 -33.25 -37.67 -6.78
CA MET B 159 -34.00 -36.44 -6.92
C MET B 159 -35.14 -36.51 -7.94
N ASP B 160 -35.18 -37.56 -8.76
CA ASP B 160 -36.08 -37.60 -9.90
C ASP B 160 -37.21 -38.61 -9.77
N THR B 161 -36.92 -39.86 -9.45
CA THR B 161 -37.88 -40.94 -9.63
C THR B 161 -38.36 -41.58 -8.33
N PHE B 162 -37.65 -41.41 -7.22
CA PHE B 162 -38.03 -42.05 -5.97
C PHE B 162 -39.31 -41.42 -5.43
N THR B 163 -40.43 -42.15 -5.51
CA THR B 163 -41.74 -41.60 -5.17
C THR B 163 -42.50 -42.39 -4.10
N LYS B 164 -42.04 -43.57 -3.71
CA LYS B 164 -42.78 -44.41 -2.77
C LYS B 164 -41.85 -44.95 -1.69
N ILE B 165 -42.38 -45.01 -0.46
CA ILE B 165 -41.71 -45.66 0.66
C ILE B 165 -42.67 -46.69 1.21
N GLN B 166 -42.37 -47.96 0.97
CA GLN B 166 -43.19 -49.05 1.50
C GLN B 166 -42.76 -49.37 2.94
N ARG B 167 -43.65 -50.06 3.66
CA ARG B 167 -43.35 -50.37 5.06
C ARG B 167 -42.21 -51.37 5.17
N LYS B 168 -42.03 -52.22 4.18
CA LYS B 168 -40.97 -53.22 4.21
C LYS B 168 -39.62 -52.66 3.79
N ASP B 169 -39.55 -51.40 3.35
CA ASP B 169 -38.30 -50.86 2.82
C ASP B 169 -37.17 -50.98 3.83
N PHE B 170 -37.44 -50.65 5.09
CA PHE B 170 -36.41 -50.67 6.13
C PHE B 170 -36.75 -51.74 7.17
N ALA B 171 -36.88 -52.98 6.71
CA ALA B 171 -37.43 -54.04 7.55
C ALA B 171 -36.48 -54.42 8.68
N GLY B 172 -35.29 -54.91 8.34
CA GLY B 172 -34.41 -55.48 9.34
C GLY B 172 -33.38 -54.53 9.92
N LEU B 173 -33.74 -53.26 10.03
CA LEU B 173 -32.84 -52.23 10.55
C LEU B 173 -33.33 -51.78 11.92
N THR B 174 -32.54 -52.07 12.96
CA THR B 174 -32.89 -51.74 14.33
C THR B 174 -32.10 -50.56 14.86
N PHE B 175 -30.78 -50.53 14.63
CA PHE B 175 -29.92 -49.45 15.07
C PHE B 175 -29.13 -48.94 13.86
N LEU B 176 -29.04 -47.61 13.73
CA LEU B 176 -28.25 -47.02 12.68
C LEU B 176 -27.68 -45.69 13.16
N GLU B 177 -26.46 -45.39 12.67
CA GLU B 177 -25.80 -44.14 13.02
C GLU B 177 -26.25 -43.00 12.12
N GLU B 178 -26.44 -43.27 10.84
CA GLU B 178 -26.92 -42.25 9.91
C GLU B 178 -27.80 -42.89 8.85
N LEU B 179 -28.94 -42.26 8.58
CA LEU B 179 -29.85 -42.69 7.53
C LEU B 179 -30.20 -41.47 6.69
N GLU B 180 -29.81 -41.49 5.41
CA GLU B 180 -30.12 -40.41 4.49
C GLU B 180 -31.12 -40.91 3.46
N ILE B 181 -32.23 -40.18 3.32
CA ILE B 181 -33.30 -40.54 2.40
C ILE B 181 -33.52 -39.34 1.48
N ASP B 182 -33.08 -39.46 0.23
CA ASP B 182 -33.35 -38.43 -0.77
C ASP B 182 -34.70 -38.76 -1.40
N ALA B 183 -35.76 -38.23 -0.80
CA ALA B 183 -37.11 -38.43 -1.30
C ALA B 183 -37.65 -37.12 -1.87
N SER B 184 -36.83 -36.45 -2.69
CA SER B 184 -37.18 -35.14 -3.22
C SER B 184 -38.62 -35.13 -3.76
N ASP B 185 -38.95 -36.11 -4.59
CA ASP B 185 -40.26 -36.19 -5.24
C ASP B 185 -41.13 -37.28 -4.62
N LEU B 186 -41.13 -37.39 -3.30
CA LEU B 186 -41.96 -38.39 -2.62
C LEU B 186 -43.43 -38.09 -2.87
N GLN B 187 -44.14 -39.04 -3.44
CA GLN B 187 -45.58 -38.92 -3.68
C GLN B 187 -46.41 -39.60 -2.61
N SER B 188 -46.00 -40.78 -2.15
CA SER B 188 -46.76 -41.53 -1.16
C SER B 188 -45.81 -42.13 -0.14
N TYR B 189 -46.30 -42.25 1.09
CA TYR B 189 -45.51 -42.77 2.20
C TYR B 189 -46.41 -43.70 3.01
N GLU B 190 -46.14 -44.99 2.95
CA GLU B 190 -46.96 -45.95 3.68
C GLU B 190 -46.82 -45.70 5.18
N PRO B 191 -47.92 -45.63 5.93
CA PRO B 191 -47.81 -45.33 7.36
C PRO B 191 -46.94 -46.37 8.08
N LYS B 192 -46.18 -45.89 9.06
CA LYS B 192 -45.32 -46.70 9.92
C LYS B 192 -44.10 -47.25 9.20
N SER B 193 -43.78 -46.76 8.01
CA SER B 193 -42.63 -47.28 7.27
C SER B 193 -41.34 -47.12 8.06
N LEU B 194 -41.17 -45.99 8.73
CA LEU B 194 -39.95 -45.69 9.47
C LEU B 194 -40.10 -45.86 10.97
N LYS B 195 -41.28 -46.23 11.46
CA LYS B 195 -41.46 -46.45 12.89
C LYS B 195 -40.76 -47.71 13.37
N SER B 196 -40.36 -48.60 12.46
CA SER B 196 -39.72 -49.84 12.87
C SER B 196 -38.29 -49.61 13.34
N ILE B 197 -37.59 -48.63 12.75
CA ILE B 197 -36.23 -48.35 13.17
C ILE B 197 -36.28 -47.71 14.56
N GLN B 198 -35.57 -48.31 15.51
CA GLN B 198 -35.66 -47.90 16.90
C GLN B 198 -34.74 -46.74 17.26
N ASN B 199 -33.54 -46.70 16.68
CA ASN B 199 -32.60 -45.61 16.95
C ASN B 199 -31.87 -45.22 15.67
N VAL B 200 -31.95 -43.94 15.32
CA VAL B 200 -31.20 -43.35 14.22
C VAL B 200 -30.60 -42.06 14.75
N SER B 201 -29.28 -42.01 14.90
CA SER B 201 -28.64 -40.82 15.45
C SER B 201 -28.87 -39.61 14.56
N HIS B 202 -28.66 -39.76 13.25
CA HIS B 202 -28.77 -38.65 12.31
C HIS B 202 -29.65 -39.10 11.15
N LEU B 203 -30.78 -38.42 10.95
CA LEU B 203 -31.68 -38.68 9.84
C LEU B 203 -31.70 -37.47 8.91
N ILE B 204 -31.24 -37.67 7.68
CA ILE B 204 -31.27 -36.64 6.65
C ILE B 204 -32.39 -36.99 5.69
N LEU B 205 -33.32 -36.05 5.48
CA LEU B 205 -34.48 -36.26 4.62
C LEU B 205 -34.55 -35.13 3.62
N HIS B 206 -34.40 -35.47 2.34
CA HIS B 206 -34.69 -34.53 1.26
C HIS B 206 -36.15 -34.67 0.85
N MET B 207 -36.83 -33.54 0.71
CA MET B 207 -38.23 -33.56 0.30
C MET B 207 -38.66 -32.17 -0.18
N LYS B 208 -39.01 -32.05 -1.46
CA LYS B 208 -39.36 -30.74 -2.01
C LYS B 208 -40.69 -30.23 -1.44
N GLN B 209 -41.66 -31.12 -1.25
CA GLN B 209 -42.98 -30.76 -0.77
C GLN B 209 -43.13 -31.11 0.71
N HIS B 210 -44.11 -30.50 1.36
CA HIS B 210 -44.40 -30.74 2.76
C HIS B 210 -45.68 -31.56 2.96
N ILE B 211 -46.27 -32.08 1.87
CA ILE B 211 -47.51 -32.83 1.98
C ILE B 211 -47.33 -34.00 2.95
N LEU B 212 -46.26 -34.77 2.77
CA LEU B 212 -45.98 -35.94 3.60
C LEU B 212 -45.06 -35.63 4.77
N LEU B 213 -44.80 -34.34 5.05
CA LEU B 213 -43.90 -33.97 6.13
C LEU B 213 -44.40 -34.48 7.47
N LEU B 214 -45.65 -34.17 7.81
CA LEU B 214 -46.17 -34.52 9.12
C LEU B 214 -46.36 -36.03 9.27
N GLU B 215 -46.67 -36.73 8.18
CA GLU B 215 -46.86 -38.17 8.26
C GLU B 215 -45.54 -38.90 8.51
N ILE B 216 -44.43 -38.35 8.03
CA ILE B 216 -43.14 -38.97 8.27
C ILE B 216 -42.58 -38.53 9.62
N PHE B 217 -42.94 -37.34 10.10
CA PHE B 217 -42.41 -36.85 11.37
C PHE B 217 -42.86 -37.74 12.52
N VAL B 218 -44.13 -38.16 12.52
CA VAL B 218 -44.65 -38.93 13.64
C VAL B 218 -43.95 -40.28 13.76
N ASP B 219 -43.51 -40.84 12.63
CA ASP B 219 -42.85 -42.14 12.66
C ASP B 219 -41.41 -42.06 13.18
N VAL B 220 -40.76 -40.90 13.01
CA VAL B 220 -39.34 -40.77 13.33
C VAL B 220 -39.10 -39.99 14.61
N THR B 221 -40.09 -39.26 15.12
CA THR B 221 -39.84 -38.36 16.24
C THR B 221 -39.33 -39.11 17.48
N SER B 222 -39.71 -40.37 17.63
CA SER B 222 -39.28 -41.16 18.78
C SER B 222 -37.98 -41.92 18.54
N SER B 223 -37.46 -41.91 17.31
CA SER B 223 -36.27 -42.67 16.96
C SER B 223 -35.06 -41.82 16.60
N VAL B 224 -35.26 -40.55 16.24
CA VAL B 224 -34.20 -39.71 15.71
C VAL B 224 -33.70 -38.76 16.80
N GLU B 225 -32.39 -38.58 16.84
CA GLU B 225 -31.74 -37.63 17.75
C GLU B 225 -31.41 -36.31 17.07
N CYS B 226 -30.79 -36.37 15.89
CA CYS B 226 -30.49 -35.19 15.09
C CYS B 226 -31.27 -35.30 13.78
N LEU B 227 -32.30 -34.49 13.63
CA LEU B 227 -33.14 -34.49 12.44
C LEU B 227 -32.69 -33.36 11.52
N GLU B 228 -32.50 -33.67 10.25
CA GLU B 228 -32.16 -32.68 9.23
C GLU B 228 -33.16 -32.78 8.10
N LEU B 229 -33.81 -31.67 7.79
CA LEU B 229 -34.81 -31.58 6.73
C LEU B 229 -34.25 -30.66 5.65
N ARG B 230 -34.20 -31.16 4.41
CA ARG B 230 -33.54 -30.47 3.31
C ARG B 230 -34.51 -30.15 2.18
N ASP B 231 -34.30 -29.00 1.55
CA ASP B 231 -34.86 -28.61 0.26
C ASP B 231 -36.36 -28.36 0.29
N THR B 232 -37.02 -28.48 1.43
CA THR B 232 -38.47 -28.40 1.46
C THR B 232 -38.96 -26.96 1.29
N ASP B 233 -40.02 -26.80 0.51
CA ASP B 233 -40.75 -25.55 0.41
C ASP B 233 -41.83 -25.55 1.49
N LEU B 234 -41.61 -24.75 2.55
CA LEU B 234 -42.55 -24.67 3.65
C LEU B 234 -43.31 -23.34 3.66
N ASP B 235 -43.43 -22.68 2.51
CA ASP B 235 -44.06 -21.36 2.48
C ASP B 235 -45.50 -21.42 3.00
N THR B 236 -46.25 -22.45 2.62
CA THR B 236 -47.64 -22.60 3.04
C THR B 236 -47.84 -23.75 4.02
N PHE B 237 -46.78 -24.19 4.69
CA PHE B 237 -46.92 -25.28 5.64
C PHE B 237 -47.85 -24.88 6.78
N HIS B 238 -48.80 -25.76 7.08
CA HIS B 238 -49.74 -25.58 8.18
C HIS B 238 -49.64 -26.77 9.11
N PHE B 239 -49.50 -26.52 10.40
CA PHE B 239 -49.37 -27.60 11.37
C PHE B 239 -50.75 -28.16 11.71
N SER B 240 -50.86 -29.48 11.67
CA SER B 240 -52.05 -30.20 12.10
C SER B 240 -51.60 -31.40 12.92
N GLU B 241 -51.97 -31.41 14.21
CA GLU B 241 -51.43 -32.41 15.13
C GLU B 241 -52.07 -33.76 14.90
N LEU B 242 -51.23 -34.79 14.76
CA LEU B 242 -51.70 -36.16 14.64
C LEU B 242 -52.12 -36.67 16.02
N SER B 243 -53.02 -37.66 16.01
CA SER B 243 -53.54 -38.21 17.25
C SER B 243 -52.54 -39.16 17.93
N THR B 244 -51.24 -38.90 17.74
CA THR B 244 -50.22 -39.75 18.36
C THR B 244 -50.09 -39.45 19.85
N GLY B 245 -50.13 -38.18 20.23
CA GLY B 245 -49.93 -37.80 21.61
C GLY B 245 -48.61 -38.27 22.18
N GLU B 246 -47.65 -38.60 21.33
CA GLU B 246 -46.34 -39.07 21.78
C GLU B 246 -45.34 -37.91 21.84
N THR B 247 -45.70 -36.90 22.65
CA THR B 247 -44.81 -35.77 22.85
C THR B 247 -43.43 -36.21 23.32
N ASN B 248 -43.30 -37.41 23.88
CA ASN B 248 -42.00 -37.95 24.22
C ASN B 248 -41.19 -38.18 22.95
N SER B 249 -40.45 -37.14 22.53
CA SER B 249 -39.65 -37.19 21.31
C SER B 249 -38.17 -37.30 21.68
N LEU B 250 -37.42 -37.97 20.81
CA LEU B 250 -35.99 -38.15 21.01
C LEU B 250 -35.16 -37.08 20.32
N ILE B 251 -35.78 -36.22 19.51
CA ILE B 251 -35.04 -35.23 18.74
C ILE B 251 -34.43 -34.21 19.68
N LYS B 252 -33.10 -34.06 19.61
CA LYS B 252 -32.39 -33.03 20.35
C LYS B 252 -31.91 -31.89 19.46
N LYS B 253 -31.71 -32.14 18.16
CA LYS B 253 -31.32 -31.10 17.21
C LYS B 253 -32.18 -31.23 15.96
N PHE B 254 -32.73 -30.10 15.50
CA PHE B 254 -33.54 -30.04 14.30
C PHE B 254 -32.89 -29.03 13.36
N THR B 255 -32.41 -29.52 12.21
CA THR B 255 -31.74 -28.69 11.23
C THR B 255 -32.60 -28.55 9.98
N PHE B 256 -32.83 -27.31 9.56
CA PHE B 256 -33.44 -27.00 8.28
C PHE B 256 -32.36 -26.48 7.35
N ARG B 257 -32.19 -27.12 6.20
CA ARG B 257 -31.18 -26.74 5.23
C ARG B 257 -31.84 -26.51 3.88
N ASN B 258 -31.59 -25.33 3.30
CA ASN B 258 -32.15 -24.97 2.01
C ASN B 258 -33.67 -25.10 2.01
N VAL B 259 -34.28 -24.56 3.07
CA VAL B 259 -35.73 -24.60 3.25
C VAL B 259 -36.26 -23.18 3.09
N LYS B 260 -37.43 -23.06 2.49
CA LYS B 260 -38.09 -21.78 2.28
C LYS B 260 -39.24 -21.64 3.27
N ILE B 261 -39.20 -20.57 4.07
CA ILE B 261 -40.21 -20.33 5.09
C ILE B 261 -40.75 -18.92 4.90
N THR B 262 -42.01 -18.73 5.29
CA THR B 262 -42.64 -17.42 5.31
C THR B 262 -42.88 -17.00 6.76
N ASP B 263 -43.18 -15.71 6.95
CA ASP B 263 -43.51 -15.24 8.28
C ASP B 263 -44.77 -15.91 8.81
N GLU B 264 -45.69 -16.29 7.92
CA GLU B 264 -46.90 -16.99 8.35
C GLU B 264 -46.59 -18.44 8.71
N SER B 265 -45.92 -19.17 7.81
CA SER B 265 -45.63 -20.56 8.05
C SER B 265 -44.61 -20.76 9.16
N LEU B 266 -43.85 -19.72 9.50
CA LEU B 266 -42.86 -19.85 10.58
C LEU B 266 -43.54 -20.20 11.90
N PHE B 267 -44.72 -19.61 12.16
CA PHE B 267 -45.47 -19.95 13.37
C PHE B 267 -46.00 -21.37 13.33
N GLN B 268 -46.18 -21.94 12.14
CA GLN B 268 -46.58 -23.34 12.04
C GLN B 268 -45.40 -24.27 12.27
N VAL B 269 -44.22 -23.87 11.80
CA VAL B 269 -43.01 -24.63 12.09
C VAL B 269 -42.72 -24.62 13.58
N MET B 270 -42.93 -23.47 14.24
CA MET B 270 -42.79 -23.43 15.69
C MET B 270 -43.72 -24.44 16.36
N LYS B 271 -44.96 -24.54 15.89
CA LYS B 271 -45.89 -25.51 16.43
C LYS B 271 -45.35 -26.93 16.29
N LEU B 272 -44.76 -27.24 15.14
CA LEU B 272 -44.13 -28.53 14.95
C LEU B 272 -42.98 -28.72 15.94
N LEU B 273 -42.12 -27.71 16.07
CA LEU B 273 -41.05 -27.77 17.06
C LEU B 273 -41.61 -27.91 18.47
N ASN B 274 -42.84 -27.44 18.69
CA ASN B 274 -43.45 -27.55 20.02
C ASN B 274 -43.67 -29.01 20.41
N GLN B 275 -43.87 -29.89 19.43
CA GLN B 275 -44.05 -31.31 19.71
C GLN B 275 -42.77 -31.94 20.26
N ILE B 276 -41.63 -31.29 20.09
CA ILE B 276 -40.34 -31.84 20.51
C ILE B 276 -40.00 -31.19 21.84
N SER B 277 -40.49 -31.80 22.93
CA SER B 277 -40.29 -31.21 24.24
C SER B 277 -38.82 -31.13 24.62
N GLY B 278 -38.02 -32.07 24.15
CA GLY B 278 -36.61 -32.15 24.50
C GLY B 278 -35.66 -31.46 23.53
N LEU B 279 -36.17 -30.62 22.63
CA LEU B 279 -35.33 -29.99 21.63
C LEU B 279 -34.35 -29.03 22.29
N LEU B 280 -33.06 -29.18 21.94
CA LEU B 280 -32.01 -28.32 22.48
C LEU B 280 -31.44 -27.36 21.44
N GLU B 281 -31.38 -27.75 20.17
CA GLU B 281 -30.66 -27.01 19.14
C GLU B 281 -31.53 -26.85 17.92
N LEU B 282 -31.58 -25.63 17.37
CA LEU B 282 -32.33 -25.31 16.17
C LEU B 282 -31.40 -24.62 15.19
N GLU B 283 -31.36 -25.12 13.96
CA GLU B 283 -30.42 -24.64 12.95
C GLU B 283 -31.11 -24.42 11.62
N PHE B 284 -30.85 -23.25 11.01
CA PHE B 284 -31.27 -22.94 9.65
C PHE B 284 -30.03 -22.63 8.82
N ASP B 285 -29.72 -23.49 7.85
CA ASP B 285 -28.60 -23.27 6.94
C ASP B 285 -29.13 -23.00 5.53
N ASP B 286 -28.67 -21.90 4.92
CA ASP B 286 -29.03 -21.57 3.55
C ASP B 286 -30.53 -21.53 3.33
N CYS B 287 -31.29 -21.14 4.35
CA CYS B 287 -32.73 -21.07 4.24
C CYS B 287 -33.16 -19.74 3.63
N THR B 288 -34.45 -19.60 3.38
CA THR B 288 -35.04 -18.37 2.86
C THR B 288 -36.21 -17.98 3.73
N LEU B 289 -36.25 -16.71 4.13
CA LEU B 289 -37.34 -16.16 4.91
C LEU B 289 -37.95 -15.00 4.13
N ASN B 290 -39.28 -14.97 4.08
CA ASN B 290 -39.98 -13.98 3.27
C ASN B 290 -41.38 -13.79 3.84
N GLY B 291 -42.02 -12.71 3.42
CA GLY B 291 -43.39 -12.44 3.83
C GLY B 291 -44.40 -12.99 2.85
N VAL B 292 -45.58 -13.33 3.37
CA VAL B 292 -46.70 -13.72 2.52
C VAL B 292 -47.49 -12.52 2.04
N GLY B 293 -47.15 -11.31 2.48
CA GLY B 293 -47.92 -10.14 2.16
C GLY B 293 -49.05 -9.91 3.15
N ASN B 294 -48.87 -8.93 4.05
CA ASN B 294 -49.90 -8.54 5.00
C ASN B 294 -50.19 -9.66 5.99
N PHE B 295 -49.24 -9.86 6.90
CA PHE B 295 -49.39 -10.75 8.04
C PHE B 295 -49.04 -9.99 9.31
N ARG B 296 -49.84 -10.19 10.35
CA ARG B 296 -49.64 -9.48 11.61
C ARG B 296 -49.72 -10.46 12.77
N ALA B 297 -48.71 -10.39 13.64
CA ALA B 297 -48.57 -11.33 14.75
C ALA B 297 -49.36 -10.82 15.96
N SER B 298 -50.59 -11.30 16.09
CA SER B 298 -51.44 -10.97 17.23
C SER B 298 -52.17 -12.26 17.62
N ASP B 299 -51.69 -12.92 18.66
CA ASP B 299 -52.25 -14.21 19.08
C ASP B 299 -52.22 -15.20 17.93
N ILE B 304 -46.54 -18.52 22.79
CA ILE B 304 -45.56 -19.43 22.20
C ILE B 304 -44.56 -19.84 23.28
N ASP B 305 -44.22 -21.14 23.31
CA ASP B 305 -43.35 -21.70 24.33
C ASP B 305 -41.96 -21.93 23.76
N PRO B 306 -40.91 -21.32 24.30
CA PRO B 306 -39.57 -21.59 23.77
C PRO B 306 -39.08 -23.01 24.02
N GLY B 307 -39.56 -23.66 25.09
CA GLY B 307 -39.09 -24.99 25.40
C GLY B 307 -37.66 -24.99 25.92
N LYS B 308 -36.93 -26.06 25.60
CA LYS B 308 -35.55 -26.23 26.02
C LYS B 308 -34.54 -25.64 25.05
N VAL B 309 -34.98 -25.07 23.93
CA VAL B 309 -34.05 -24.64 22.89
C VAL B 309 -33.05 -23.66 23.49
N GLU B 310 -31.77 -24.06 23.50
CA GLU B 310 -30.72 -23.25 24.09
C GLU B 310 -29.66 -22.79 23.10
N THR B 311 -29.60 -23.36 21.91
CA THR B 311 -28.68 -22.88 20.87
C THR B 311 -29.46 -22.68 19.57
N LEU B 312 -29.32 -21.50 18.99
CA LEU B 312 -29.93 -21.15 17.70
C LEU B 312 -28.83 -20.84 16.71
N THR B 313 -28.92 -21.44 15.53
CA THR B 313 -27.92 -21.26 14.47
C THR B 313 -28.61 -20.87 13.18
N ILE B 314 -28.24 -19.73 12.63
CA ILE B 314 -28.76 -19.26 11.35
C ILE B 314 -27.56 -18.90 10.48
N ARG B 315 -27.41 -19.58 9.35
CA ARG B 315 -26.29 -19.34 8.44
C ARG B 315 -26.82 -19.06 7.04
N ARG B 316 -26.23 -18.05 6.40
CA ARG B 316 -26.53 -17.71 5.02
C ARG B 316 -28.03 -17.68 4.76
N LEU B 317 -28.76 -17.02 5.66
CA LEU B 317 -30.17 -16.78 5.43
C LEU B 317 -30.33 -15.86 4.22
N HIS B 318 -31.15 -16.28 3.27
CA HIS B 318 -31.43 -15.48 2.09
C HIS B 318 -32.77 -14.77 2.24
N ILE B 319 -32.83 -13.56 1.73
CA ILE B 319 -34.07 -12.78 1.67
C ILE B 319 -34.29 -12.43 0.20
N PRO B 320 -35.38 -12.90 -0.42
CA PRO B 320 -35.50 -12.79 -1.88
C PRO B 320 -35.20 -11.39 -2.38
N ARG B 321 -34.75 -11.33 -3.64
CA ARG B 321 -34.38 -10.06 -4.26
C ARG B 321 -35.54 -9.08 -4.24
N PHE B 322 -36.73 -9.54 -4.60
CA PHE B 322 -37.95 -8.73 -4.55
C PHE B 322 -38.86 -9.30 -3.46
N TYR B 323 -38.43 -9.12 -2.22
CA TYR B 323 -39.08 -9.73 -1.07
C TYR B 323 -40.37 -8.99 -0.72
N LEU B 324 -41.23 -9.70 0.02
CA LEU B 324 -42.40 -9.11 0.66
C LEU B 324 -42.05 -8.81 2.11
N PHE B 325 -42.28 -7.57 2.53
CA PHE B 325 -41.86 -7.14 3.86
C PHE B 325 -42.53 -8.00 4.94
N TYR B 326 -41.82 -8.19 6.04
CA TYR B 326 -42.33 -8.93 7.19
C TYR B 326 -41.84 -8.29 8.47
N ASP B 327 -42.63 -8.46 9.53
CA ASP B 327 -42.31 -7.94 10.86
C ASP B 327 -42.50 -9.07 11.87
N LEU B 328 -41.39 -9.70 12.26
CA LEU B 328 -41.40 -10.77 13.24
C LEU B 328 -40.77 -10.33 14.57
N SER B 329 -40.79 -9.03 14.86
CA SER B 329 -40.19 -8.53 16.09
C SER B 329 -40.82 -9.17 17.32
N THR B 330 -42.08 -9.62 17.22
CA THR B 330 -42.72 -10.27 18.36
C THR B 330 -41.95 -11.51 18.82
N LEU B 331 -41.10 -12.07 17.96
CA LEU B 331 -40.32 -13.24 18.32
C LEU B 331 -39.10 -12.91 19.18
N TYR B 332 -38.73 -11.63 19.28
CA TYR B 332 -37.63 -11.24 20.16
C TYR B 332 -37.85 -11.77 21.58
N SER B 333 -39.10 -11.79 22.03
CA SER B 333 -39.40 -12.20 23.40
C SER B 333 -39.22 -13.69 23.62
N LEU B 334 -39.00 -14.48 22.57
CA LEU B 334 -38.85 -15.92 22.70
C LEU B 334 -37.40 -16.37 22.90
N THR B 335 -36.46 -15.43 23.01
CA THR B 335 -35.05 -15.77 23.08
C THR B 335 -34.50 -15.72 24.51
N GLU B 336 -35.36 -15.51 25.50
CA GLU B 336 -34.88 -15.22 26.85
C GLU B 336 -34.11 -16.37 27.48
N ARG B 337 -34.23 -17.58 26.96
CA ARG B 337 -33.56 -18.74 27.54
C ARG B 337 -32.46 -19.30 26.64
N VAL B 338 -32.19 -18.68 25.51
CA VAL B 338 -31.17 -19.16 24.60
C VAL B 338 -29.79 -18.78 25.13
N LYS B 339 -28.87 -19.73 25.12
CA LYS B 339 -27.52 -19.50 25.63
C LYS B 339 -26.49 -19.29 24.52
N ARG B 340 -26.69 -19.89 23.36
CA ARG B 340 -25.76 -19.78 22.24
C ARG B 340 -26.55 -19.36 21.00
N ILE B 341 -26.05 -18.33 20.31
CA ILE B 341 -26.67 -17.89 19.06
C ILE B 341 -25.57 -17.63 18.04
N THR B 342 -25.73 -18.21 16.85
CA THR B 342 -24.91 -17.89 15.68
C THR B 342 -25.85 -17.40 14.59
N VAL B 343 -25.66 -16.16 14.15
CA VAL B 343 -26.36 -15.61 12.99
C VAL B 343 -25.27 -15.11 12.05
N GLU B 344 -24.81 -15.98 11.16
CA GLU B 344 -23.65 -15.73 10.32
C GLU B 344 -24.11 -15.43 8.90
N ASN B 345 -23.58 -14.35 8.33
CA ASN B 345 -23.79 -14.02 6.92
C ASN B 345 -25.27 -14.02 6.57
N SER B 346 -26.04 -13.28 7.37
CA SER B 346 -27.48 -13.21 7.21
C SER B 346 -27.97 -11.76 7.17
N LYS B 347 -27.16 -10.87 6.62
CA LYS B 347 -27.55 -9.48 6.35
C LYS B 347 -28.15 -8.81 7.58
N VAL B 348 -27.35 -8.75 8.63
CA VAL B 348 -27.74 -8.12 9.89
C VAL B 348 -27.11 -6.73 9.92
N PHE B 349 -27.96 -5.68 9.90
CA PHE B 349 -27.49 -4.34 10.17
C PHE B 349 -27.71 -3.89 11.60
N LEU B 350 -28.71 -4.47 12.28
CA LEU B 350 -29.15 -3.98 13.57
C LEU B 350 -29.48 -5.13 14.49
N VAL B 351 -29.14 -4.98 15.76
CA VAL B 351 -29.65 -5.84 16.83
C VAL B 351 -30.32 -4.90 17.83
N PRO B 352 -31.62 -4.63 17.69
CA PRO B 352 -32.24 -3.58 18.51
C PRO B 352 -32.13 -3.86 19.99
N CYS B 353 -32.13 -2.77 20.76
CA CYS B 353 -32.01 -2.85 22.22
C CYS B 353 -33.09 -3.75 22.81
N LEU B 354 -34.29 -3.72 22.24
CA LEU B 354 -35.36 -4.60 22.71
C LEU B 354 -34.92 -6.06 22.65
N LEU B 355 -34.38 -6.48 21.51
CA LEU B 355 -33.93 -7.87 21.37
C LEU B 355 -32.82 -8.18 22.37
N SER B 356 -31.78 -7.34 22.42
CA SER B 356 -30.64 -7.63 23.28
C SER B 356 -31.03 -7.60 24.75
N GLN B 357 -32.06 -6.84 25.12
CA GLN B 357 -32.55 -6.88 26.49
C GLN B 357 -33.27 -8.20 26.78
N HIS B 358 -33.92 -8.78 25.77
CA HIS B 358 -34.56 -10.08 25.95
C HIS B 358 -33.56 -11.22 26.00
N LEU B 359 -32.35 -11.04 25.46
CA LEU B 359 -31.35 -12.10 25.43
C LEU B 359 -30.65 -12.23 26.79
N LYS B 360 -31.46 -12.61 27.78
CA LYS B 360 -31.00 -12.59 29.17
C LYS B 360 -30.03 -13.73 29.47
N SER B 361 -30.22 -14.89 28.84
CA SER B 361 -29.37 -16.04 29.09
C SER B 361 -28.20 -16.15 28.13
N LEU B 362 -28.15 -15.30 27.10
CA LEU B 362 -27.15 -15.45 26.05
C LEU B 362 -25.75 -15.32 26.60
N GLU B 363 -24.92 -16.33 26.36
CA GLU B 363 -23.52 -16.31 26.75
C GLU B 363 -22.57 -16.20 25.56
N TYR B 364 -23.04 -16.52 24.35
CA TYR B 364 -22.20 -16.62 23.16
C TYR B 364 -22.98 -16.10 21.98
N LEU B 365 -22.43 -15.11 21.28
CA LEU B 365 -23.07 -14.48 20.14
C LEU B 365 -22.06 -14.38 19.01
N ASP B 366 -22.35 -15.02 17.89
CA ASP B 366 -21.49 -14.98 16.70
C ASP B 366 -22.26 -14.27 15.59
N LEU B 367 -21.84 -13.04 15.28
CA LEU B 367 -22.44 -12.24 14.23
C LEU B 367 -21.48 -12.06 13.05
N SER B 368 -20.64 -13.05 12.80
CA SER B 368 -19.64 -12.94 11.74
C SER B 368 -20.29 -12.68 10.38
N GLU B 369 -19.56 -11.95 9.54
CA GLU B 369 -19.94 -11.75 8.13
C GLU B 369 -21.29 -11.05 8.00
N ASN B 370 -21.49 -10.01 8.79
CA ASN B 370 -22.70 -9.20 8.68
C ASN B 370 -22.32 -7.75 8.38
N LEU B 371 -23.22 -6.82 8.61
CA LEU B 371 -23.02 -5.41 8.27
C LEU B 371 -23.42 -4.51 9.44
N MET B 372 -22.91 -4.82 10.63
CA MET B 372 -23.33 -4.13 11.84
C MET B 372 -22.90 -2.67 11.78
N VAL B 373 -23.89 -1.77 11.72
CA VAL B 373 -23.58 -0.34 11.77
C VAL B 373 -22.95 -0.03 13.12
N GLU B 374 -21.71 0.45 13.08
CA GLU B 374 -20.91 0.58 14.30
C GLU B 374 -21.61 1.43 15.35
N GLU B 375 -22.29 2.50 14.94
CA GLU B 375 -22.89 3.41 15.90
C GLU B 375 -23.98 2.73 16.72
N TYR B 376 -24.85 1.95 16.06
CA TYR B 376 -25.94 1.29 16.77
C TYR B 376 -25.56 -0.08 17.31
N LEU B 377 -24.30 -0.49 17.14
CA LEU B 377 -23.73 -1.45 18.06
C LEU B 377 -23.88 -0.94 19.50
N LYS B 378 -23.86 0.38 19.67
CA LYS B 378 -24.04 0.98 20.99
C LYS B 378 -25.49 0.93 21.44
N ASN B 379 -26.44 0.90 20.50
CA ASN B 379 -27.82 0.67 20.89
C ASN B 379 -28.02 -0.76 21.37
N SER B 380 -27.29 -1.71 20.77
CA SER B 380 -27.35 -3.09 21.21
C SER B 380 -26.85 -3.23 22.65
N ALA B 381 -25.87 -2.43 23.05
CA ALA B 381 -25.33 -2.46 24.41
C ALA B 381 -26.00 -1.42 25.29
N CYS B 382 -27.33 -1.44 25.31
CA CYS B 382 -28.12 -0.49 26.09
C CYS B 382 -28.23 -0.96 27.53
N GLU B 383 -29.09 -0.30 28.29
CA GLU B 383 -29.42 -0.71 29.64
C GLU B 383 -29.81 -2.18 29.69
N ASP B 384 -29.16 -2.93 30.57
CA ASP B 384 -29.51 -4.32 30.87
C ASP B 384 -29.38 -5.24 29.67
N ALA B 385 -28.63 -4.85 28.65
CA ALA B 385 -28.42 -5.71 27.50
C ALA B 385 -27.39 -6.79 27.82
N TRP B 386 -27.64 -7.99 27.33
CA TRP B 386 -26.65 -9.06 27.31
C TRP B 386 -25.95 -9.24 28.66
N PRO B 387 -26.70 -9.37 29.75
CA PRO B 387 -26.05 -9.45 31.08
C PRO B 387 -25.16 -10.67 31.24
N SER B 388 -25.42 -11.75 30.51
CA SER B 388 -24.66 -12.98 30.64
C SER B 388 -23.67 -13.19 29.50
N LEU B 389 -23.56 -12.24 28.57
CA LEU B 389 -22.77 -12.45 27.37
C LEU B 389 -21.29 -12.48 27.70
N GLN B 390 -20.63 -13.58 27.37
CA GLN B 390 -19.19 -13.76 27.63
C GLN B 390 -18.35 -13.73 26.37
N THR B 391 -18.91 -14.18 25.23
CA THR B 391 -18.19 -14.23 23.97
C THR B 391 -18.99 -13.49 22.92
N LEU B 392 -18.37 -12.52 22.27
CA LEU B 392 -18.99 -11.73 21.21
C LEU B 392 -18.06 -11.75 20.00
N ILE B 393 -18.56 -12.25 18.88
CA ILE B 393 -17.79 -12.34 17.64
C ILE B 393 -18.42 -11.39 16.64
N LEU B 394 -17.68 -10.34 16.28
CA LEU B 394 -18.10 -9.39 15.26
C LEU B 394 -17.16 -9.44 14.07
N ARG B 395 -16.60 -10.61 13.80
CA ARG B 395 -15.67 -10.79 12.70
C ARG B 395 -16.30 -10.38 11.37
N GLN B 396 -15.52 -9.65 10.57
CA GLN B 396 -15.87 -9.36 9.19
C GLN B 396 -17.23 -8.66 9.07
N ASN B 397 -17.39 -7.61 9.88
CA ASN B 397 -18.46 -6.64 9.65
C ASN B 397 -17.82 -5.44 8.98
N HIS B 398 -18.39 -4.25 9.15
CA HIS B 398 -17.82 -3.05 8.55
C HIS B 398 -17.34 -2.08 9.63
N LEU B 399 -16.80 -2.63 10.71
CA LEU B 399 -16.32 -1.80 11.81
C LEU B 399 -15.08 -1.03 11.37
N ALA B 400 -14.99 0.22 11.80
CA ALA B 400 -13.95 1.12 11.33
C ALA B 400 -13.06 1.66 12.43
N SER B 401 -13.53 1.76 13.66
CA SER B 401 -12.79 2.40 14.75
C SER B 401 -12.61 1.41 15.89
N LEU B 402 -11.35 1.18 16.27
CA LEU B 402 -11.08 0.36 17.44
C LEU B 402 -11.52 1.06 18.72
N GLU B 403 -11.30 2.37 18.81
CA GLU B 403 -11.69 3.12 20.00
C GLU B 403 -13.21 3.08 20.20
N LYS B 404 -13.96 3.35 19.12
CA LYS B 404 -15.41 3.34 19.25
C LYS B 404 -15.95 1.95 19.56
N THR B 405 -15.29 0.90 19.07
CA THR B 405 -15.72 -0.45 19.37
C THR B 405 -15.53 -0.77 20.85
N GLY B 406 -14.32 -0.55 21.38
CA GLY B 406 -14.07 -0.84 22.78
C GLY B 406 -15.02 -0.09 23.71
N GLU B 407 -15.24 1.19 23.44
CA GLU B 407 -16.16 1.97 24.26
C GLU B 407 -17.57 1.39 24.20
N THR B 408 -18.01 1.01 23.01
CA THR B 408 -19.36 0.45 22.86
C THR B 408 -19.56 -0.79 23.71
N LEU B 409 -18.50 -1.59 23.89
CA LEU B 409 -18.61 -2.86 24.61
C LEU B 409 -18.31 -2.73 26.09
N LEU B 410 -17.87 -1.56 26.55
CA LEU B 410 -17.44 -1.40 27.94
C LEU B 410 -18.51 -1.85 28.92
N THR B 411 -19.77 -1.48 28.67
CA THR B 411 -20.83 -1.75 29.64
C THR B 411 -21.22 -3.22 29.73
N LEU B 412 -20.68 -4.07 28.87
CA LEU B 412 -21.00 -5.51 28.90
C LEU B 412 -20.04 -6.15 29.90
N LYS B 413 -20.47 -6.25 31.15
CA LYS B 413 -19.56 -6.52 32.26
C LYS B 413 -18.94 -7.90 32.16
N ASN B 414 -19.68 -8.90 31.68
CA ASN B 414 -19.20 -10.28 31.66
C ASN B 414 -18.47 -10.65 30.38
N LEU B 415 -18.26 -9.70 29.48
CA LEU B 415 -17.63 -10.01 28.20
C LEU B 415 -16.14 -10.32 28.40
N THR B 416 -15.73 -11.53 28.04
CA THR B 416 -14.33 -11.93 28.16
C THR B 416 -13.66 -12.25 26.84
N ASN B 417 -14.41 -12.69 25.83
CA ASN B 417 -13.87 -13.03 24.51
C ASN B 417 -14.48 -12.09 23.47
N ILE B 418 -13.63 -11.30 22.82
CA ILE B 418 -14.05 -10.38 21.76
C ILE B 418 -13.24 -10.69 20.52
N ASP B 419 -13.91 -11.13 19.46
CA ASP B 419 -13.27 -11.35 18.16
C ASP B 419 -13.81 -10.29 17.20
N ILE B 420 -12.95 -9.37 16.80
CA ILE B 420 -13.30 -8.32 15.85
C ILE B 420 -12.29 -8.36 14.71
N SER B 421 -11.85 -9.56 14.35
CA SER B 421 -10.90 -9.73 13.26
C SER B 421 -11.57 -9.42 11.92
N LYS B 422 -10.73 -9.19 10.91
CA LYS B 422 -11.21 -8.92 9.54
C LYS B 422 -12.12 -7.70 9.50
N ASN B 423 -11.76 -6.67 10.27
CA ASN B 423 -12.36 -5.36 10.18
C ASN B 423 -11.25 -4.34 9.95
N SER B 424 -11.50 -3.38 9.07
CA SER B 424 -10.48 -2.42 8.64
C SER B 424 -10.36 -1.30 9.65
N PHE B 425 -9.68 -1.59 10.77
CA PHE B 425 -9.46 -0.60 11.80
C PHE B 425 -8.30 0.33 11.43
N HIS B 426 -7.27 -0.20 10.76
CA HIS B 426 -6.14 0.57 10.27
C HIS B 426 -5.21 1.06 11.38
N SER B 427 -5.75 1.66 12.43
CA SER B 427 -4.92 2.21 13.50
C SER B 427 -5.67 2.15 14.81
N MET B 428 -4.97 2.46 15.89
CA MET B 428 -5.53 2.51 17.22
C MET B 428 -4.90 3.67 17.99
N PRO B 429 -5.65 4.32 18.86
CA PRO B 429 -5.11 5.44 19.64
C PRO B 429 -4.22 4.94 20.78
N GLU B 430 -3.74 5.88 21.57
CA GLU B 430 -2.80 5.53 22.64
C GLU B 430 -3.49 4.76 23.75
N THR B 431 -4.68 5.21 24.18
CA THR B 431 -5.40 4.57 25.26
C THR B 431 -6.84 4.31 24.84
N CYS B 432 -7.36 3.16 25.27
CA CYS B 432 -8.71 2.72 24.97
C CYS B 432 -9.38 2.23 26.26
N GLN B 433 -10.68 1.98 26.17
CA GLN B 433 -11.44 1.36 27.25
C GLN B 433 -12.03 0.06 26.74
N TRP B 434 -11.86 -1.00 27.52
CA TRP B 434 -12.36 -2.33 27.18
C TRP B 434 -13.03 -2.93 28.39
N PRO B 435 -13.90 -3.92 28.20
CA PRO B 435 -14.47 -4.63 29.36
C PRO B 435 -13.38 -5.15 30.27
N GLU B 436 -13.56 -4.93 31.58
CA GLU B 436 -12.48 -5.20 32.52
C GLU B 436 -12.09 -6.68 32.55
N LYS B 437 -13.01 -7.58 32.21
CA LYS B 437 -12.74 -9.01 32.25
C LYS B 437 -12.16 -9.55 30.95
N MET B 438 -11.95 -8.71 29.94
CA MET B 438 -11.53 -9.20 28.64
C MET B 438 -10.22 -9.98 28.76
N LYS B 439 -10.27 -11.26 28.38
CA LYS B 439 -9.10 -12.12 28.39
C LYS B 439 -8.64 -12.54 27.01
N TYR B 440 -9.51 -12.43 26.00
CA TYR B 440 -9.20 -12.85 24.64
C TYR B 440 -9.64 -11.75 23.69
N LEU B 441 -8.71 -11.25 22.88
CA LEU B 441 -8.97 -10.24 21.87
C LEU B 441 -8.35 -10.68 20.56
N ASN B 442 -9.15 -10.68 19.50
CA ASN B 442 -8.69 -11.08 18.17
C ASN B 442 -8.70 -9.86 17.27
N LEU B 443 -7.51 -9.36 16.93
CA LEU B 443 -7.33 -8.26 16.00
C LEU B 443 -6.66 -8.72 14.71
N SER B 444 -6.87 -9.98 14.34
CA SER B 444 -6.28 -10.52 13.13
C SER B 444 -6.89 -9.85 11.90
N SER B 445 -6.07 -9.69 10.86
CA SER B 445 -6.51 -9.13 9.58
C SER B 445 -7.29 -7.84 9.79
N THR B 446 -6.60 -6.87 10.41
CA THR B 446 -7.22 -5.61 10.76
C THR B 446 -6.45 -4.41 10.21
N ARG B 447 -5.39 -4.64 9.44
CA ARG B 447 -4.69 -3.59 8.67
C ARG B 447 -3.98 -2.59 9.57
N ILE B 448 -3.50 -3.03 10.72
CA ILE B 448 -2.77 -2.16 11.63
C ILE B 448 -1.27 -2.29 11.35
N HIS B 449 -0.56 -1.17 11.49
CA HIS B 449 0.88 -1.13 11.32
C HIS B 449 1.64 -1.06 12.64
N SER B 450 0.95 -0.87 13.76
CA SER B 450 1.59 -0.76 15.05
C SER B 450 0.55 -1.05 16.13
N VAL B 451 1.04 -1.36 17.32
CA VAL B 451 0.17 -1.64 18.46
C VAL B 451 0.54 -0.70 19.59
N THR B 452 -0.48 -0.33 20.39
CA THR B 452 -0.31 0.62 21.47
C THR B 452 -0.94 0.06 22.75
N GLY B 453 -0.87 0.85 23.82
CA GLY B 453 -1.51 0.51 25.07
C GLY B 453 -3.03 0.43 25.02
N CYS B 454 -3.62 0.73 23.86
CA CYS B 454 -5.04 0.42 23.64
C CYS B 454 -5.33 -1.03 24.00
N ILE B 455 -4.41 -1.94 23.67
CA ILE B 455 -4.53 -3.34 24.07
C ILE B 455 -4.42 -3.37 25.58
N PRO B 456 -5.43 -3.87 26.31
CA PRO B 456 -5.37 -3.84 27.77
C PRO B 456 -4.52 -4.95 28.36
N LYS B 457 -3.95 -4.65 29.53
CA LYS B 457 -3.06 -5.57 30.21
C LYS B 457 -3.74 -6.81 30.75
N THR B 458 -5.08 -6.85 30.76
CA THR B 458 -5.80 -8.01 31.28
C THR B 458 -5.73 -9.21 30.34
N LEU B 459 -5.24 -9.04 29.12
CA LEU B 459 -5.37 -10.08 28.12
C LEU B 459 -4.52 -11.31 28.46
N GLU B 460 -5.07 -12.48 28.16
CA GLU B 460 -4.35 -13.73 28.20
C GLU B 460 -4.07 -14.29 26.82
N ILE B 461 -4.91 -13.97 25.83
CA ILE B 461 -4.75 -14.40 24.45
C ILE B 461 -4.90 -13.18 23.57
N LEU B 462 -3.90 -12.92 22.73
CA LEU B 462 -3.95 -11.83 21.77
C LEU B 462 -3.57 -12.37 20.40
N ASP B 463 -4.40 -12.07 19.41
CA ASP B 463 -4.13 -12.42 18.02
C ASP B 463 -4.03 -11.13 17.23
N VAL B 464 -2.84 -10.85 16.71
CA VAL B 464 -2.64 -9.71 15.82
C VAL B 464 -2.00 -10.22 14.54
N SER B 465 -2.36 -11.43 14.13
CA SER B 465 -1.85 -12.04 12.91
C SER B 465 -2.34 -11.28 11.67
N ASN B 466 -1.62 -11.50 10.57
CA ASN B 466 -2.01 -11.01 9.25
C ASN B 466 -2.27 -9.49 9.27
N ASN B 467 -1.26 -8.76 9.75
CA ASN B 467 -1.29 -7.30 9.73
C ASN B 467 0.01 -6.80 9.12
N ASN B 468 0.44 -5.59 9.47
CA ASN B 468 1.66 -5.01 8.91
C ASN B 468 2.58 -4.51 10.00
N LEU B 469 2.68 -5.26 11.10
CA LEU B 469 3.46 -4.82 12.25
C LEU B 469 4.96 -5.00 11.99
N ASN B 470 5.74 -4.03 12.42
CA ASN B 470 7.20 -4.14 12.46
C ASN B 470 7.73 -4.39 13.86
N LEU B 471 6.98 -3.97 14.88
CA LEU B 471 7.41 -4.07 16.27
C LEU B 471 6.25 -4.53 17.13
N PHE B 472 6.58 -5.31 18.16
CA PHE B 472 5.64 -5.63 19.23
C PHE B 472 6.41 -5.55 20.55
N SER B 473 6.09 -4.56 21.36
CA SER B 473 6.74 -4.38 22.66
C SER B 473 5.73 -3.86 23.67
N LEU B 474 4.59 -4.52 23.76
CA LEU B 474 3.61 -4.20 24.80
C LEU B 474 3.96 -4.94 26.09
N ASN B 475 3.60 -4.34 27.22
CA ASN B 475 3.71 -5.00 28.51
C ASN B 475 2.38 -5.66 28.83
N LEU B 476 2.33 -6.99 28.73
CA LEU B 476 1.12 -7.77 28.97
C LEU B 476 1.51 -8.85 29.96
N PRO B 477 1.48 -8.55 31.27
CA PRO B 477 2.02 -9.49 32.25
C PRO B 477 1.26 -10.79 32.35
N GLN B 478 0.03 -10.86 31.82
CA GLN B 478 -0.80 -12.05 31.92
C GLN B 478 -0.91 -12.81 30.61
N LEU B 479 -0.28 -12.32 29.54
CA LEU B 479 -0.47 -12.93 28.23
C LEU B 479 0.17 -14.30 28.17
N LYS B 480 -0.61 -15.31 27.76
CA LYS B 480 -0.14 -16.68 27.66
C LYS B 480 -0.03 -17.16 26.22
N GLU B 481 -0.61 -16.45 25.26
CA GLU B 481 -0.60 -16.88 23.86
C GLU B 481 -0.59 -15.64 22.98
N LEU B 482 0.48 -15.47 22.21
CA LEU B 482 0.59 -14.36 21.26
C LEU B 482 0.65 -14.92 19.86
N TYR B 483 -0.37 -14.63 19.05
CA TYR B 483 -0.39 -14.99 17.64
C TYR B 483 -0.10 -13.73 16.83
N ILE B 484 1.01 -13.74 16.11
CA ILE B 484 1.49 -12.53 15.45
C ILE B 484 2.20 -12.91 14.15
N SER B 485 1.75 -13.99 13.54
CA SER B 485 2.32 -14.40 12.26
C SER B 485 1.76 -13.53 11.13
N ARG B 486 2.40 -13.64 9.97
CA ARG B 486 2.03 -12.86 8.78
C ARG B 486 2.08 -11.36 9.08
N ASN B 487 3.21 -10.93 9.62
CA ASN B 487 3.50 -9.52 9.82
C ASN B 487 4.86 -9.23 9.19
N LYS B 488 5.44 -8.09 9.51
CA LYS B 488 6.77 -7.70 9.04
C LYS B 488 7.72 -7.50 10.21
N LEU B 489 7.59 -8.33 11.23
CA LEU B 489 8.45 -8.19 12.41
C LEU B 489 9.92 -8.35 12.04
N MET B 490 10.72 -7.32 12.33
CA MET B 490 12.16 -7.41 12.17
C MET B 490 12.86 -7.85 13.44
N THR B 491 12.22 -7.68 14.59
CA THR B 491 12.78 -8.08 15.88
C THR B 491 11.75 -8.86 16.67
N LEU B 492 12.21 -9.82 17.44
CA LEU B 492 11.33 -10.61 18.27
C LEU B 492 10.58 -9.69 19.24
N PRO B 493 9.32 -9.97 19.55
CA PRO B 493 8.65 -9.23 20.64
C PRO B 493 9.48 -9.30 21.91
N ASP B 494 9.46 -8.21 22.66
CA ASP B 494 10.25 -8.15 23.88
C ASP B 494 9.75 -9.20 24.88
N ALA B 495 10.50 -10.30 25.02
CA ALA B 495 10.07 -11.39 25.88
C ALA B 495 10.07 -11.01 27.36
N SER B 496 10.87 -10.01 27.75
CA SER B 496 10.85 -9.57 29.15
C SER B 496 9.48 -9.02 29.55
N LEU B 497 8.67 -8.62 28.57
CA LEU B 497 7.35 -8.07 28.83
C LEU B 497 6.23 -9.09 28.69
N LEU B 498 6.55 -10.35 28.35
CA LEU B 498 5.57 -11.42 28.22
C LEU B 498 6.00 -12.61 29.06
N PRO B 499 6.07 -12.44 30.38
CA PRO B 499 6.66 -13.50 31.22
C PRO B 499 5.90 -14.81 31.21
N MET B 500 4.58 -14.79 31.06
CA MET B 500 3.75 -15.98 31.20
C MET B 500 3.47 -16.67 29.88
N LEU B 501 4.20 -16.34 28.82
CA LEU B 501 3.88 -16.82 27.48
C LEU B 501 3.98 -18.35 27.41
N LEU B 502 2.86 -18.99 27.08
CA LEU B 502 2.86 -20.42 26.74
C LEU B 502 3.00 -20.65 25.24
N VAL B 503 2.46 -19.76 24.42
CA VAL B 503 2.41 -19.92 22.98
C VAL B 503 2.93 -18.65 22.32
N LEU B 504 3.77 -18.80 21.30
CA LEU B 504 4.31 -17.67 20.53
C LEU B 504 4.38 -18.11 19.07
N LYS B 505 3.42 -17.66 18.27
CA LYS B 505 3.38 -17.98 16.85
C LYS B 505 3.89 -16.76 16.10
N ILE B 506 5.17 -16.79 15.72
CA ILE B 506 5.81 -15.63 15.11
C ILE B 506 6.40 -16.03 13.77
N SER B 507 5.79 -17.00 13.12
CA SER B 507 6.22 -17.43 11.80
C SER B 507 5.74 -16.46 10.73
N ARG B 508 6.33 -16.58 9.55
CA ARG B 508 6.00 -15.72 8.41
C ARG B 508 6.14 -14.25 8.79
N ASN B 509 7.38 -13.88 9.04
CA ASN B 509 7.74 -12.52 9.45
C ASN B 509 9.05 -12.15 8.74
N GLN B 510 9.79 -11.21 9.30
CA GLN B 510 11.06 -10.75 8.75
C GLN B 510 12.20 -10.91 9.75
N LEU B 511 12.09 -11.88 10.66
CA LEU B 511 13.12 -12.06 11.68
C LEU B 511 14.39 -12.64 11.07
N LYS B 512 15.52 -12.00 11.37
CA LYS B 512 16.83 -12.49 10.95
C LYS B 512 17.64 -13.07 12.10
N SER B 513 17.41 -12.62 13.32
CA SER B 513 18.20 -13.04 14.47
C SER B 513 17.34 -12.94 15.72
N VAL B 514 17.89 -13.43 16.83
CA VAL B 514 17.19 -13.43 18.11
C VAL B 514 18.14 -12.94 19.20
N PRO B 515 17.68 -12.15 20.15
CA PRO B 515 18.54 -11.79 21.29
C PRO B 515 18.93 -13.04 22.08
N ASP B 516 20.21 -13.09 22.46
CA ASP B 516 20.74 -14.27 23.14
C ASP B 516 20.02 -14.51 24.46
N GLY B 517 19.66 -15.77 24.71
CA GLY B 517 19.02 -16.16 25.95
C GLY B 517 17.56 -15.79 26.06
N ILE B 518 16.94 -15.29 24.99
CA ILE B 518 15.58 -14.77 25.09
C ILE B 518 14.63 -15.86 25.60
N PHE B 519 14.78 -17.09 25.10
CA PHE B 519 13.84 -18.16 25.43
C PHE B 519 14.04 -18.71 26.83
N ASP B 520 15.20 -18.49 27.45
CA ASP B 520 15.41 -18.96 28.81
C ASP B 520 14.41 -18.32 29.76
N ARG B 521 14.07 -17.06 29.55
CA ARG B 521 13.17 -16.35 30.45
C ARG B 521 11.74 -16.90 30.35
N LEU B 522 11.36 -17.42 29.19
CA LEU B 522 9.99 -17.94 28.99
C LEU B 522 9.91 -19.34 29.58
N THR B 523 9.75 -19.39 30.91
CA THR B 523 9.79 -20.65 31.63
C THR B 523 8.57 -21.52 31.36
N SER B 524 7.47 -20.94 30.90
CA SER B 524 6.23 -21.68 30.65
C SER B 524 6.01 -21.96 29.18
N LEU B 525 7.02 -21.76 28.34
CA LEU B 525 6.86 -21.91 26.90
C LEU B 525 6.60 -23.37 26.53
N GLN B 526 5.66 -23.58 25.60
CA GLN B 526 5.27 -24.92 25.16
C GLN B 526 5.30 -25.07 23.65
N LYS B 527 4.83 -24.08 22.90
CA LYS B 527 4.81 -24.13 21.44
C LYS B 527 5.32 -22.82 20.87
N ILE B 528 6.13 -22.91 19.82
CA ILE B 528 6.67 -21.73 19.16
C ILE B 528 6.77 -22.01 17.66
N TRP B 529 6.34 -21.04 16.86
CA TRP B 529 6.47 -21.08 15.41
C TRP B 529 7.57 -20.10 15.00
N LEU B 530 8.62 -20.62 14.36
CA LEU B 530 9.70 -19.78 13.87
C LEU B 530 9.91 -19.87 12.37
N HIS B 531 9.17 -20.73 11.67
CA HIS B 531 9.44 -21.00 10.27
C HIS B 531 9.03 -19.82 9.38
N THR B 532 9.54 -19.85 8.15
CA THR B 532 9.27 -18.83 7.14
C THR B 532 9.72 -17.44 7.62
N ASN B 533 10.93 -17.39 8.16
CA ASN B 533 11.62 -16.15 8.46
C ASN B 533 12.99 -16.18 7.81
N PRO B 534 13.50 -15.02 7.34
CA PRO B 534 14.83 -15.04 6.70
C PRO B 534 15.96 -15.14 7.72
N TRP B 535 16.06 -16.30 8.36
CA TRP B 535 17.06 -16.49 9.41
C TRP B 535 18.46 -16.40 8.83
N ASP B 536 19.28 -15.52 9.39
CA ASP B 536 20.68 -15.38 8.99
C ASP B 536 21.49 -16.47 9.66
N CYS B 537 21.93 -17.46 8.88
CA CYS B 537 22.70 -18.58 9.42
C CYS B 537 24.19 -18.33 9.30
N SER B 538 24.63 -17.15 9.74
CA SER B 538 26.04 -16.84 9.90
C SER B 538 26.47 -17.32 11.29
N CYS B 539 27.43 -18.25 11.32
CA CYS B 539 27.73 -18.94 12.58
C CYS B 539 28.17 -18.01 13.70
N PRO B 540 28.95 -16.95 13.47
CA PRO B 540 29.29 -16.07 14.59
C PRO B 540 28.10 -15.28 15.12
N ARG B 541 26.91 -15.57 14.64
CA ARG B 541 25.71 -14.82 15.04
C ARG B 541 24.57 -15.72 15.47
N ILE B 542 24.44 -16.89 14.85
CA ILE B 542 23.26 -17.74 15.01
C ILE B 542 23.48 -18.82 16.07
N ASP B 543 24.56 -18.74 16.85
CA ASP B 543 24.89 -19.83 17.76
C ASP B 543 23.75 -20.13 18.71
N TYR B 544 23.19 -19.10 19.36
CA TYR B 544 22.21 -19.36 20.41
C TYR B 544 20.95 -20.00 19.86
N LEU B 545 20.41 -19.46 18.75
CA LEU B 545 19.16 -19.98 18.23
C LEU B 545 19.31 -21.42 17.75
N SER B 546 20.37 -21.70 16.99
CA SER B 546 20.57 -23.07 16.49
C SER B 546 20.72 -24.06 17.64
N ARG B 547 21.43 -23.66 18.69
CA ARG B 547 21.61 -24.55 19.84
C ARG B 547 20.30 -24.72 20.61
N TRP B 548 19.53 -23.64 20.75
CA TRP B 548 18.29 -23.72 21.52
C TRP B 548 17.28 -24.63 20.84
N LEU B 549 17.11 -24.47 19.52
CA LEU B 549 16.15 -25.31 18.80
C LEU B 549 16.48 -26.79 18.92
N ASN B 550 17.77 -27.14 18.97
CA ASN B 550 18.14 -28.53 19.12
C ASN B 550 17.80 -29.05 20.51
N LYS B 551 17.97 -28.21 21.53
CA LYS B 551 17.66 -28.61 22.90
C LYS B 551 16.16 -28.63 23.19
N ASN B 552 15.35 -28.02 22.33
CA ASN B 552 13.91 -27.86 22.54
C ASN B 552 13.14 -28.23 21.28
N SER B 553 13.45 -29.39 20.70
CA SER B 553 12.84 -29.76 19.42
C SER B 553 11.32 -29.88 19.54
N GLN B 554 10.84 -30.47 20.63
CA GLN B 554 9.40 -30.69 20.77
C GLN B 554 8.61 -29.40 20.82
N LYS B 555 9.25 -28.26 21.11
CA LYS B 555 8.52 -27.00 21.21
C LYS B 555 8.27 -26.38 19.85
N GLU B 556 9.23 -26.51 18.92
CA GLU B 556 9.09 -25.84 17.63
C GLU B 556 7.99 -26.50 16.81
N GLN B 557 7.07 -25.68 16.32
CA GLN B 557 6.06 -26.10 15.35
C GLN B 557 6.53 -25.67 13.97
N GLY B 558 6.70 -26.63 13.07
CA GLY B 558 7.35 -26.37 11.80
C GLY B 558 8.85 -26.49 11.93
N SER B 559 9.55 -25.97 10.91
CA SER B 559 11.00 -26.01 10.88
C SER B 559 11.54 -24.69 10.36
N ALA B 560 12.27 -23.97 11.21
CA ALA B 560 12.96 -22.76 10.77
C ALA B 560 14.04 -23.11 9.75
N LYS B 561 14.07 -22.37 8.66
CA LYS B 561 15.01 -22.61 7.57
C LYS B 561 15.93 -21.40 7.41
N CYS B 562 17.16 -21.67 6.96
CA CYS B 562 18.10 -20.59 6.70
C CYS B 562 17.68 -19.79 5.48
N SER B 563 18.06 -18.51 5.45
CA SER B 563 17.68 -17.64 4.35
C SER B 563 18.35 -18.09 3.05
N GLY B 564 19.68 -18.06 3.01
CA GLY B 564 20.41 -18.47 1.83
C GLY B 564 20.00 -19.85 1.35
N SER B 565 20.46 -20.89 2.03
CA SER B 565 20.07 -22.25 1.73
C SER B 565 18.78 -22.61 2.46
N GLY B 566 18.04 -23.56 1.90
CA GLY B 566 16.81 -24.02 2.52
C GLY B 566 17.05 -25.10 3.55
N LYS B 567 18.17 -25.01 4.27
CA LYS B 567 18.54 -26.00 5.27
C LYS B 567 18.02 -25.61 6.65
N PRO B 568 17.58 -26.57 7.46
CA PRO B 568 17.04 -26.21 8.78
C PRO B 568 18.06 -25.49 9.64
N VAL B 569 17.56 -24.59 10.50
CA VAL B 569 18.43 -23.84 11.40
C VAL B 569 19.06 -24.77 12.42
N ARG B 570 18.30 -25.75 12.91
CA ARG B 570 18.83 -26.62 13.95
C ARG B 570 19.91 -27.57 13.43
N SER B 571 20.09 -27.68 12.12
CA SER B 571 21.06 -28.60 11.54
C SER B 571 22.41 -27.97 11.29
N ILE B 572 22.70 -26.82 11.90
CA ILE B 572 24.00 -26.18 11.78
C ILE B 572 24.54 -25.94 13.18
N ILE B 573 25.76 -26.42 13.43
CA ILE B 573 26.41 -26.32 14.73
C ILE B 573 27.58 -25.35 14.61
N CYS B 574 27.72 -24.46 15.58
CA CYS B 574 28.74 -23.43 15.51
C CYS B 574 29.84 -23.65 16.54
N PRO B 575 31.06 -23.13 16.28
CA PRO B 575 32.24 -23.25 17.16
C PRO B 575 31.94 -23.04 18.64
N SER C 27 -7.64 46.10 -27.80
CA SER C 27 -6.75 44.96 -27.98
C SER C 27 -5.60 44.99 -26.98
N LEU C 28 -5.64 45.95 -26.05
CA LEU C 28 -4.62 46.09 -25.02
C LEU C 28 -5.30 46.35 -23.70
N SER C 29 -5.08 45.45 -22.73
CA SER C 29 -5.67 45.58 -21.40
C SER C 29 -4.75 46.40 -20.52
N CYS C 30 -5.17 47.64 -20.23
CA CYS C 30 -4.41 48.54 -19.38
C CYS C 30 -5.13 48.72 -18.05
N ASP C 31 -4.36 48.89 -16.98
CA ASP C 31 -4.90 49.02 -15.64
C ASP C 31 -4.59 50.42 -15.10
N ARG C 32 -5.12 50.70 -13.91
CA ARG C 32 -4.75 51.90 -13.17
C ARG C 32 -3.24 51.91 -12.94
N ASN C 33 -2.62 53.07 -13.16
CA ASN C 33 -1.17 53.31 -13.07
C ASN C 33 -0.45 52.94 -14.36
N GLY C 34 -1.17 52.55 -15.40
CA GLY C 34 -0.60 52.49 -16.74
C GLY C 34 0.09 51.21 -17.14
N ILE C 35 -0.17 50.09 -16.46
CA ILE C 35 0.46 48.82 -16.79
C ILE C 35 -0.40 48.12 -17.83
N CYS C 36 0.16 47.92 -19.02
CA CYS C 36 -0.56 47.34 -20.15
C CYS C 36 0.10 46.04 -20.59
N LYS C 37 -0.72 45.11 -21.06
CA LYS C 37 -0.24 43.83 -21.57
C LYS C 37 -1.07 43.40 -22.76
N GLY C 38 -0.41 43.05 -23.85
CA GLY C 38 -1.08 42.56 -25.05
C GLY C 38 -0.80 41.09 -25.27
N SER C 39 -1.56 40.23 -24.59
CA SER C 39 -1.27 38.80 -24.61
C SER C 39 -1.66 38.17 -25.95
N SER C 40 -2.87 38.47 -26.44
CA SER C 40 -3.34 37.90 -27.70
C SER C 40 -2.29 38.10 -28.80
N GLY C 41 -1.69 36.99 -29.24
CA GLY C 41 -0.51 37.05 -30.08
C GLY C 41 -0.70 37.56 -31.49
N SER C 42 -1.92 37.88 -31.90
CA SER C 42 -2.18 38.29 -33.27
C SER C 42 -2.17 39.81 -33.43
N LEU C 43 -1.13 40.45 -32.94
CA LEU C 43 -0.91 41.88 -33.14
C LEU C 43 0.03 42.07 -34.33
N ASN C 44 -0.33 43.01 -35.21
CA ASN C 44 0.45 43.26 -36.41
C ASN C 44 1.34 44.49 -36.31
N SER C 45 1.11 45.34 -35.31
CA SER C 45 1.96 46.50 -35.06
C SER C 45 1.67 47.00 -33.65
N ILE C 46 2.48 47.95 -33.21
CA ILE C 46 2.17 48.58 -31.92
C ILE C 46 0.83 49.29 -32.02
N PRO C 47 -0.11 49.09 -31.09
CA PRO C 47 -1.42 49.73 -31.21
C PRO C 47 -1.33 51.22 -31.47
N SER C 48 -2.37 51.80 -32.07
CA SER C 48 -2.37 53.22 -32.36
C SER C 48 -2.83 54.03 -31.16
N GLY C 49 -2.25 55.21 -31.00
CA GLY C 49 -2.70 56.15 -29.99
C GLY C 49 -2.37 55.76 -28.56
N LEU C 50 -1.12 55.39 -28.30
CA LEU C 50 -0.67 55.25 -26.92
C LEU C 50 -0.42 56.63 -26.32
N THR C 51 -0.64 56.74 -25.02
CA THR C 51 -0.75 58.02 -24.35
C THR C 51 0.46 58.28 -23.47
N GLU C 52 0.48 59.47 -22.86
CA GLU C 52 1.55 59.89 -21.98
C GLU C 52 1.49 59.20 -20.61
N ALA C 53 0.46 58.40 -20.35
CA ALA C 53 0.23 57.84 -19.03
C ALA C 53 0.53 56.36 -18.94
N VAL C 54 1.09 55.76 -19.98
CA VAL C 54 1.45 54.34 -19.96
C VAL C 54 2.85 54.21 -19.36
N LYS C 55 2.95 53.45 -18.28
CA LYS C 55 4.22 53.27 -17.57
C LYS C 55 4.89 51.94 -17.88
N SER C 56 4.14 50.95 -18.33
CA SER C 56 4.68 49.66 -18.73
C SER C 56 3.91 49.16 -19.94
N LEU C 57 4.61 48.44 -20.82
CA LEU C 57 4.03 48.01 -22.09
C LEU C 57 4.58 46.63 -22.42
N ASP C 58 3.77 45.60 -22.21
CA ASP C 58 4.15 44.20 -22.42
C ASP C 58 3.44 43.70 -23.67
N LEU C 59 4.14 43.73 -24.80
CA LEU C 59 3.62 43.20 -26.06
C LEU C 59 4.37 41.94 -26.47
N SER C 60 4.58 41.03 -25.52
CA SER C 60 5.31 39.80 -25.78
C SER C 60 4.44 38.82 -26.57
N ASN C 61 5.12 37.88 -27.24
CA ASN C 61 4.46 36.77 -27.92
C ASN C 61 3.39 37.26 -28.88
N ASN C 62 3.76 38.24 -29.70
CA ASN C 62 2.88 38.79 -30.73
C ASN C 62 3.59 38.70 -32.09
N ARG C 63 2.92 39.23 -33.12
CA ARG C 63 3.44 39.22 -34.48
C ARG C 63 3.81 40.63 -34.96
N ILE C 64 4.24 41.49 -34.04
CA ILE C 64 4.67 42.82 -34.43
C ILE C 64 5.90 42.71 -35.33
N THR C 65 5.89 43.46 -36.42
CA THR C 65 6.94 43.39 -37.42
C THR C 65 7.67 44.72 -37.65
N TYR C 66 6.99 45.84 -37.51
CA TYR C 66 7.55 47.15 -37.80
C TYR C 66 7.40 48.04 -36.57
N ILE C 67 8.28 49.03 -36.47
CA ILE C 67 8.19 50.04 -35.41
C ILE C 67 8.49 51.41 -36.01
N SER C 68 7.45 52.20 -36.23
CA SER C 68 7.60 53.56 -36.73
C SER C 68 7.89 54.51 -35.57
N ASN C 69 8.34 55.71 -35.91
CA ASN C 69 8.70 56.70 -34.89
C ASN C 69 7.47 57.28 -34.18
N SER C 70 6.26 56.97 -34.63
CA SER C 70 5.05 57.46 -34.00
C SER C 70 4.38 56.42 -33.10
N ASP C 71 4.80 55.15 -33.18
CA ASP C 71 4.14 54.10 -32.43
C ASP C 71 4.25 54.32 -30.93
N LEU C 72 5.31 54.98 -30.47
CA LEU C 72 5.55 55.18 -29.04
C LEU C 72 6.06 56.59 -28.77
N GLN C 73 5.57 57.57 -29.53
CA GLN C 73 6.23 58.88 -29.56
C GLN C 73 5.89 59.74 -28.35
N ARG C 74 4.75 59.53 -27.71
CA ARG C 74 4.34 60.34 -26.56
C ARG C 74 4.26 59.53 -25.27
N CYS C 75 4.96 58.40 -25.20
CA CYS C 75 5.04 57.62 -23.96
C CYS C 75 6.27 58.05 -23.15
N VAL C 76 6.29 59.34 -22.78
CA VAL C 76 7.45 59.92 -22.11
C VAL C 76 7.60 59.45 -20.68
N ASN C 77 6.59 58.80 -20.11
CA ASN C 77 6.67 58.25 -18.77
C ASN C 77 6.87 56.73 -18.77
N LEU C 78 7.15 56.14 -19.93
CA LEU C 78 7.31 54.69 -20.01
C LEU C 78 8.57 54.27 -19.27
N GLN C 79 8.43 53.24 -18.42
CA GLN C 79 9.54 52.72 -17.64
C GLN C 79 9.89 51.28 -17.97
N ALA C 80 9.06 50.57 -18.73
CA ALA C 80 9.36 49.20 -19.14
C ALA C 80 8.75 48.96 -20.51
N LEU C 81 9.50 48.24 -21.36
CA LEU C 81 9.04 47.91 -22.71
C LEU C 81 9.55 46.51 -23.04
N VAL C 82 8.65 45.54 -23.10
CA VAL C 82 8.98 44.15 -23.36
C VAL C 82 8.33 43.74 -24.68
N LEU C 83 9.15 43.22 -25.60
CA LEU C 83 8.68 42.83 -26.92
C LEU C 83 9.20 41.44 -27.30
N THR C 84 9.45 40.60 -26.30
CA THR C 84 10.03 39.28 -26.56
C THR C 84 9.13 38.46 -27.47
N SER C 85 9.76 37.59 -28.26
CA SER C 85 9.06 36.62 -29.10
C SER C 85 8.10 37.30 -30.07
N ASN C 86 8.55 38.39 -30.67
CA ASN C 86 7.83 39.05 -31.75
C ASN C 86 8.56 38.81 -33.07
N GLY C 87 8.00 39.33 -34.15
CA GLY C 87 8.59 39.18 -35.47
C GLY C 87 9.13 40.48 -36.01
N ILE C 88 9.75 41.28 -35.14
CA ILE C 88 10.19 42.62 -35.50
C ILE C 88 11.34 42.52 -36.50
N ASN C 89 11.13 43.06 -37.69
CA ASN C 89 12.16 43.11 -38.72
C ASN C 89 12.99 44.38 -38.64
N THR C 90 12.33 45.53 -38.52
CA THR C 90 13.01 46.82 -38.53
C THR C 90 12.43 47.73 -37.46
N ILE C 91 13.24 48.71 -37.05
CA ILE C 91 12.88 49.67 -36.02
C ILE C 91 13.39 51.03 -36.49
N GLU C 92 12.48 51.93 -36.83
CA GLU C 92 12.87 53.24 -37.33
C GLU C 92 13.77 53.96 -36.34
N GLU C 93 14.74 54.70 -36.86
CA GLU C 93 15.60 55.53 -36.01
C GLU C 93 14.76 56.59 -35.32
N ASP C 94 15.10 56.88 -34.07
CA ASP C 94 14.36 57.79 -33.18
C ASP C 94 13.05 57.20 -32.70
N SER C 95 12.81 55.90 -32.91
CA SER C 95 11.60 55.28 -32.39
C SER C 95 11.53 55.36 -30.88
N PHE C 96 12.68 55.50 -30.21
CA PHE C 96 12.75 55.63 -28.75
C PHE C 96 13.10 57.06 -28.35
N SER C 97 12.72 58.03 -29.18
CA SER C 97 13.10 59.42 -28.92
C SER C 97 12.50 59.94 -27.62
N SER C 98 11.29 59.49 -27.28
CA SER C 98 10.61 59.99 -26.10
C SER C 98 11.00 59.25 -24.82
N LEU C 99 11.67 58.11 -24.93
CA LEU C 99 11.83 57.19 -23.81
C LEU C 99 13.11 57.53 -23.04
N GLY C 100 13.10 58.70 -22.43
CA GLY C 100 14.21 59.14 -21.62
C GLY C 100 14.13 58.66 -20.18
N SER C 101 12.94 58.24 -19.75
CA SER C 101 12.74 57.67 -18.43
C SER C 101 12.65 56.15 -18.46
N LEU C 102 12.90 55.54 -19.61
CA LEU C 102 12.80 54.09 -19.74
C LEU C 102 13.89 53.40 -18.96
N GLU C 103 13.52 52.34 -18.23
CA GLU C 103 14.45 51.58 -17.40
C GLU C 103 14.65 50.15 -17.87
N HIS C 104 13.68 49.57 -18.60
CA HIS C 104 13.70 48.15 -18.93
C HIS C 104 13.28 47.99 -20.38
N LEU C 105 14.20 47.55 -21.23
CA LEU C 105 13.92 47.29 -22.63
C LEU C 105 14.33 45.86 -22.96
N ASP C 106 13.40 45.11 -23.56
CA ASP C 106 13.62 43.71 -23.92
C ASP C 106 13.19 43.52 -25.37
N LEU C 107 14.16 43.38 -26.27
CA LEU C 107 13.92 43.10 -27.68
C LEU C 107 14.33 41.68 -28.05
N SER C 108 14.32 40.78 -27.07
CA SER C 108 14.84 39.44 -27.28
C SER C 108 14.01 38.67 -28.30
N TYR C 109 14.66 37.73 -28.97
CA TYR C 109 14.02 36.75 -29.84
C TYR C 109 13.05 37.43 -30.82
N ASN C 110 13.62 38.36 -31.58
CA ASN C 110 12.97 38.94 -32.74
C ASN C 110 13.80 38.60 -33.98
N TYR C 111 13.56 39.29 -35.09
CA TYR C 111 14.27 39.03 -36.34
C TYR C 111 15.10 40.23 -36.76
N LEU C 112 15.81 40.83 -35.81
CA LEU C 112 16.65 41.99 -36.08
C LEU C 112 18.05 41.51 -36.49
N SER C 113 18.43 41.81 -37.72
CA SER C 113 19.75 41.43 -38.24
C SER C 113 20.72 42.61 -38.27
N ASN C 114 20.30 43.79 -37.85
CA ASN C 114 21.14 44.97 -37.88
C ASN C 114 20.74 45.91 -36.76
N LEU C 115 21.72 46.35 -35.98
CA LEU C 115 21.50 47.21 -34.83
C LEU C 115 21.94 48.64 -35.15
N SER C 116 21.15 49.61 -34.69
CA SER C 116 21.44 51.02 -34.91
C SER C 116 21.78 51.70 -33.59
N SER C 117 22.78 52.56 -33.61
CA SER C 117 23.22 53.25 -32.40
C SER C 117 22.19 54.27 -31.92
N SER C 118 21.31 54.74 -32.80
CA SER C 118 20.37 55.79 -32.42
C SER C 118 19.16 55.27 -31.64
N TRP C 119 18.94 53.96 -31.62
CA TRP C 119 17.86 53.41 -30.79
C TRP C 119 18.15 53.62 -29.31
N PHE C 120 19.41 53.44 -28.92
CA PHE C 120 19.82 53.48 -27.52
C PHE C 120 20.40 54.84 -27.12
N LYS C 121 20.52 55.77 -28.07
CA LYS C 121 20.99 57.11 -27.75
C LYS C 121 20.13 57.81 -26.71
N PRO C 122 18.79 57.78 -26.78
CA PRO C 122 17.99 58.59 -25.85
C PRO C 122 17.73 57.96 -24.49
N LEU C 123 18.15 56.71 -24.26
CA LEU C 123 17.77 55.99 -23.04
C LEU C 123 18.78 56.28 -21.92
N SER C 124 18.81 57.56 -21.52
CA SER C 124 19.79 57.99 -20.52
C SER C 124 19.58 57.33 -19.16
N SER C 125 18.39 56.79 -18.91
CA SER C 125 18.08 56.17 -17.62
C SER C 125 17.88 54.67 -17.73
N LEU C 126 18.35 54.05 -18.82
CA LEU C 126 18.12 52.63 -19.01
C LEU C 126 18.98 51.80 -18.06
N THR C 127 18.39 50.75 -17.51
CA THR C 127 19.03 49.87 -16.54
C THR C 127 19.13 48.43 -17.01
N PHE C 128 18.24 47.99 -17.89
CA PHE C 128 18.19 46.60 -18.33
C PHE C 128 18.00 46.59 -19.85
N LEU C 129 18.90 45.93 -20.56
CA LEU C 129 18.80 45.80 -22.01
C LEU C 129 19.06 44.36 -22.39
N ASN C 130 18.12 43.73 -23.09
CA ASN C 130 18.23 42.35 -23.53
C ASN C 130 18.01 42.30 -25.03
N LEU C 131 19.06 41.93 -25.77
CA LEU C 131 19.00 41.82 -27.22
C LEU C 131 19.21 40.39 -27.70
N LEU C 132 19.25 39.42 -26.79
CA LEU C 132 19.52 38.04 -27.16
C LEU C 132 18.54 37.55 -28.23
N GLY C 133 18.94 36.49 -28.93
CA GLY C 133 18.05 35.80 -29.83
C GLY C 133 17.79 36.47 -31.16
N ASN C 134 18.48 37.56 -31.47
CA ASN C 134 18.31 38.19 -32.77
C ASN C 134 19.43 37.79 -33.71
N PRO C 135 19.13 37.57 -35.01
CA PRO C 135 20.13 36.99 -35.93
C PRO C 135 21.05 38.01 -36.57
N TYR C 136 21.78 38.75 -35.74
CA TYR C 136 22.82 39.66 -36.21
C TYR C 136 24.19 39.01 -36.04
N LYS C 137 25.06 39.20 -37.04
CA LYS C 137 26.41 38.68 -36.95
C LYS C 137 27.29 39.53 -36.04
N THR C 138 26.99 40.82 -35.93
CA THR C 138 27.84 41.76 -35.22
C THR C 138 26.96 42.75 -34.48
N LEU C 139 27.53 43.40 -33.47
CA LEU C 139 26.84 44.49 -32.81
C LEU C 139 26.79 45.74 -33.68
N GLY C 140 27.71 45.86 -34.63
CA GLY C 140 27.66 46.93 -35.61
C GLY C 140 28.98 47.67 -35.72
N GLU C 141 29.03 48.58 -36.70
CA GLU C 141 30.17 49.44 -36.90
C GLU C 141 30.18 50.65 -35.99
N THR C 142 29.06 50.92 -35.31
CA THR C 142 28.93 52.07 -34.41
C THR C 142 28.61 51.57 -33.02
N SER C 143 29.34 52.08 -32.03
CA SER C 143 29.10 51.69 -30.64
C SER C 143 27.64 51.95 -30.26
N LEU C 144 27.01 50.94 -29.65
CA LEU C 144 25.59 51.00 -29.35
C LEU C 144 25.27 51.46 -27.94
N PHE C 145 26.18 51.26 -26.99
CA PHE C 145 25.90 51.49 -25.57
C PHE C 145 26.70 52.65 -25.00
N SER C 146 27.08 53.62 -25.84
CA SER C 146 27.93 54.71 -25.37
C SER C 146 27.22 55.61 -24.36
N HIS C 147 25.90 55.74 -24.47
CA HIS C 147 25.16 56.77 -23.76
C HIS C 147 24.40 56.25 -22.53
N LEU C 148 24.63 55.00 -22.13
CA LEU C 148 23.85 54.39 -21.06
C LEU C 148 24.66 54.40 -19.77
N THR C 149 24.60 55.55 -19.09
CA THR C 149 25.38 55.72 -17.86
C THR C 149 24.83 54.88 -16.71
N LYS C 150 23.53 54.57 -16.73
CA LYS C 150 22.86 53.89 -15.64
C LYS C 150 22.64 52.41 -15.90
N LEU C 151 23.14 51.87 -17.01
CA LEU C 151 22.92 50.48 -17.34
C LEU C 151 23.51 49.56 -16.29
N GLN C 152 22.83 48.45 -16.00
CA GLN C 152 23.30 47.46 -15.04
C GLN C 152 23.32 46.04 -15.60
N ILE C 153 22.33 45.68 -16.43
CA ILE C 153 22.22 44.33 -16.98
C ILE C 153 22.18 44.44 -18.50
N LEU C 154 23.08 43.74 -19.17
CA LEU C 154 23.16 43.72 -20.63
C LEU C 154 23.29 42.28 -21.10
N ARG C 155 22.43 41.88 -22.02
CA ARG C 155 22.45 40.55 -22.61
C ARG C 155 22.44 40.69 -24.13
N VAL C 156 23.36 40.01 -24.80
CA VAL C 156 23.50 40.13 -26.25
C VAL C 156 24.10 38.85 -26.79
N GLY C 157 23.82 38.59 -28.07
CA GLY C 157 24.32 37.43 -28.77
C GLY C 157 23.19 36.55 -29.26
N ASN C 158 23.57 35.40 -29.82
CA ASN C 158 22.60 34.43 -30.30
C ASN C 158 23.31 33.10 -30.50
N MET C 159 22.56 32.09 -30.93
CA MET C 159 23.06 30.73 -31.02
C MET C 159 23.77 30.43 -32.33
N ASP C 160 23.40 31.09 -33.43
CA ASP C 160 23.77 30.62 -34.75
C ASP C 160 24.63 31.60 -35.53
N THR C 161 24.27 32.89 -35.57
CA THR C 161 24.88 33.81 -36.52
C THR C 161 25.90 34.76 -35.90
N PHE C 162 25.96 34.87 -34.58
CA PHE C 162 26.87 35.81 -33.93
C PHE C 162 28.26 35.19 -33.88
N THR C 163 29.19 35.72 -34.68
CA THR C 163 30.52 35.14 -34.82
C THR C 163 31.67 36.09 -34.52
N LYS C 164 31.43 37.39 -34.38
CA LYS C 164 32.49 38.36 -34.18
C LYS C 164 32.20 39.23 -32.96
N ILE C 165 33.27 39.57 -32.23
CA ILE C 165 33.23 40.58 -31.18
C ILE C 165 34.27 41.62 -31.54
N GLN C 166 33.82 42.84 -31.83
CA GLN C 166 34.70 43.95 -32.16
C GLN C 166 35.09 44.69 -30.89
N ARG C 167 36.16 45.49 -30.99
CA ARG C 167 36.64 46.20 -29.80
C ARG C 167 35.70 47.31 -29.39
N LYS C 168 35.04 47.96 -30.36
CA LYS C 168 34.13 49.05 -30.06
C LYS C 168 32.73 48.57 -29.68
N ASP C 169 32.53 47.26 -29.58
CA ASP C 169 31.20 46.72 -29.25
C ASP C 169 30.73 47.23 -27.90
N PHE C 170 31.60 47.19 -26.89
CA PHE C 170 31.22 47.60 -25.55
C PHE C 170 31.94 48.89 -25.15
N ALA C 171 31.74 49.95 -25.93
CA ALA C 171 32.36 51.23 -25.65
C ALA C 171 31.55 52.00 -24.60
N GLY C 172 32.24 52.45 -23.56
CA GLY C 172 31.62 53.29 -22.56
C GLY C 172 30.88 52.56 -21.46
N LEU C 173 31.30 51.35 -21.11
CA LEU C 173 30.70 50.58 -20.01
C LEU C 173 31.73 50.48 -18.89
N THR C 174 31.42 51.13 -17.76
CA THR C 174 32.31 51.13 -16.60
C THR C 174 31.86 50.16 -15.53
N PHE C 175 30.58 50.20 -15.16
CA PHE C 175 30.03 49.36 -14.11
C PHE C 175 28.80 48.66 -14.64
N LEU C 176 28.74 47.34 -14.43
CA LEU C 176 27.58 46.55 -14.81
C LEU C 176 27.36 45.44 -13.81
N GLU C 177 26.09 45.14 -13.52
CA GLU C 177 25.74 44.08 -12.60
C GLU C 177 25.85 42.71 -13.27
N GLU C 178 25.44 42.60 -14.52
CA GLU C 178 25.43 41.33 -15.22
C GLU C 178 25.59 41.56 -16.72
N LEU C 179 26.55 40.86 -17.32
CA LEU C 179 26.77 40.90 -18.76
C LEU C 179 26.71 39.47 -19.28
N GLU C 180 25.76 39.22 -20.19
CA GLU C 180 25.61 37.91 -20.81
C GLU C 180 25.91 38.03 -22.31
N ILE C 181 26.82 37.18 -22.79
CA ILE C 181 27.24 37.19 -24.18
C ILE C 181 27.06 35.77 -24.72
N ASP C 182 26.03 35.58 -25.54
CA ASP C 182 25.83 34.29 -26.21
C ASP C 182 26.65 34.31 -27.49
N ALA C 183 27.90 33.87 -27.39
CA ALA C 183 28.79 33.77 -28.54
C ALA C 183 29.03 32.31 -28.87
N SER C 184 27.94 31.54 -28.99
CA SER C 184 28.04 30.09 -29.16
C SER C 184 28.96 29.73 -30.34
N ASP C 185 28.86 30.47 -31.45
CA ASP C 185 29.64 30.18 -32.64
C ASP C 185 30.71 31.24 -32.89
N LEU C 186 31.30 31.77 -31.82
CA LEU C 186 32.32 32.79 -31.96
C LEU C 186 33.50 32.25 -32.78
N GLN C 187 33.79 32.92 -33.90
CA GLN C 187 34.91 32.55 -34.76
C GLN C 187 36.12 33.45 -34.56
N SER C 188 35.92 34.74 -34.31
CA SER C 188 37.02 35.69 -34.17
C SER C 188 36.70 36.68 -33.06
N TYR C 189 37.75 37.12 -32.38
CA TYR C 189 37.63 38.02 -31.23
C TYR C 189 38.72 39.07 -31.36
N GLU C 190 38.33 40.32 -31.57
CA GLU C 190 39.31 41.41 -31.64
C GLU C 190 39.98 41.56 -30.28
N PRO C 191 41.30 41.67 -30.21
CA PRO C 191 41.97 41.74 -28.91
C PRO C 191 41.58 43.02 -28.17
N LYS C 192 41.51 42.90 -26.84
CA LYS C 192 41.21 44.00 -25.92
C LYS C 192 39.73 44.39 -25.93
N SER C 193 38.87 43.66 -26.63
CA SER C 193 37.48 44.06 -26.77
C SER C 193 36.82 44.26 -25.40
N LEU C 194 37.08 43.35 -24.46
CA LEU C 194 36.40 43.34 -23.18
C LEU C 194 37.24 43.90 -22.03
N LYS C 195 38.46 44.36 -22.30
CA LYS C 195 39.30 44.90 -21.24
C LYS C 195 38.83 46.27 -20.78
N SER C 196 38.03 46.97 -21.59
CA SER C 196 37.62 48.33 -21.25
C SER C 196 36.63 48.35 -20.10
N ILE C 197 35.85 47.28 -19.92
CA ILE C 197 34.86 47.23 -18.84
C ILE C 197 35.59 47.15 -17.51
N GLN C 198 35.29 48.10 -16.62
CA GLN C 198 36.04 48.22 -15.37
C GLN C 198 35.62 47.15 -14.36
N ASN C 199 34.32 46.99 -14.12
CA ASN C 199 33.83 46.01 -13.16
C ASN C 199 32.54 45.39 -13.68
N VAL C 200 32.46 44.06 -13.61
CA VAL C 200 31.25 43.30 -13.97
C VAL C 200 31.07 42.22 -12.92
N SER C 201 29.96 42.29 -12.18
CA SER C 201 29.75 41.35 -11.09
C SER C 201 29.56 39.92 -11.60
N HIS C 202 28.81 39.76 -12.69
CA HIS C 202 28.50 38.42 -13.21
C HIS C 202 28.64 38.46 -14.73
N LEU C 203 29.53 37.62 -15.25
CA LEU C 203 29.74 37.50 -16.70
C LEU C 203 29.33 36.10 -17.14
N ILE C 204 28.38 36.05 -18.06
CA ILE C 204 27.91 34.79 -18.64
C ILE C 204 28.36 34.76 -20.10
N LEU C 205 29.08 33.70 -20.46
CA LEU C 205 29.63 33.56 -21.81
C LEU C 205 29.28 32.19 -22.37
N HIS C 206 28.49 32.17 -23.42
CA HIS C 206 28.31 30.97 -24.23
C HIS C 206 29.41 30.93 -25.27
N MET C 207 30.02 29.76 -25.44
CA MET C 207 31.04 29.57 -26.47
C MET C 207 31.32 28.09 -26.64
N LYS C 208 31.11 27.57 -27.86
CA LYS C 208 31.20 26.13 -28.08
C LYS C 208 32.64 25.68 -28.33
N GLN C 209 33.50 26.57 -28.81
CA GLN C 209 34.89 26.27 -29.04
C GLN C 209 35.76 26.95 -27.98
N HIS C 210 36.99 26.48 -27.86
CA HIS C 210 37.92 27.02 -26.87
C HIS C 210 39.14 27.70 -27.48
N ILE C 211 39.22 27.79 -28.81
CA ILE C 211 40.36 28.44 -29.44
C ILE C 211 40.54 29.84 -28.88
N LEU C 212 39.44 30.57 -28.69
CA LEU C 212 39.47 31.97 -28.28
C LEU C 212 39.30 32.14 -26.78
N LEU C 213 39.33 31.04 -26.01
CA LEU C 213 38.98 31.12 -24.60
C LEU C 213 40.02 31.90 -23.80
N LEU C 214 41.30 31.58 -24.00
CA LEU C 214 42.34 32.19 -23.18
C LEU C 214 42.52 33.67 -23.48
N GLU C 215 42.24 34.10 -24.72
CA GLU C 215 42.36 35.51 -25.05
C GLU C 215 41.21 36.33 -24.50
N ILE C 216 40.04 35.70 -24.31
CA ILE C 216 38.93 36.39 -23.64
C ILE C 216 39.18 36.44 -22.13
N PHE C 217 39.74 35.36 -21.57
CA PHE C 217 39.99 35.31 -20.14
C PHE C 217 40.92 36.43 -19.69
N VAL C 218 42.00 36.68 -20.45
CA VAL C 218 42.99 37.68 -20.03
C VAL C 218 42.36 39.05 -19.92
N ASP C 219 41.38 39.37 -20.77
CA ASP C 219 40.81 40.70 -20.80
C ASP C 219 39.76 40.94 -19.72
N VAL C 220 39.17 39.87 -19.16
CA VAL C 220 38.11 40.00 -18.17
C VAL C 220 38.54 39.57 -16.78
N THR C 221 39.70 38.94 -16.63
CA THR C 221 40.07 38.35 -15.34
C THR C 221 40.12 39.40 -14.23
N SER C 222 40.48 40.64 -14.56
CA SER C 222 40.65 41.68 -13.55
C SER C 222 39.39 42.49 -13.29
N SER C 223 38.29 42.20 -13.99
CA SER C 223 37.06 42.98 -13.85
C SER C 223 35.84 42.15 -13.49
N VAL C 224 35.90 40.82 -13.58
CA VAL C 224 34.75 39.96 -13.34
C VAL C 224 34.87 39.32 -11.96
N GLU C 225 33.76 39.30 -11.22
CA GLU C 225 33.71 38.71 -9.89
C GLU C 225 33.13 37.30 -9.91
N CYS C 226 32.02 37.10 -10.61
CA CYS C 226 31.45 35.77 -10.85
C CYS C 226 31.49 35.49 -12.34
N LEU C 227 32.28 34.49 -12.73
CA LEU C 227 32.47 34.14 -14.13
C LEU C 227 31.79 32.80 -14.41
N GLU C 228 31.01 32.74 -15.49
CA GLU C 228 30.31 31.53 -15.88
C GLU C 228 30.58 31.24 -17.35
N LEU C 229 31.05 30.03 -17.62
CA LEU C 229 31.33 29.56 -18.98
C LEU C 229 30.32 28.49 -19.34
N ARG C 230 29.73 28.60 -20.53
CA ARG C 230 28.65 27.71 -20.95
C ARG C 230 28.96 27.03 -22.28
N ASP C 231 28.52 25.78 -22.39
CA ASP C 231 28.43 25.04 -23.64
C ASP C 231 29.78 24.66 -24.24
N THR C 232 30.89 25.06 -23.62
CA THR C 232 32.18 24.87 -24.25
C THR C 232 32.60 23.40 -24.25
N ASP C 233 33.16 22.96 -25.37
CA ASP C 233 33.78 21.64 -25.49
C ASP C 233 35.26 21.79 -25.16
N LEU C 234 35.63 21.41 -23.93
CA LEU C 234 37.00 21.56 -23.45
C LEU C 234 37.76 20.24 -23.44
N ASP C 235 37.31 19.25 -24.21
CA ASP C 235 37.94 17.94 -24.18
C ASP C 235 39.42 18.01 -24.56
N THR C 236 39.76 18.85 -25.54
CA THR C 236 41.13 18.97 -25.99
C THR C 236 41.76 20.30 -25.60
N PHE C 237 41.16 21.01 -24.65
CA PHE C 237 41.69 22.30 -24.21
C PHE C 237 43.10 22.11 -23.63
N HIS C 238 43.98 23.04 -23.97
CA HIS C 238 45.34 23.04 -23.46
C HIS C 238 45.70 24.45 -23.02
N PHE C 239 46.35 24.55 -21.86
CA PHE C 239 46.64 25.84 -21.25
C PHE C 239 47.93 26.42 -21.79
N SER C 240 47.97 27.73 -21.95
CA SER C 240 49.14 28.46 -22.39
C SER C 240 49.37 29.65 -21.46
N GLU C 241 50.58 30.20 -21.49
CA GLU C 241 50.98 31.20 -20.52
C GLU C 241 50.38 32.56 -20.85
N LEU C 242 49.79 33.19 -19.84
CA LEU C 242 49.28 34.55 -19.95
C LEU C 242 50.45 35.51 -19.73
N SER C 243 51.00 36.04 -20.82
CA SER C 243 52.12 36.98 -20.72
C SER C 243 51.77 38.22 -19.91
N THR C 244 50.48 38.42 -19.59
CA THR C 244 50.09 39.59 -18.80
C THR C 244 50.75 39.57 -17.42
N GLY C 245 50.86 38.39 -16.81
CA GLY C 245 51.36 38.31 -15.45
C GLY C 245 50.46 38.94 -14.42
N GLU C 246 49.18 39.10 -14.73
CA GLU C 246 48.24 39.77 -13.82
C GLU C 246 47.47 38.73 -13.00
N THR C 247 48.22 38.01 -12.18
CA THR C 247 47.59 37.11 -11.22
C THR C 247 46.60 37.83 -10.31
N ASN C 248 46.63 39.17 -10.28
CA ASN C 248 45.68 39.98 -9.53
C ASN C 248 44.35 40.02 -10.28
N SER C 249 43.58 38.96 -10.12
CA SER C 249 42.27 38.83 -10.77
C SER C 249 41.16 38.96 -9.74
N LEU C 250 40.02 39.47 -10.20
CA LEU C 250 38.87 39.74 -9.34
C LEU C 250 37.93 38.55 -9.23
N ILE C 251 38.16 37.48 -9.98
CA ILE C 251 37.23 36.36 -10.02
C ILE C 251 37.23 35.64 -8.68
N LYS C 252 36.08 35.60 -8.02
CA LYS C 252 35.91 34.82 -6.80
C LYS C 252 35.12 33.53 -7.04
N LYS C 253 34.36 33.44 -8.13
CA LYS C 253 33.52 32.29 -8.41
C LYS C 253 33.60 31.98 -9.90
N PHE C 254 33.86 30.71 -10.22
CA PHE C 254 33.99 30.25 -11.60
C PHE C 254 33.06 29.07 -11.80
N THR C 255 32.08 29.24 -12.68
CA THR C 255 31.07 28.21 -12.94
C THR C 255 31.22 27.69 -14.36
N PHE C 256 31.31 26.38 -14.51
CA PHE C 256 31.24 25.71 -15.81
C PHE C 256 29.87 25.06 -15.93
N ARG C 257 29.14 25.39 -17.00
CA ARG C 257 27.80 24.87 -17.21
C ARG C 257 27.71 24.24 -18.58
N ASN C 258 27.27 22.98 -18.64
CA ASN C 258 27.13 22.25 -19.89
C ASN C 258 28.46 22.18 -20.64
N VAL C 259 29.55 22.01 -19.89
CA VAL C 259 30.89 21.97 -20.45
C VAL C 259 31.37 20.52 -20.49
N LYS C 260 32.07 20.17 -21.56
CA LYS C 260 32.63 18.83 -21.72
C LYS C 260 34.11 18.86 -21.36
N ILE C 261 34.51 17.97 -20.47
CA ILE C 261 35.89 17.89 -19.98
C ILE C 261 36.34 16.43 -20.02
N THR C 262 37.63 16.24 -20.25
CA THR C 262 38.25 14.92 -20.14
C THR C 262 39.22 14.91 -18.96
N ASP C 263 39.61 13.70 -18.56
CA ASP C 263 40.59 13.57 -17.49
C ASP C 263 41.88 14.32 -17.83
N GLU C 264 42.28 14.29 -19.10
CA GLU C 264 43.51 14.96 -19.52
C GLU C 264 43.35 16.48 -19.48
N SER C 265 42.30 16.99 -20.14
CA SER C 265 42.12 18.44 -20.20
C SER C 265 41.79 19.04 -18.85
N LEU C 266 41.25 18.25 -17.91
CA LEU C 266 40.94 18.79 -16.59
C LEU C 266 42.17 19.40 -15.95
N PHE C 267 43.33 18.75 -16.09
CA PHE C 267 44.56 19.30 -15.55
C PHE C 267 44.94 20.61 -16.23
N GLN C 268 44.59 20.76 -17.51
CA GLN C 268 44.79 22.05 -18.18
C GLN C 268 43.83 23.10 -17.62
N VAL C 269 42.59 22.68 -17.30
CA VAL C 269 41.65 23.59 -16.67
C VAL C 269 42.14 23.99 -15.28
N MET C 270 42.72 23.03 -14.55
CA MET C 270 43.30 23.35 -13.25
C MET C 270 44.39 24.41 -13.39
N LYS C 271 45.17 24.35 -14.47
CA LYS C 271 46.21 25.36 -14.69
C LYS C 271 45.61 26.73 -14.94
N LEU C 272 44.48 26.79 -15.66
CA LEU C 272 43.80 28.06 -15.86
C LEU C 272 43.24 28.60 -14.54
N LEU C 273 42.66 27.71 -13.73
CA LEU C 273 42.12 28.14 -12.45
C LEU C 273 43.21 28.62 -11.50
N ASN C 274 44.42 28.05 -11.62
CA ASN C 274 45.53 28.48 -10.77
C ASN C 274 45.93 29.92 -11.05
N GLN C 275 45.58 30.47 -12.21
CA GLN C 275 45.80 31.88 -12.48
C GLN C 275 44.89 32.78 -11.65
N ILE C 276 43.85 32.21 -11.05
CA ILE C 276 42.89 32.98 -10.25
C ILE C 276 43.27 32.72 -8.79
N SER C 277 44.16 33.55 -8.27
CA SER C 277 44.70 33.32 -6.92
C SER C 277 43.60 33.39 -5.87
N GLY C 278 42.64 34.28 -6.05
CA GLY C 278 41.58 34.48 -5.08
C GLY C 278 40.35 33.62 -5.26
N LEU C 279 40.38 32.65 -6.17
CA LEU C 279 39.21 31.83 -6.40
C LEU C 279 38.79 31.12 -5.12
N LEU C 280 37.52 31.31 -4.74
CA LEU C 280 36.97 30.71 -3.54
C LEU C 280 35.97 29.59 -3.82
N GLU C 281 35.32 29.61 -4.99
CA GLU C 281 34.21 28.70 -5.27
C GLU C 281 34.32 28.20 -6.70
N LEU C 282 34.22 26.89 -6.86
CA LEU C 282 34.29 26.24 -8.16
C LEU C 282 33.03 25.39 -8.34
N GLU C 283 32.36 25.57 -9.49
CA GLU C 283 31.08 24.93 -9.73
C GLU C 283 31.03 24.32 -11.12
N PHE C 284 30.52 23.08 -11.19
CA PHE C 284 30.31 22.37 -12.46
C PHE C 284 28.86 21.90 -12.49
N ASP C 285 28.03 22.53 -13.31
CA ASP C 285 26.63 22.15 -13.48
C ASP C 285 26.44 21.50 -14.85
N ASP C 286 25.81 20.33 -14.86
CA ASP C 286 25.42 19.66 -16.10
C ASP C 286 26.61 19.44 -17.03
N CYS C 287 27.79 19.22 -16.46
CA CYS C 287 28.99 19.00 -17.25
C CYS C 287 29.15 17.51 -17.55
N THR C 288 30.06 17.21 -18.48
CA THR C 288 30.39 15.85 -18.87
C THR C 288 31.86 15.60 -18.59
N LEU C 289 32.16 14.45 -17.98
CA LEU C 289 33.52 14.04 -17.69
C LEU C 289 33.78 12.70 -18.33
N ASN C 290 34.93 12.56 -18.98
CA ASN C 290 35.27 11.35 -19.72
C ASN C 290 36.77 11.19 -19.75
N GLY C 291 37.21 10.03 -20.21
CA GLY C 291 38.62 9.77 -20.40
C GLY C 291 39.02 9.94 -21.86
N VAL C 292 40.31 10.26 -22.07
CA VAL C 292 40.87 10.25 -23.43
C VAL C 292 41.47 8.91 -23.77
N GLY C 293 41.39 7.94 -22.87
CA GLY C 293 41.97 6.62 -23.10
C GLY C 293 43.36 6.47 -22.52
N ASN C 294 43.45 5.84 -21.35
CA ASN C 294 44.73 5.56 -20.72
C ASN C 294 45.53 6.83 -20.46
N PHE C 295 45.21 7.52 -19.37
CA PHE C 295 45.91 8.74 -18.99
C PHE C 295 46.47 8.58 -17.58
N ARG C 296 47.66 9.13 -17.36
CA ARG C 296 48.31 9.06 -16.07
C ARG C 296 48.54 10.47 -15.49
N ALA C 297 49.47 10.58 -14.55
CA ALA C 297 49.90 11.88 -14.02
C ALA C 297 51.21 12.24 -14.74
N SER C 298 51.09 13.07 -15.77
CA SER C 298 52.22 13.38 -16.66
C SER C 298 52.78 14.75 -16.31
N ASP C 299 53.51 14.79 -15.19
CA ASP C 299 53.98 16.05 -14.61
C ASP C 299 52.84 17.01 -14.33
N ASN C 300 51.60 16.49 -14.31
CA ASN C 300 50.40 17.27 -14.00
C ASN C 300 49.91 16.99 -12.59
N ASP C 301 50.74 16.40 -11.73
CA ASP C 301 50.37 16.03 -10.38
C ASP C 301 50.98 16.98 -9.36
N ARG C 302 52.32 17.01 -9.26
CA ARG C 302 52.97 17.93 -8.34
C ARG C 302 52.58 19.38 -8.59
N VAL C 303 52.13 19.71 -9.81
CA VAL C 303 51.91 21.08 -10.21
C VAL C 303 50.45 21.49 -10.04
N ILE C 304 49.88 21.21 -8.87
CA ILE C 304 48.50 21.61 -8.59
C ILE C 304 48.42 22.17 -7.17
N ASP C 305 48.10 23.47 -7.07
CA ASP C 305 47.90 24.12 -5.79
C ASP C 305 46.42 24.37 -5.58
N PRO C 306 45.82 23.92 -4.47
CA PRO C 306 44.37 24.16 -4.30
C PRO C 306 44.00 25.62 -4.18
N GLY C 307 44.93 26.46 -3.71
CA GLY C 307 44.59 27.85 -3.50
C GLY C 307 43.64 28.03 -2.33
N LYS C 308 42.81 29.07 -2.42
CA LYS C 308 41.85 29.41 -1.38
C LYS C 308 40.44 28.91 -1.70
N VAL C 309 40.31 27.92 -2.58
CA VAL C 309 39.01 27.37 -2.92
C VAL C 309 38.44 26.67 -1.68
N GLU C 310 37.28 27.14 -1.22
CA GLU C 310 36.64 26.58 -0.03
C GLU C 310 35.27 25.97 -0.32
N THR C 311 34.70 26.16 -1.50
CA THR C 311 33.41 25.59 -1.85
C THR C 311 33.51 24.94 -3.22
N LEU C 312 33.09 23.69 -3.31
CA LEU C 312 33.06 22.92 -4.55
C LEU C 312 31.66 22.36 -4.73
N THR C 313 31.01 22.68 -5.83
CA THR C 313 29.65 22.23 -6.11
C THR C 313 29.63 21.57 -7.48
N ILE C 314 29.16 20.32 -7.53
CA ILE C 314 29.01 19.56 -8.76
C ILE C 314 27.57 19.09 -8.82
N ARG C 315 26.87 19.42 -9.90
CA ARG C 315 25.48 19.03 -10.08
C ARG C 315 25.31 18.33 -11.42
N ARG C 316 24.56 17.22 -11.41
CA ARG C 316 24.17 16.51 -12.62
C ARG C 316 25.36 16.26 -13.52
N LEU C 317 26.44 15.73 -12.95
CA LEU C 317 27.59 15.36 -13.74
C LEU C 317 27.23 14.15 -14.61
N HIS C 318 27.47 14.28 -15.91
CA HIS C 318 27.21 13.21 -16.86
C HIS C 318 28.49 12.48 -17.18
N ILE C 319 28.41 11.16 -17.26
CA ILE C 319 29.50 10.32 -17.75
C ILE C 319 28.96 9.56 -18.96
N PRO C 320 29.55 9.73 -20.14
CA PRO C 320 28.92 9.19 -21.36
C PRO C 320 28.52 7.73 -21.27
N ARG C 321 27.52 7.38 -22.08
CA ARG C 321 27.06 6.00 -22.17
C ARG C 321 28.23 5.04 -22.42
N PHE C 322 29.08 5.38 -23.38
CA PHE C 322 30.25 4.57 -23.72
C PHE C 322 31.52 5.31 -23.32
N TYR C 323 31.70 5.47 -22.02
CA TYR C 323 32.81 6.26 -21.50
C TYR C 323 34.13 5.52 -21.68
N LEU C 324 35.21 6.29 -21.69
CA LEU C 324 36.57 5.77 -21.58
C LEU C 324 37.01 5.90 -20.13
N PHE C 325 37.45 4.80 -19.54
CA PHE C 325 37.78 4.80 -18.11
C PHE C 325 38.81 5.88 -17.80
N TYR C 326 38.67 6.49 -16.63
CA TYR C 326 39.64 7.46 -16.14
C TYR C 326 39.88 7.23 -14.66
N ASP C 327 41.05 7.65 -14.20
CA ASP C 327 41.46 7.50 -12.80
C ASP C 327 42.03 8.84 -12.34
N LEU C 328 41.22 9.60 -11.60
CA LEU C 328 41.62 10.90 -11.08
C LEU C 328 41.69 10.90 -9.56
N SER C 329 41.96 9.73 -8.97
CA SER C 329 42.09 9.65 -7.51
C SER C 329 43.23 10.52 -6.99
N THR C 330 44.19 10.86 -7.84
CA THR C 330 45.25 11.76 -7.42
C THR C 330 44.72 13.11 -6.96
N LEU C 331 43.50 13.47 -7.37
CA LEU C 331 42.90 14.73 -6.96
C LEU C 331 42.30 14.67 -5.56
N TYR C 332 42.17 13.48 -4.97
CA TYR C 332 41.63 13.37 -3.62
C TYR C 332 42.43 14.23 -2.65
N SER C 333 43.75 14.31 -2.85
CA SER C 333 44.61 15.06 -1.95
C SER C 333 44.47 16.57 -2.10
N LEU C 334 43.69 17.05 -3.07
CA LEU C 334 43.50 18.48 -3.29
C LEU C 334 42.33 19.06 -2.52
N THR C 335 41.65 18.26 -1.67
CA THR C 335 40.43 18.69 -1.01
C THR C 335 40.62 19.00 0.46
N GLU C 336 41.87 19.04 0.94
CA GLU C 336 42.11 19.15 2.39
C GLU C 336 41.65 20.47 2.97
N ARG C 337 41.48 21.51 2.16
CA ARG C 337 41.07 22.82 2.66
C ARG C 337 39.64 23.19 2.28
N VAL C 338 38.94 22.32 1.55
CA VAL C 338 37.57 22.62 1.15
C VAL C 338 36.65 22.47 2.35
N LYS C 339 35.78 23.45 2.55
CA LYS C 339 34.87 23.45 3.69
C LYS C 339 33.45 23.07 3.32
N ARG C 340 33.03 23.30 2.07
CA ARG C 340 31.65 23.06 1.65
C ARG C 340 31.66 22.35 0.31
N ILE C 341 31.03 21.19 0.24
CA ILE C 341 31.00 20.38 -0.98
C ILE C 341 29.58 19.94 -1.27
N THR C 342 29.17 20.11 -2.52
CA THR C 342 27.92 19.56 -3.03
C THR C 342 28.26 18.72 -4.24
N VAL C 343 27.88 17.44 -4.21
CA VAL C 343 27.98 16.55 -5.37
C VAL C 343 26.61 15.91 -5.53
N GLU C 344 25.72 16.59 -6.25
CA GLU C 344 24.32 16.21 -6.37
C GLU C 344 24.07 15.51 -7.69
N ASN C 345 23.31 14.41 -7.63
CA ASN C 345 22.80 13.73 -8.82
C ASN C 345 23.93 13.45 -9.82
N SER C 346 25.06 12.97 -9.31
CA SER C 346 26.24 12.71 -10.12
C SER C 346 26.70 11.26 -10.02
N LYS C 347 25.80 10.35 -9.65
CA LYS C 347 26.06 8.91 -9.71
C LYS C 347 27.23 8.52 -8.82
N VAL C 348 27.23 9.03 -7.59
CA VAL C 348 28.18 8.61 -6.56
C VAL C 348 27.63 7.37 -5.88
N PHE C 349 28.33 6.24 -6.03
CA PHE C 349 28.03 5.07 -5.22
C PHE C 349 29.17 4.69 -4.27
N LEU C 350 30.30 5.40 -4.33
CA LEU C 350 31.35 5.24 -3.34
C LEU C 350 31.91 6.59 -2.94
N VAL C 351 32.28 6.71 -1.68
CA VAL C 351 33.09 7.82 -1.18
C VAL C 351 34.25 7.19 -0.43
N PRO C 352 35.31 6.76 -1.11
CA PRO C 352 36.30 5.90 -0.46
C PRO C 352 37.00 6.59 0.72
N CYS C 353 37.47 5.77 1.65
CA CYS C 353 38.13 6.29 2.86
C CYS C 353 39.31 7.17 2.50
N LEU C 354 40.06 6.81 1.46
CA LEU C 354 41.16 7.67 1.01
C LEU C 354 40.69 9.10 0.81
N LEU C 355 39.55 9.28 0.14
CA LEU C 355 39.03 10.61 -0.10
C LEU C 355 38.55 11.27 1.19
N SER C 356 37.76 10.53 1.98
CA SER C 356 37.17 11.13 3.18
C SER C 356 38.23 11.54 4.18
N GLN C 357 39.37 10.82 4.23
CA GLN C 357 40.45 11.21 5.12
C GLN C 357 41.10 12.51 4.68
N HIS C 358 41.17 12.75 3.36
CA HIS C 358 41.70 14.01 2.88
C HIS C 358 40.76 15.18 3.10
N LEU C 359 39.49 14.94 3.44
CA LEU C 359 38.52 16.01 3.61
C LEU C 359 38.57 16.51 5.06
N LYS C 360 39.71 17.13 5.39
CA LYS C 360 39.96 17.55 6.77
C LYS C 360 39.12 18.77 7.15
N SER C 361 38.93 19.70 6.22
CA SER C 361 38.24 20.95 6.51
C SER C 361 36.75 20.91 6.20
N LEU C 362 36.25 19.80 5.68
CA LEU C 362 34.87 19.75 5.20
C LEU C 362 33.90 19.88 6.37
N GLU C 363 33.05 20.91 6.30
CA GLU C 363 32.00 21.13 7.29
C GLU C 363 30.61 20.79 6.79
N TYR C 364 30.41 20.81 5.48
CA TYR C 364 29.09 20.62 4.87
C TYR C 364 29.25 19.74 3.65
N LEU C 365 28.55 18.60 3.63
CA LEU C 365 28.58 17.67 2.50
C LEU C 365 27.14 17.38 2.07
N ASP C 366 26.84 17.68 0.82
CA ASP C 366 25.54 17.39 0.23
C ASP C 366 25.73 16.36 -0.87
N LEU C 367 25.22 15.15 -0.65
CA LEU C 367 25.30 14.05 -1.60
C LEU C 367 23.91 13.62 -2.05
N SER C 368 23.00 14.58 -2.20
CA SER C 368 21.64 14.28 -2.60
C SER C 368 21.59 13.59 -3.96
N GLU C 369 20.61 12.70 -4.12
CA GLU C 369 20.27 12.10 -5.41
C GLU C 369 21.41 11.27 -5.98
N ASN C 370 22.06 10.49 -5.14
CA ASN C 370 23.09 9.57 -5.62
C ASN C 370 22.72 8.13 -5.27
N LEU C 371 23.68 7.22 -5.29
CA LEU C 371 23.41 5.80 -5.11
C LEU C 371 24.17 5.24 -3.91
N MET C 372 24.26 6.02 -2.83
CA MET C 372 24.97 5.57 -1.64
C MET C 372 24.18 4.45 -0.95
N VAL C 373 24.84 3.31 -0.75
CA VAL C 373 24.32 2.23 0.07
C VAL C 373 25.02 2.30 1.42
N GLU C 374 24.28 1.92 2.48
CA GLU C 374 24.83 2.01 3.84
C GLU C 374 26.17 1.31 3.95
N GLU C 375 26.29 0.12 3.35
CA GLU C 375 27.44 -0.75 3.62
C GLU C 375 28.75 -0.01 3.45
N TYR C 376 28.92 0.69 2.33
CA TYR C 376 30.16 1.38 2.03
C TYR C 376 30.12 2.85 2.41
N LEU C 377 29.02 3.32 2.98
CA LEU C 377 29.05 4.56 3.75
C LEU C 377 29.85 4.37 5.04
N LYS C 378 29.93 3.13 5.53
CA LYS C 378 30.74 2.82 6.70
C LYS C 378 32.22 2.91 6.39
N ASN C 379 32.62 2.63 5.14
CA ASN C 379 34.01 2.83 4.75
C ASN C 379 34.34 4.31 4.68
N SER C 380 33.38 5.13 4.25
CA SER C 380 33.59 6.58 4.22
C SER C 380 33.86 7.14 5.60
N ALA C 381 33.25 6.54 6.62
CA ALA C 381 33.43 6.99 8.01
C ALA C 381 34.52 6.20 8.72
N CYS C 382 35.70 6.12 8.09
CA CYS C 382 36.84 5.44 8.68
C CYS C 382 37.48 6.33 9.74
N GLU C 383 38.51 5.79 10.40
CA GLU C 383 39.18 6.53 11.45
C GLU C 383 39.76 7.84 10.91
N ASP C 384 39.50 8.93 11.64
CA ASP C 384 39.98 10.26 11.29
C ASP C 384 39.36 10.80 10.02
N ALA C 385 38.22 10.25 9.60
CA ALA C 385 37.50 10.75 8.44
C ALA C 385 36.55 11.87 8.86
N TRP C 386 36.55 12.96 8.09
CA TRP C 386 35.59 14.03 8.29
C TRP C 386 35.63 14.57 9.72
N PRO C 387 36.80 14.93 10.25
CA PRO C 387 36.86 15.48 11.62
C PRO C 387 36.02 16.73 11.78
N SER C 388 35.82 17.52 10.72
CA SER C 388 35.14 18.80 10.81
C SER C 388 33.71 18.77 10.29
N LEU C 389 33.21 17.62 9.85
CA LEU C 389 31.92 17.57 9.18
C LEU C 389 30.79 17.69 10.20
N GLN C 390 29.93 18.71 10.02
CA GLN C 390 28.80 18.90 10.91
C GLN C 390 27.45 18.86 10.21
N THR C 391 27.41 18.92 8.88
CA THR C 391 26.18 18.76 8.12
C THR C 391 26.38 17.70 7.04
N LEU C 392 25.51 16.69 7.02
CA LEU C 392 25.57 15.61 6.04
C LEU C 392 24.18 15.40 5.45
N ILE C 393 24.08 15.49 4.12
CA ILE C 393 22.83 15.36 3.41
C ILE C 393 22.94 14.15 2.50
N LEU C 394 22.19 13.10 2.80
CA LEU C 394 22.12 11.90 1.97
C LEU C 394 20.70 11.71 1.44
N ARG C 395 20.06 12.83 1.10
CA ARG C 395 18.69 12.79 0.62
C ARG C 395 18.59 12.05 -0.70
N GLN C 396 17.56 11.22 -0.82
CA GLN C 396 17.25 10.52 -2.07
C GLN C 396 18.45 9.72 -2.59
N ASN C 397 19.01 8.91 -1.71
CA ASN C 397 19.94 7.85 -2.10
C ASN C 397 19.19 6.53 -2.04
N HIS C 398 19.90 5.42 -1.84
CA HIS C 398 19.31 4.09 -1.78
C HIS C 398 19.43 3.50 -0.38
N LEU C 399 19.25 4.33 0.65
CA LEU C 399 19.37 3.88 2.02
C LEU C 399 18.12 3.12 2.43
N ALA C 400 18.32 1.99 3.13
CA ALA C 400 17.24 1.07 3.45
C ALA C 400 17.05 0.84 4.94
N SER C 401 18.09 0.98 5.75
CA SER C 401 18.03 0.68 7.18
C SER C 401 18.37 1.92 7.98
N LEU C 402 17.42 2.37 8.81
CA LEU C 402 17.71 3.49 9.70
C LEU C 402 18.77 3.13 10.74
N GLU C 403 18.66 1.94 11.34
CA GLU C 403 19.62 1.54 12.35
C GLU C 403 21.04 1.53 11.79
N LYS C 404 21.24 0.94 10.60
CA LYS C 404 22.56 0.90 10.02
C LYS C 404 23.08 2.29 9.70
N THR C 405 22.19 3.17 9.23
CA THR C 405 22.61 4.54 8.90
C THR C 405 23.11 5.26 10.14
N GLY C 406 22.34 5.20 11.23
CA GLY C 406 22.76 5.87 12.46
C GLY C 406 24.09 5.34 12.97
N GLU C 407 24.23 4.00 13.04
CA GLU C 407 25.48 3.42 13.51
C GLU C 407 26.64 3.74 12.58
N THR C 408 26.38 3.87 11.28
CA THR C 408 27.45 4.17 10.33
C THR C 408 28.02 5.56 10.57
N LEU C 409 27.18 6.51 10.94
CA LEU C 409 27.60 7.89 11.16
C LEU C 409 28.04 8.15 12.59
N LEU C 410 28.02 7.13 13.45
CA LEU C 410 28.25 7.33 14.88
C LEU C 410 29.59 8.00 15.14
N THR C 411 30.64 7.58 14.43
CA THR C 411 31.99 8.02 14.70
C THR C 411 32.28 9.44 14.20
N LEU C 412 31.29 10.16 13.68
CA LEU C 412 31.48 11.53 13.22
C LEU C 412 31.07 12.45 14.36
N LYS C 413 32.00 12.65 15.29
CA LYS C 413 31.70 13.30 16.55
C LYS C 413 31.03 14.66 16.36
N ASN C 414 31.43 15.40 15.33
CA ASN C 414 30.96 16.76 15.14
C ASN C 414 29.70 16.86 14.28
N LEU C 415 29.11 15.72 13.90
CA LEU C 415 27.94 15.73 13.03
C LEU C 415 26.71 16.20 13.80
N THR C 416 26.12 17.31 13.36
CA THR C 416 24.94 17.88 14.02
C THR C 416 23.70 17.89 13.15
N ASN C 417 23.84 18.04 11.83
CA ASN C 417 22.71 18.02 10.90
C ASN C 417 22.81 16.79 10.03
N ILE C 418 21.78 15.95 10.05
CA ILE C 418 21.69 14.78 9.19
C ILE C 418 20.36 14.84 8.44
N ASP C 419 20.42 14.94 7.11
CA ASP C 419 19.25 14.89 6.26
C ASP C 419 19.30 13.59 5.47
N ILE C 420 18.43 12.64 5.84
CA ILE C 420 18.35 11.37 5.13
C ILE C 420 16.91 11.19 4.64
N SER C 421 16.26 12.30 4.30
CA SER C 421 14.90 12.24 3.81
C SER C 421 14.86 11.60 2.42
N LYS C 422 13.65 11.20 2.02
CA LYS C 422 13.42 10.61 0.70
C LYS C 422 14.25 9.35 0.49
N ASN C 423 14.41 8.57 1.56
CA ASN C 423 14.94 7.21 1.49
C ASN C 423 13.90 6.25 2.05
N SER C 424 13.83 5.06 1.47
CA SER C 424 12.76 4.10 1.80
C SER C 424 13.21 3.26 2.98
N PHE C 425 13.06 3.84 4.17
CA PHE C 425 13.44 3.14 5.40
C PHE C 425 12.31 2.20 5.87
N HIS C 426 11.06 2.63 5.75
CA HIS C 426 9.88 1.83 6.04
C HIS C 426 9.60 1.69 7.54
N SER C 427 10.63 1.37 8.34
CA SER C 427 10.43 1.17 9.77
C SER C 427 11.70 1.53 10.52
N MET C 428 11.63 1.43 11.85
CA MET C 428 12.79 1.68 12.70
C MET C 428 12.68 0.81 13.95
N PRO C 429 13.78 0.36 14.50
CA PRO C 429 13.74 -0.49 15.70
C PRO C 429 13.54 0.35 16.96
N GLU C 430 13.55 -0.33 18.11
CA GLU C 430 13.29 0.34 19.37
C GLU C 430 14.43 1.24 19.78
N THR C 431 15.68 0.83 19.54
CA THR C 431 16.85 1.57 19.97
C THR C 431 17.83 1.73 18.83
N CYS C 432 18.46 2.89 18.77
CA CYS C 432 19.42 3.23 17.72
C CYS C 432 20.58 3.99 18.34
N GLN C 433 21.61 4.20 17.53
CA GLN C 433 22.76 5.01 17.92
C GLN C 433 22.94 6.12 16.91
N TRP C 434 23.10 7.34 17.39
CA TRP C 434 23.28 8.51 16.54
C TRP C 434 24.41 9.36 17.11
N PRO C 435 25.03 10.20 16.28
CA PRO C 435 26.09 11.08 16.78
C PRO C 435 25.65 11.89 17.99
N GLU C 436 26.54 11.98 18.98
CA GLU C 436 26.21 12.63 20.25
C GLU C 436 25.60 14.01 20.04
N LYS C 437 26.09 14.76 19.05
CA LYS C 437 25.75 16.16 18.90
C LYS C 437 24.61 16.40 17.91
N MET C 438 23.94 15.34 17.45
CA MET C 438 22.88 15.52 16.46
C MET C 438 21.77 16.38 17.04
N LYS C 439 21.49 17.51 16.40
CA LYS C 439 20.42 18.41 16.79
C LYS C 439 19.32 18.54 15.76
N TYR C 440 19.57 18.15 14.51
CA TYR C 440 18.60 18.25 13.43
C TYR C 440 18.59 16.94 12.66
N LEU C 441 17.42 16.33 12.55
CA LEU C 441 17.25 15.08 11.83
C LEU C 441 16.03 15.20 10.92
N ASN C 442 16.22 14.91 9.64
CA ASN C 442 15.16 15.01 8.64
C ASN C 442 14.84 13.61 8.13
N LEU C 443 13.68 13.09 8.52
CA LEU C 443 13.20 11.79 8.08
C LEU C 443 11.97 11.93 7.18
N SER C 444 11.88 13.05 6.45
CA SER C 444 10.74 13.27 5.59
C SER C 444 10.72 12.26 4.44
N SER C 445 9.51 11.86 4.05
CA SER C 445 9.32 10.95 2.92
C SER C 445 10.17 9.69 3.07
N THR C 446 10.06 9.05 4.24
CA THR C 446 10.76 7.81 4.50
C THR C 446 9.81 6.61 4.61
N ARG C 447 8.51 6.81 4.37
CA ARG C 447 7.53 5.72 4.34
C ARG C 447 7.43 5.00 5.69
N ILE C 448 7.54 5.75 6.78
CA ILE C 448 7.41 5.18 8.11
C ILE C 448 5.98 5.31 8.58
N HIS C 449 5.51 4.31 9.32
CA HIS C 449 4.17 4.30 9.88
C HIS C 449 4.14 4.57 11.38
N SER C 450 5.30 4.65 12.03
CA SER C 450 5.37 4.95 13.45
C SER C 450 6.79 5.39 13.76
N VAL C 451 6.93 6.11 14.86
CA VAL C 451 8.23 6.55 15.35
C VAL C 451 8.50 5.85 16.68
N THR C 452 9.77 5.63 16.98
CA THR C 452 10.20 4.96 18.19
C THR C 452 11.30 5.76 18.86
N GLY C 453 11.77 5.26 20.01
CA GLY C 453 12.91 5.83 20.69
C GLY C 453 14.21 5.73 19.93
N CYS C 454 14.18 5.17 18.71
CA CYS C 454 15.29 5.34 17.78
C CYS C 454 15.64 6.82 17.64
N ILE C 455 14.63 7.69 17.62
CA ILE C 455 14.85 9.13 17.58
C ILE C 455 15.50 9.54 18.90
N PRO C 456 16.69 10.15 18.87
CA PRO C 456 17.37 10.46 20.14
C PRO C 456 16.85 11.73 20.79
N LYS C 457 17.01 11.79 22.12
CA LYS C 457 16.51 12.91 22.90
C LYS C 457 17.24 14.22 22.62
N THR C 458 18.43 14.17 22.02
CA THR C 458 19.21 15.37 21.79
C THR C 458 18.63 16.28 20.72
N LEU C 459 17.59 15.84 20.01
CA LEU C 459 17.13 16.59 18.85
C LEU C 459 16.54 17.94 19.24
N GLU C 460 16.81 18.94 18.41
CA GLU C 460 16.12 20.22 18.45
C GLU C 460 15.11 20.37 17.31
N ILE C 461 15.38 19.76 16.17
CA ILE C 461 14.53 19.87 14.99
C ILE C 461 14.32 18.48 14.41
N LEU C 462 13.06 18.06 14.35
CA LEU C 462 12.70 16.78 13.76
C LEU C 462 11.69 17.02 12.64
N ASP C 463 11.92 16.38 11.49
CA ASP C 463 11.01 16.46 10.35
C ASP C 463 10.61 15.03 9.97
N VAL C 464 9.35 14.68 10.22
CA VAL C 464 8.82 13.38 9.82
C VAL C 464 7.62 13.60 8.91
N SER C 465 7.66 14.68 8.13
CA SER C 465 6.59 14.99 7.19
C SER C 465 6.49 13.94 6.11
N ASN C 466 5.31 13.90 5.47
CA ASN C 466 5.08 13.07 4.28
C ASN C 466 5.38 11.61 4.56
N ASN C 467 4.83 11.10 5.66
CA ASN C 467 4.93 9.69 6.01
C ASN C 467 3.50 9.18 6.24
N ASN C 468 3.37 8.12 7.02
CA ASN C 468 2.07 7.52 7.30
C ASN C 468 1.85 7.39 8.81
N LEU C 469 2.31 8.36 9.58
CA LEU C 469 2.16 8.30 11.02
C LEU C 469 0.70 8.52 11.42
N ASN C 470 0.26 7.75 12.41
CA ASN C 470 -1.01 7.99 13.07
C ASN C 470 -0.85 8.62 14.45
N LEU C 471 0.30 8.42 15.08
CA LEU C 471 0.56 8.93 16.41
C LEU C 471 1.96 9.51 16.48
N PHE C 472 2.13 10.48 17.36
CA PHE C 472 3.45 10.95 17.77
C PHE C 472 3.40 11.18 19.28
N SER C 473 4.16 10.39 20.03
CA SER C 473 4.22 10.55 21.47
C SER C 473 5.63 10.24 21.96
N LEU C 474 6.62 10.87 21.36
CA LEU C 474 8.01 10.72 21.80
C LEU C 474 8.34 11.77 22.84
N ASN C 475 9.21 11.39 23.77
CA ASN C 475 9.71 12.32 24.78
C ASN C 475 11.01 12.93 24.28
N LEU C 476 10.92 14.13 23.71
CA LEU C 476 12.06 14.85 23.16
C LEU C 476 12.20 16.14 23.97
N PRO C 477 12.94 16.12 25.07
CA PRO C 477 12.95 17.28 25.98
C PRO C 477 13.54 18.54 25.36
N GLN C 478 14.33 18.42 24.31
CA GLN C 478 14.99 19.57 23.71
C GLN C 478 14.36 20.01 22.38
N LEU C 479 13.36 19.30 21.89
CA LEU C 479 12.82 19.60 20.57
C LEU C 479 12.19 20.99 20.57
N LYS C 480 12.61 21.82 19.61
CA LYS C 480 12.06 23.17 19.44
C LYS C 480 11.22 23.31 18.19
N GLU C 481 11.33 22.40 17.22
CA GLU C 481 10.56 22.47 15.99
C GLU C 481 10.19 21.05 15.57
N LEU C 482 8.90 20.80 15.39
CA LEU C 482 8.41 19.52 14.89
C LEU C 482 7.64 19.76 13.60
N TYR C 483 8.09 19.14 12.52
CA TYR C 483 7.40 19.17 11.24
C TYR C 483 6.85 17.77 10.97
N ILE C 484 5.53 17.65 10.90
CA ILE C 484 4.88 16.35 10.84
C ILE C 484 3.64 16.45 9.96
N SER C 485 3.64 17.41 9.04
CA SER C 485 2.54 17.56 8.11
C SER C 485 2.55 16.42 7.08
N ARG C 486 1.40 16.22 6.45
CA ARG C 486 1.20 15.16 5.46
C ARG C 486 1.45 13.78 6.07
N ASN C 487 0.70 13.50 7.13
CA ASN C 487 0.66 12.18 7.74
C ASN C 487 -0.81 11.83 7.90
N LYS C 488 -1.08 10.85 8.76
CA LYS C 488 -2.44 10.44 9.08
C LYS C 488 -2.68 10.52 10.57
N LEU C 489 -2.15 11.57 11.21
CA LEU C 489 -2.27 11.71 12.65
C LEU C 489 -3.73 11.78 13.07
N MET C 490 -4.12 10.89 13.99
CA MET C 490 -5.46 10.89 14.55
C MET C 490 -5.55 11.77 15.79
N THR C 491 -4.46 11.88 16.56
CA THR C 491 -4.39 12.75 17.72
C THR C 491 -3.16 13.63 17.60
N LEU C 492 -3.27 14.85 18.13
CA LEU C 492 -2.14 15.77 18.20
C LEU C 492 -0.95 15.08 18.88
N PRO C 493 0.28 15.38 18.48
CA PRO C 493 1.43 14.88 19.25
C PRO C 493 1.32 15.28 20.71
N ASP C 494 1.78 14.39 21.59
CA ASP C 494 1.75 14.66 23.01
C ASP C 494 2.61 15.88 23.33
N ALA C 495 1.98 17.06 23.40
CA ALA C 495 2.72 18.28 23.66
C ALA C 495 3.37 18.28 25.05
N SER C 496 2.84 17.49 25.99
CA SER C 496 3.43 17.45 27.33
C SER C 496 4.87 16.98 27.29
N LEU C 497 5.21 16.13 26.33
CA LEU C 497 6.56 15.61 26.18
C LEU C 497 7.43 16.48 25.29
N LEU C 498 6.89 17.57 24.75
CA LEU C 498 7.62 18.51 23.89
C LEU C 498 7.51 19.91 24.50
N PRO C 499 8.05 20.10 25.70
CA PRO C 499 7.81 21.37 26.41
C PRO C 499 8.42 22.58 25.73
N MET C 500 9.52 22.41 24.99
CA MET C 500 10.26 23.53 24.43
C MET C 500 9.88 23.83 22.99
N LEU C 501 8.76 23.31 22.52
CA LEU C 501 8.37 23.43 21.11
C LEU C 501 8.14 24.88 20.73
N LEU C 502 8.89 25.36 19.73
CA LEU C 502 8.65 26.66 19.13
C LEU C 502 7.71 26.57 17.93
N VAL C 503 7.86 25.52 17.12
CA VAL C 503 7.15 25.37 15.86
C VAL C 503 6.49 23.99 15.84
N LEU C 504 5.21 23.95 15.48
CA LEU C 504 4.46 22.69 15.36
C LEU C 504 3.69 22.74 14.04
N LYS C 505 4.21 22.08 13.02
CA LYS C 505 3.55 22.01 11.71
C LYS C 505 2.83 20.67 11.64
N ILE C 506 1.50 20.72 11.78
CA ILE C 506 0.70 19.51 11.87
C ILE C 506 -0.48 19.61 10.90
N SER C 507 -0.34 20.45 9.88
CA SER C 507 -1.37 20.56 8.87
C SER C 507 -1.37 19.31 7.99
N ARG C 508 -2.45 19.15 7.24
CA ARG C 508 -2.63 18.01 6.34
C ARG C 508 -2.45 16.70 7.10
N ASN C 509 -3.42 16.44 7.97
CA ASN C 509 -3.47 15.23 8.79
C ASN C 509 -4.94 14.84 8.94
N GLN C 510 -5.25 14.02 9.94
CA GLN C 510 -6.62 13.58 10.20
C GLN C 510 -7.10 14.01 11.58
N LEU C 511 -6.62 15.16 12.06
CA LEU C 511 -7.01 15.64 13.38
C LEU C 511 -8.45 16.16 13.35
N LYS C 512 -9.27 15.65 14.27
CA LYS C 512 -10.63 16.12 14.43
C LYS C 512 -10.84 16.95 15.69
N SER C 513 -9.95 16.84 16.67
CA SER C 513 -10.13 17.53 17.93
C SER C 513 -8.76 17.74 18.56
N VAL C 514 -8.75 18.45 19.69
CA VAL C 514 -7.53 18.73 20.44
C VAL C 514 -7.86 18.64 21.93
N PRO C 515 -7.00 18.04 22.75
CA PRO C 515 -7.26 18.05 24.20
C PRO C 515 -7.19 19.46 24.76
N ASP C 516 -8.13 19.77 25.65
CA ASP C 516 -8.24 21.12 26.18
C ASP C 516 -6.98 21.53 26.93
N GLY C 517 -6.60 22.80 26.76
CA GLY C 517 -5.45 23.38 27.42
C GLY C 517 -4.10 22.99 26.87
N ILE C 518 -4.06 22.20 25.80
CA ILE C 518 -2.79 21.59 25.39
C ILE C 518 -1.75 22.65 25.05
N PHE C 519 -2.18 23.75 24.44
CA PHE C 519 -1.24 24.77 23.98
C PHE C 519 -0.84 25.77 25.06
N ASP C 520 -1.57 25.82 26.17
CA ASP C 520 -1.21 26.74 27.25
C ASP C 520 0.14 26.37 27.87
N ARG C 521 0.47 25.09 27.87
CA ARG C 521 1.73 24.64 28.47
C ARG C 521 2.91 24.70 27.50
N LEU C 522 2.65 24.77 26.20
CA LEU C 522 3.71 25.03 25.22
C LEU C 522 4.01 26.53 25.25
N THR C 523 4.71 26.93 26.32
CA THR C 523 4.88 28.35 26.62
C THR C 523 5.73 29.09 25.60
N SER C 524 6.44 28.38 24.71
CA SER C 524 7.32 29.02 23.73
C SER C 524 6.78 28.91 22.31
N LEU C 525 5.51 28.57 22.15
CA LEU C 525 4.94 28.34 20.82
C LEU C 525 4.87 29.65 20.04
N GLN C 526 5.47 29.65 18.85
CA GLN C 526 5.51 30.81 17.97
C GLN C 526 4.66 30.65 16.72
N LYS C 527 4.79 29.52 16.02
CA LYS C 527 4.04 29.25 14.80
C LYS C 527 3.45 27.85 14.88
N ILE C 528 2.26 27.69 14.31
CA ILE C 528 1.57 26.41 14.33
C ILE C 528 0.72 26.29 13.08
N TRP C 529 0.80 25.14 12.42
CA TRP C 529 -0.01 24.82 11.24
C TRP C 529 -1.12 23.86 11.66
N LEU C 530 -2.38 24.25 11.44
CA LEU C 530 -3.50 23.40 11.77
C LEU C 530 -4.47 23.16 10.61
N HIS C 531 -4.23 23.77 9.45
CA HIS C 531 -5.20 23.70 8.37
C HIS C 531 -5.20 22.32 7.71
N THR C 532 -6.20 22.11 6.86
CA THR C 532 -6.37 20.85 6.14
C THR C 532 -6.43 19.67 7.11
N ASN C 533 -7.17 19.86 8.21
CA ASN C 533 -7.57 18.78 9.10
C ASN C 533 -9.08 18.74 9.20
N PRO C 534 -9.70 17.57 9.27
CA PRO C 534 -11.17 17.52 9.37
C PRO C 534 -11.66 17.85 10.78
N TRP C 535 -11.51 19.12 11.15
CA TRP C 535 -11.90 19.56 12.49
C TRP C 535 -13.41 19.44 12.67
N ASP C 536 -13.83 18.62 13.63
CA ASP C 536 -15.25 18.50 13.97
C ASP C 536 -15.69 19.74 14.72
N CYS C 537 -16.51 20.57 14.08
CA CYS C 537 -16.94 21.84 14.68
C CYS C 537 -18.25 21.70 15.44
N SER C 538 -18.29 20.74 16.38
CA SER C 538 -19.39 20.61 17.32
C SER C 538 -19.08 21.49 18.53
N CYS C 539 -20.03 22.34 18.92
CA CYS C 539 -19.71 23.44 19.81
C CYS C 539 -19.14 23.00 21.15
N PRO C 540 -19.66 21.99 21.84
CA PRO C 540 -19.07 21.61 23.14
C PRO C 540 -17.65 21.07 23.04
N ARG C 541 -17.14 20.85 21.84
CA ARG C 541 -15.84 20.22 21.63
C ARG C 541 -14.79 21.17 21.07
N ILE C 542 -15.18 22.06 20.15
CA ILE C 542 -14.24 23.00 19.55
C ILE C 542 -14.09 24.28 20.35
N ASP C 543 -14.81 24.43 21.47
CA ASP C 543 -14.79 25.68 22.20
C ASP C 543 -13.36 26.10 22.50
N TYR C 544 -12.56 25.20 23.07
CA TYR C 544 -11.20 25.56 23.42
C TYR C 544 -10.37 25.91 22.18
N LEU C 545 -10.50 25.11 21.12
CA LEU C 545 -9.67 25.34 19.94
C LEU C 545 -10.06 26.63 19.23
N SER C 546 -11.36 26.85 19.02
CA SER C 546 -11.81 28.07 18.39
C SER C 546 -11.42 29.29 19.22
N ARG C 547 -11.61 29.22 20.54
CA ARG C 547 -11.27 30.34 21.41
C ARG C 547 -9.77 30.61 21.41
N TRP C 548 -8.96 29.55 21.45
CA TRP C 548 -7.50 29.74 21.48
C TRP C 548 -7.00 30.36 20.19
N LEU C 549 -7.54 29.93 19.05
CA LEU C 549 -7.13 30.49 17.77
C LEU C 549 -7.38 31.99 17.73
N ASN C 550 -8.54 32.44 18.24
CA ASN C 550 -8.88 33.86 18.19
C ASN C 550 -7.94 34.68 19.07
N LYS C 551 -7.57 34.16 20.24
CA LYS C 551 -6.66 34.86 21.14
C LYS C 551 -5.20 34.76 20.72
N ASN C 552 -4.87 33.84 19.82
CA ASN C 552 -3.50 33.64 19.35
C ASN C 552 -3.44 33.64 17.84
N SER C 553 -4.26 34.48 17.19
CA SER C 553 -4.42 34.41 15.74
C SER C 553 -3.09 34.58 15.02
N GLN C 554 -2.20 35.42 15.55
CA GLN C 554 -0.93 35.69 14.87
C GLN C 554 -0.07 34.44 14.76
N LYS C 555 -0.32 33.42 15.56
CA LYS C 555 0.51 32.22 15.55
C LYS C 555 0.11 31.24 14.46
N GLU C 556 -1.18 31.21 14.10
CA GLU C 556 -1.65 30.22 13.14
C GLU C 556 -1.17 30.57 11.74
N GLN C 557 -0.52 29.61 11.10
CA GLN C 557 -0.16 29.72 9.69
C GLN C 557 -1.26 29.04 8.87
N GLY C 558 -1.90 29.82 7.99
CA GLY C 558 -3.12 29.35 7.35
C GLY C 558 -4.32 29.59 8.26
N SER C 559 -5.38 28.84 7.99
CA SER C 559 -6.58 28.91 8.83
C SER C 559 -7.24 27.54 8.87
N ALA C 560 -7.55 27.09 10.08
CA ALA C 560 -8.24 25.82 10.25
C ALA C 560 -9.70 25.96 9.84
N LYS C 561 -10.14 25.07 8.96
CA LYS C 561 -11.52 25.06 8.46
C LYS C 561 -12.28 23.86 9.03
N CYS C 562 -13.58 24.03 9.20
CA CYS C 562 -14.43 22.94 9.67
C CYS C 562 -14.55 21.87 8.58
N SER C 563 -14.87 20.65 9.01
CA SER C 563 -14.91 19.53 8.09
C SER C 563 -16.06 19.66 7.10
N GLY C 564 -17.29 19.70 7.60
CA GLY C 564 -18.45 19.80 6.75
C GLY C 564 -18.38 20.99 5.80
N SER C 565 -18.51 22.19 6.35
CA SER C 565 -18.42 23.41 5.57
C SER C 565 -16.98 23.93 5.54
N GLY C 566 -16.65 24.66 4.48
CA GLY C 566 -15.35 25.28 4.38
C GLY C 566 -15.29 26.60 5.12
N LYS C 567 -15.76 26.61 6.37
CA LYS C 567 -15.86 27.83 7.18
C LYS C 567 -14.76 27.86 8.24
N PRO C 568 -14.20 29.04 8.52
CA PRO C 568 -13.11 29.12 9.51
C PRO C 568 -13.52 28.55 10.86
N VAL C 569 -12.57 27.87 11.50
CA VAL C 569 -12.79 27.37 12.85
C VAL C 569 -12.85 28.52 13.84
N ARG C 570 -11.97 29.51 13.67
CA ARG C 570 -11.96 30.65 14.58
C ARG C 570 -13.26 31.43 14.52
N SER C 571 -14.02 31.30 13.43
CA SER C 571 -15.28 32.01 13.28
C SER C 571 -16.42 31.23 13.94
N ILE C 572 -16.11 30.49 15.00
CA ILE C 572 -17.11 29.71 15.73
C ILE C 572 -17.01 30.08 17.21
N ILE C 573 -18.10 30.62 17.75
CA ILE C 573 -18.18 31.01 19.15
C ILE C 573 -19.20 30.10 19.83
N CYS C 574 -18.86 29.59 21.01
CA CYS C 574 -19.72 28.68 21.75
C CYS C 574 -20.04 29.25 23.13
N PRO C 575 -21.21 28.92 23.68
CA PRO C 575 -21.65 29.47 24.98
C PRO C 575 -20.76 29.04 26.15
N SER D 27 11.75 -41.35 27.41
CA SER D 27 10.75 -41.24 26.35
C SER D 27 11.38 -41.53 24.99
N LEU D 28 10.80 -42.49 24.27
CA LEU D 28 11.28 -42.89 22.96
C LEU D 28 10.07 -43.13 22.07
N SER D 29 10.01 -42.40 20.96
CA SER D 29 8.89 -42.47 20.03
C SER D 29 9.33 -43.22 18.78
N CYS D 30 8.67 -44.34 18.48
CA CYS D 30 9.01 -45.16 17.33
C CYS D 30 7.91 -45.14 16.28
N ASP D 31 8.31 -45.56 15.09
CA ASP D 31 7.42 -45.70 13.94
C ASP D 31 6.87 -47.12 13.89
N ARG D 32 5.83 -47.31 13.08
CA ARG D 32 5.35 -48.67 12.84
C ARG D 32 6.37 -49.49 12.07
N ASN D 33 7.43 -48.86 11.55
CA ASN D 33 8.46 -49.55 10.78
C ASN D 33 9.81 -49.56 11.51
N GLY D 34 9.82 -49.26 12.80
CA GLY D 34 11.03 -49.33 13.59
C GLY D 34 11.89 -48.07 13.58
N ILE D 35 11.40 -46.98 13.00
CA ILE D 35 12.13 -45.72 13.01
C ILE D 35 11.88 -45.07 14.38
N CYS D 36 12.91 -44.98 15.20
CA CYS D 36 12.78 -44.53 16.57
C CYS D 36 13.60 -43.26 16.79
N LYS D 37 13.04 -42.34 17.58
CA LYS D 37 13.65 -41.03 17.83
C LYS D 37 13.40 -40.63 19.27
N GLY D 38 14.43 -40.06 19.89
CA GLY D 38 14.31 -39.55 21.24
C GLY D 38 14.36 -38.05 21.29
N SER D 39 13.20 -37.40 21.12
CA SER D 39 13.16 -35.94 21.08
C SER D 39 13.31 -35.32 22.47
N SER D 40 12.75 -35.97 23.50
CA SER D 40 12.94 -35.50 24.87
C SER D 40 14.43 -35.49 25.19
N GLY D 41 14.99 -34.29 25.36
CA GLY D 41 16.42 -34.16 25.58
C GLY D 41 16.91 -34.68 26.93
N SER D 42 16.03 -35.36 27.67
CA SER D 42 16.29 -35.73 29.06
C SER D 42 16.81 -37.16 29.22
N LEU D 43 17.47 -37.70 28.21
CA LEU D 43 18.02 -39.05 28.29
C LEU D 43 19.46 -38.98 28.78
N ASN D 44 19.77 -39.82 29.78
CA ASN D 44 21.12 -39.91 30.32
C ASN D 44 21.87 -41.16 29.88
N SER D 45 21.18 -42.11 29.24
CA SER D 45 21.83 -43.29 28.71
C SER D 45 20.93 -43.86 27.61
N ILE D 46 21.45 -44.83 26.88
CA ILE D 46 20.66 -45.45 25.81
C ILE D 46 19.51 -46.23 26.44
N PRO D 47 18.27 -46.09 25.95
CA PRO D 47 17.14 -46.74 26.61
C PRO D 47 17.32 -48.24 26.80
N SER D 48 16.61 -48.79 27.78
CA SER D 48 16.66 -50.22 28.05
C SER D 48 15.73 -50.97 27.11
N GLY D 49 16.01 -52.26 26.93
CA GLY D 49 15.14 -53.14 26.18
C GLY D 49 14.97 -52.78 24.73
N LEU D 50 16.07 -52.49 24.02
CA LEU D 50 16.02 -52.36 22.58
C LEU D 50 16.02 -53.76 21.96
N THR D 51 15.34 -53.88 20.81
CA THR D 51 15.00 -55.19 20.27
C THR D 51 15.40 -55.27 18.81
N GLU D 52 15.15 -56.44 18.21
CA GLU D 52 15.48 -56.72 16.82
C GLU D 52 14.56 -56.01 15.84
N ALA D 53 13.60 -55.24 16.32
CA ALA D 53 12.63 -54.56 15.46
C ALA D 53 12.97 -53.09 15.25
N VAL D 54 14.03 -52.59 15.87
CA VAL D 54 14.44 -51.20 15.68
C VAL D 54 15.30 -51.10 14.43
N LYS D 55 14.81 -50.36 13.43
CA LYS D 55 15.52 -50.19 12.17
C LYS D 55 16.36 -48.92 12.14
N SER D 56 15.98 -47.90 12.91
CA SER D 56 16.72 -46.65 12.98
C SER D 56 16.59 -46.10 14.39
N LEU D 57 17.64 -45.42 14.86
CA LEU D 57 17.69 -44.94 16.23
C LEU D 57 18.34 -43.57 16.24
N ASP D 58 17.53 -42.54 16.45
CA ASP D 58 17.99 -41.14 16.48
C ASP D 58 17.87 -40.64 17.92
N LEU D 59 18.99 -40.66 18.65
CA LEU D 59 19.04 -40.17 20.02
C LEU D 59 19.85 -38.89 20.13
N SER D 60 19.82 -38.05 19.11
CA SER D 60 20.61 -36.84 19.11
C SER D 60 20.08 -35.82 20.12
N ASN D 61 20.97 -34.95 20.59
CA ASN D 61 20.60 -33.86 21.49
C ASN D 61 20.00 -34.38 22.80
N ASN D 62 20.65 -35.36 23.39
CA ASN D 62 20.30 -35.86 24.71
C ASN D 62 21.51 -35.70 25.64
N ARG D 63 21.39 -36.23 26.85
CA ARG D 63 22.44 -36.15 27.85
C ARG D 63 23.19 -37.47 28.01
N ILE D 64 23.18 -38.31 26.98
CA ILE D 64 23.87 -39.59 27.07
C ILE D 64 25.37 -39.36 27.25
N THR D 65 25.97 -40.14 28.13
CA THR D 65 27.39 -40.05 28.44
C THR D 65 28.15 -41.34 28.23
N TYR D 66 27.49 -42.48 28.36
CA TYR D 66 28.15 -43.78 28.36
C TYR D 66 27.45 -44.72 27.39
N ILE D 67 28.22 -45.65 26.83
CA ILE D 67 27.67 -46.69 25.97
C ILE D 67 28.28 -48.02 26.39
N SER D 68 27.51 -48.82 27.14
CA SER D 68 27.96 -50.16 27.49
C SER D 68 27.80 -51.09 26.29
N ASN D 69 28.58 -52.17 26.30
CA ASN D 69 28.56 -53.07 25.15
C ASN D 69 27.40 -54.06 25.19
N SER D 70 26.42 -53.84 26.07
CA SER D 70 25.22 -54.66 26.13
C SER D 70 23.95 -53.89 25.82
N ASP D 71 24.01 -52.56 25.75
CA ASP D 71 22.81 -51.76 25.56
C ASP D 71 22.37 -51.67 24.10
N LEU D 72 23.21 -52.07 23.16
CA LEU D 72 22.85 -52.11 21.74
C LEU D 72 23.00 -53.50 21.15
N GLN D 73 23.22 -54.53 21.99
CA GLN D 73 23.60 -55.83 21.47
C GLN D 73 22.47 -56.55 20.75
N ARG D 74 21.21 -56.21 21.05
CA ARG D 74 20.07 -56.84 20.40
C ARG D 74 19.58 -56.10 19.16
N CYS D 75 20.22 -54.97 18.81
CA CYS D 75 19.82 -54.20 17.64
C CYS D 75 20.49 -54.76 16.38
N VAL D 76 20.24 -56.05 16.15
CA VAL D 76 20.84 -56.75 15.01
C VAL D 76 20.37 -56.19 13.68
N ASN D 77 19.25 -55.48 13.66
CA ASN D 77 18.69 -54.92 12.43
C ASN D 77 18.85 -53.41 12.34
N LEU D 78 19.56 -52.80 13.28
CA LEU D 78 19.76 -51.36 13.25
C LEU D 78 20.51 -50.95 11.99
N GLN D 79 19.90 -50.08 11.20
CA GLN D 79 20.54 -49.55 10.00
C GLN D 79 21.10 -48.15 10.18
N ALA D 80 20.62 -47.39 11.16
CA ALA D 80 21.05 -46.03 11.38
C ALA D 80 21.13 -45.75 12.88
N LEU D 81 22.23 -45.12 13.30
CA LEU D 81 22.45 -44.79 14.70
C LEU D 81 22.98 -43.37 14.75
N VAL D 82 22.18 -42.44 15.28
CA VAL D 82 22.54 -41.03 15.35
C VAL D 82 22.62 -40.64 16.82
N LEU D 83 23.81 -40.23 17.26
CA LEU D 83 24.03 -39.79 18.63
C LEU D 83 24.59 -38.37 18.68
N THR D 84 24.32 -37.57 17.64
CA THR D 84 24.87 -36.23 17.55
C THR D 84 24.57 -35.41 18.81
N SER D 85 25.55 -34.59 19.20
CA SER D 85 25.38 -33.60 20.27
C SER D 85 24.86 -34.24 21.56
N ASN D 86 25.45 -35.36 21.92
CA ASN D 86 25.32 -35.91 23.26
C ASN D 86 26.61 -35.58 24.03
N GLY D 87 26.78 -36.20 25.19
CA GLY D 87 27.97 -35.98 25.99
C GLY D 87 28.81 -37.23 26.14
N ILE D 88 28.85 -38.07 25.10
CA ILE D 88 29.45 -39.39 25.21
C ILE D 88 30.93 -39.25 25.51
N ASN D 89 31.35 -39.79 26.66
CA ASN D 89 32.76 -39.80 27.05
C ASN D 89 33.47 -41.08 26.62
N THR D 90 32.87 -42.23 26.89
CA THR D 90 33.48 -43.52 26.63
C THR D 90 32.49 -44.46 25.96
N ILE D 91 33.03 -45.38 25.15
CA ILE D 91 32.27 -46.41 24.47
C ILE D 91 33.02 -47.72 24.64
N GLU D 92 32.41 -48.67 25.34
CA GLU D 92 33.06 -49.96 25.56
C GLU D 92 33.38 -50.61 24.21
N GLU D 93 34.42 -51.47 24.23
CA GLU D 93 35.00 -51.95 22.98
C GLU D 93 33.98 -52.66 22.11
N ASP D 94 33.18 -53.54 22.70
CA ASP D 94 32.31 -54.44 21.95
C ASP D 94 30.90 -53.88 21.75
N SER D 95 30.70 -52.58 21.93
CA SER D 95 29.35 -52.03 21.90
C SER D 95 28.69 -52.18 20.54
N PHE D 96 29.47 -52.35 19.47
CA PHE D 96 28.92 -52.45 18.13
C PHE D 96 29.09 -53.84 17.54
N SER D 97 29.35 -54.84 18.39
CA SER D 97 29.63 -56.18 17.90
C SER D 97 28.46 -56.75 17.10
N SER D 98 27.23 -56.43 17.50
CA SER D 98 26.04 -56.94 16.84
C SER D 98 25.52 -56.02 15.74
N LEU D 99 26.15 -54.87 15.53
CA LEU D 99 25.64 -53.87 14.58
C LEU D 99 26.22 -54.09 13.19
N GLY D 100 26.18 -55.34 12.72
CA GLY D 100 26.72 -55.68 11.41
C GLY D 100 25.88 -55.22 10.24
N SER D 101 24.62 -54.83 10.48
CA SER D 101 23.77 -54.27 9.44
C SER D 101 23.76 -52.74 9.47
N LEU D 102 24.43 -52.13 10.44
CA LEU D 102 24.47 -50.67 10.52
C LEU D 102 25.10 -50.08 9.26
N GLU D 103 24.39 -49.12 8.66
CA GLU D 103 24.88 -48.42 7.48
C GLU D 103 25.25 -46.98 7.76
N HIS D 104 24.74 -46.39 8.84
CA HIS D 104 24.84 -44.96 9.09
C HIS D 104 25.17 -44.77 10.56
N LEU D 105 26.36 -44.26 10.85
CA LEU D 105 26.78 -43.99 12.23
C LEU D 105 27.21 -42.54 12.35
N ASP D 106 26.61 -41.83 13.29
CA ASP D 106 26.89 -40.41 13.53
C ASP D 106 27.19 -40.23 15.01
N LEU D 107 28.47 -39.99 15.32
CA LEU D 107 28.92 -39.71 16.67
C LEU D 107 29.39 -38.27 16.82
N SER D 108 28.88 -37.38 15.98
CA SER D 108 29.35 -36.00 15.94
C SER D 108 29.17 -35.30 17.28
N TYR D 109 30.05 -34.33 17.53
CA TYR D 109 29.92 -33.37 18.63
C TYR D 109 29.56 -34.06 19.95
N ASN D 110 30.33 -35.10 20.26
CA ASN D 110 30.36 -35.70 21.58
C ASN D 110 31.70 -35.32 22.24
N TYR D 111 32.06 -36.02 23.30
CA TYR D 111 33.32 -35.75 23.98
C TYR D 111 34.23 -36.98 23.93
N LEU D 112 34.36 -37.56 22.74
CA LEU D 112 35.26 -38.69 22.51
C LEU D 112 36.67 -38.13 22.29
N SER D 113 37.52 -38.22 23.30
CA SER D 113 38.91 -37.80 23.17
C SER D 113 39.82 -38.92 22.69
N ASN D 114 39.31 -40.15 22.62
CA ASN D 114 40.09 -41.31 22.22
C ASN D 114 39.19 -42.21 21.38
N LEU D 115 39.68 -42.61 20.20
CA LEU D 115 38.93 -43.45 19.28
C LEU D 115 39.51 -44.85 19.29
N SER D 116 38.64 -45.86 19.37
CA SER D 116 39.04 -47.25 19.43
C SER D 116 38.75 -47.95 18.11
N SER D 117 39.70 -48.75 17.65
CA SER D 117 39.52 -49.50 16.41
C SER D 117 38.48 -50.61 16.55
N SER D 118 38.13 -51.00 17.78
CA SER D 118 37.19 -52.09 17.97
C SER D 118 35.75 -51.67 17.78
N TRP D 119 35.45 -50.37 17.79
CA TRP D 119 34.10 -49.92 17.52
C TRP D 119 33.70 -50.21 16.08
N PHE D 120 34.65 -50.13 15.15
CA PHE D 120 34.34 -50.18 13.72
C PHE D 120 34.62 -51.53 13.08
N LYS D 121 35.30 -52.44 13.78
CA LYS D 121 35.58 -53.76 13.22
C LYS D 121 34.31 -54.48 12.80
N PRO D 122 33.24 -54.53 13.61
CA PRO D 122 32.05 -55.29 13.22
C PRO D 122 31.12 -54.58 12.25
N LEU D 123 31.40 -53.32 11.89
CA LEU D 123 30.48 -52.52 11.09
C LEU D 123 30.73 -52.77 9.60
N SER D 124 30.49 -54.02 9.19
CA SER D 124 30.86 -54.48 7.85
C SER D 124 30.03 -53.84 6.76
N SER D 125 28.85 -53.30 7.07
CA SER D 125 27.99 -52.66 6.07
C SER D 125 27.87 -51.16 6.28
N LEU D 126 28.84 -50.54 6.95
CA LEU D 126 28.76 -49.12 7.24
C LEU D 126 29.01 -48.32 5.96
N THR D 127 28.16 -47.32 5.72
CA THR D 127 28.23 -46.47 4.56
C THR D 127 28.49 -45.01 4.89
N PHE D 128 28.10 -44.56 6.08
CA PHE D 128 28.25 -43.18 6.50
C PHE D 128 28.83 -43.18 7.91
N LEU D 129 29.95 -42.48 8.09
CA LEU D 129 30.57 -42.34 9.40
C LEU D 129 30.91 -40.89 9.63
N ASN D 130 30.41 -40.32 10.72
CA ASN D 130 30.68 -38.94 11.08
C ASN D 130 31.26 -38.91 12.49
N LEU D 131 32.50 -38.42 12.60
CA LEU D 131 33.17 -38.28 13.89
C LEU D 131 33.55 -36.84 14.19
N LEU D 132 33.04 -35.89 13.41
CA LEU D 132 33.39 -34.48 13.59
C LEU D 132 33.01 -34.00 14.98
N GLY D 133 33.75 -33.02 15.48
CA GLY D 133 33.38 -32.31 16.69
C GLY D 133 33.72 -33.01 17.98
N ASN D 134 34.46 -34.11 17.93
CA ASN D 134 34.94 -34.73 19.15
C ASN D 134 36.37 -34.26 19.43
N PRO D 135 36.75 -34.07 20.71
CA PRO D 135 38.03 -33.44 21.06
C PRO D 135 39.21 -34.40 21.09
N TYR D 136 39.41 -35.17 20.03
CA TYR D 136 40.61 -36.00 19.89
C TYR D 136 41.67 -35.23 19.12
N LYS D 137 42.93 -35.41 19.52
CA LYS D 137 44.04 -34.77 18.83
C LYS D 137 44.42 -35.52 17.55
N THR D 138 44.28 -36.84 17.57
CA THR D 138 44.70 -37.69 16.46
C THR D 138 43.70 -38.83 16.33
N LEU D 139 43.68 -39.46 15.16
CA LEU D 139 42.81 -40.62 14.98
C LEU D 139 43.35 -41.86 15.68
N GLY D 140 44.54 -41.79 16.27
CA GLY D 140 45.06 -42.87 17.07
C GLY D 140 46.23 -43.56 16.39
N GLU D 141 46.85 -44.48 17.16
CA GLU D 141 47.96 -45.29 16.68
C GLU D 141 47.50 -46.56 15.97
N THR D 142 46.20 -46.80 15.88
CA THR D 142 45.64 -47.95 15.17
C THR D 142 44.69 -47.46 14.10
N SER D 143 44.85 -47.96 12.88
CA SER D 143 43.96 -47.59 11.80
C SER D 143 42.53 -48.00 12.14
N LEU D 144 41.60 -47.06 11.96
CA LEU D 144 40.23 -47.25 12.42
C LEU D 144 39.28 -47.74 11.34
N PHE D 145 39.64 -47.60 10.06
CA PHE D 145 38.69 -47.81 8.97
C PHE D 145 39.09 -48.95 8.04
N SER D 146 40.07 -49.77 8.43
CA SER D 146 40.53 -50.83 7.54
C SER D 146 39.43 -51.82 7.20
N HIS D 147 38.44 -51.98 8.08
CA HIS D 147 37.38 -52.96 7.90
C HIS D 147 36.09 -52.35 7.39
N LEU D 148 36.07 -51.06 7.08
CA LEU D 148 34.88 -50.40 6.56
C LEU D 148 34.89 -50.47 5.03
N THR D 149 34.63 -51.70 4.54
CA THR D 149 34.76 -51.99 3.12
C THR D 149 33.74 -51.23 2.27
N LYS D 150 32.57 -50.93 2.82
CA LYS D 150 31.51 -50.28 2.06
C LYS D 150 31.44 -48.78 2.29
N LEU D 151 32.34 -48.21 3.10
CA LEU D 151 32.22 -46.80 3.45
C LEU D 151 32.21 -45.92 2.21
N GLN D 152 31.30 -44.95 2.20
CA GLN D 152 31.19 -43.96 1.14
C GLN D 152 31.40 -42.53 1.61
N ILE D 153 30.98 -42.20 2.84
CA ILE D 153 31.09 -40.86 3.38
C ILE D 153 31.79 -40.95 4.73
N LEU D 154 32.86 -40.17 4.91
CA LEU D 154 33.63 -40.14 6.14
C LEU D 154 33.91 -38.69 6.51
N ARG D 155 33.62 -38.34 7.76
CA ARG D 155 33.85 -36.99 8.26
C ARG D 155 34.66 -37.08 9.54
N VAL D 156 35.76 -36.32 9.62
CA VAL D 156 36.72 -36.46 10.69
C VAL D 156 37.30 -35.09 11.02
N GLY D 157 37.59 -34.88 12.28
CA GLY D 157 38.34 -33.71 12.73
C GLY D 157 37.54 -32.85 13.68
N ASN D 158 38.11 -31.68 13.98
CA ASN D 158 37.47 -30.69 14.82
C ASN D 158 38.19 -29.37 14.60
N MET D 159 37.71 -28.32 15.26
CA MET D 159 38.21 -26.98 15.00
C MET D 159 39.44 -26.61 15.79
N ASP D 160 39.63 -27.20 16.97
CA ASP D 160 40.63 -26.68 17.91
C ASP D 160 41.70 -27.67 18.32
N THR D 161 41.37 -28.96 18.51
CA THR D 161 42.32 -29.89 19.09
C THR D 161 42.91 -30.89 18.10
N PHE D 162 42.32 -31.05 16.92
CA PHE D 162 42.82 -32.00 15.92
C PHE D 162 44.04 -31.39 15.24
N THR D 163 45.23 -31.94 15.52
CA THR D 163 46.48 -31.36 15.04
C THR D 163 47.36 -32.31 14.23
N LYS D 164 47.13 -33.62 14.27
CA LYS D 164 47.99 -34.58 13.59
C LYS D 164 47.20 -35.39 12.56
N ILE D 165 47.79 -35.54 11.38
CA ILE D 165 47.34 -36.52 10.39
C ILE D 165 48.50 -37.46 10.10
N GLN D 166 48.32 -38.75 10.41
CA GLN D 166 49.33 -39.76 10.18
C GLN D 166 49.02 -40.56 8.92
N ARG D 167 50.04 -41.25 8.40
CA ARG D 167 49.84 -42.03 7.19
C ARG D 167 48.95 -43.24 7.42
N LYS D 168 48.85 -43.72 8.66
CA LYS D 168 47.98 -44.84 8.98
C LYS D 168 46.52 -44.44 9.10
N ASP D 169 46.21 -43.14 9.07
CA ASP D 169 44.88 -42.68 9.43
C ASP D 169 43.80 -43.19 8.48
N PHE D 170 44.10 -43.21 7.18
CA PHE D 170 43.13 -43.60 6.16
C PHE D 170 43.63 -44.83 5.41
N ALA D 171 44.20 -45.78 6.15
CA ALA D 171 44.93 -46.88 5.53
C ALA D 171 44.06 -47.67 4.58
N GLY D 172 42.98 -48.28 5.09
CA GLY D 172 42.22 -49.22 4.31
C GLY D 172 41.10 -48.64 3.46
N LEU D 173 41.17 -47.35 3.19
CA LEU D 173 40.17 -46.68 2.36
C LEU D 173 40.72 -46.54 0.94
N THR D 174 40.02 -47.11 -0.03
CA THR D 174 40.40 -47.05 -1.43
C THR D 174 39.50 -46.16 -2.27
N PHE D 175 38.21 -46.10 -1.93
CA PHE D 175 37.22 -45.41 -2.75
C PHE D 175 36.22 -44.75 -1.81
N LEU D 176 35.97 -43.46 -2.02
CA LEU D 176 35.03 -42.71 -1.20
C LEU D 176 34.26 -41.73 -2.07
N GLU D 177 32.99 -41.53 -1.71
CA GLU D 177 32.20 -40.50 -2.38
C GLU D 177 32.47 -39.13 -1.78
N GLU D 178 32.67 -39.06 -0.46
CA GLU D 178 32.92 -37.79 0.20
C GLU D 178 33.79 -38.02 1.42
N LEU D 179 34.86 -37.23 1.53
CA LEU D 179 35.74 -37.23 2.69
C LEU D 179 35.83 -35.80 3.19
N GLU D 180 35.40 -35.57 4.43
CA GLU D 180 35.50 -34.26 5.05
C GLU D 180 36.51 -34.33 6.20
N ILE D 181 37.47 -33.41 6.19
CA ILE D 181 38.53 -33.38 7.19
C ILE D 181 38.56 -31.99 7.77
N ASP D 182 38.06 -31.84 9.00
CA ASP D 182 38.16 -30.58 9.71
C ASP D 182 39.52 -30.54 10.40
N ALA D 183 40.50 -29.99 9.68
CA ALA D 183 41.84 -29.83 10.22
C ALA D 183 42.14 -28.35 10.42
N SER D 184 41.25 -27.66 11.14
CA SER D 184 41.36 -26.21 11.26
C SER D 184 42.68 -25.80 11.88
N ASP D 185 43.14 -26.52 12.91
CA ASP D 185 44.38 -26.21 13.61
C ASP D 185 45.43 -27.28 13.36
N LEU D 186 45.52 -27.76 12.12
CA LEU D 186 46.46 -28.81 11.78
C LEU D 186 47.89 -28.30 11.92
N GLN D 187 48.70 -29.02 12.69
CA GLN D 187 50.10 -28.70 12.87
C GLN D 187 51.05 -29.67 12.17
N SER D 188 50.70 -30.95 12.09
CA SER D 188 51.59 -31.96 11.55
C SER D 188 50.84 -32.79 10.51
N TYR D 189 51.44 -32.94 9.33
CA TYR D 189 50.90 -33.77 8.26
C TYR D 189 52.02 -34.66 7.74
N GLU D 190 51.91 -35.95 7.97
CA GLU D 190 52.90 -36.88 7.43
C GLU D 190 52.71 -36.99 5.93
N PRO D 191 53.75 -36.76 5.12
CA PRO D 191 53.56 -36.85 3.66
C PRO D 191 53.02 -38.21 3.24
N LYS D 192 52.13 -38.19 2.26
CA LYS D 192 51.49 -39.36 1.65
C LYS D 192 50.35 -39.92 2.50
N SER D 193 49.93 -39.22 3.56
CA SER D 193 48.83 -39.73 4.37
C SER D 193 47.57 -39.89 3.53
N LEU D 194 47.29 -38.94 2.64
CA LEU D 194 46.09 -38.96 1.81
C LEU D 194 46.33 -39.51 0.42
N LYS D 195 47.58 -39.77 0.03
CA LYS D 195 47.86 -40.31 -1.29
C LYS D 195 47.39 -41.75 -1.43
N SER D 196 47.12 -42.44 -0.31
CA SER D 196 46.71 -43.83 -0.39
C SER D 196 45.30 -43.98 -0.94
N ILE D 197 44.45 -42.97 -0.74
CA ILE D 197 43.07 -43.07 -1.21
C ILE D 197 43.05 -42.90 -2.73
N GLN D 198 42.57 -43.93 -3.43
CA GLN D 198 42.68 -43.96 -4.88
C GLN D 198 41.64 -43.08 -5.55
N ASN D 199 40.42 -43.04 -5.00
CA ASN D 199 39.32 -42.28 -5.59
C ASN D 199 38.54 -41.58 -4.50
N VAL D 200 38.48 -40.25 -4.55
CA VAL D 200 37.60 -39.45 -3.72
C VAL D 200 36.82 -38.54 -4.64
N SER D 201 35.49 -38.66 -4.64
CA SER D 201 34.68 -37.81 -5.49
C SER D 201 34.64 -36.37 -4.97
N HIS D 202 34.55 -36.21 -3.65
CA HIS D 202 34.42 -34.88 -3.05
C HIS D 202 35.24 -34.84 -1.77
N LEU D 203 36.28 -33.99 -1.75
CA LEU D 203 37.11 -33.79 -0.58
C LEU D 203 36.89 -32.39 -0.03
N ILE D 204 36.44 -32.30 1.21
CA ILE D 204 36.27 -31.04 1.92
C ILE D 204 37.36 -30.95 2.97
N LEU D 205 38.13 -29.86 2.95
CA LEU D 205 39.24 -29.67 3.86
C LEU D 205 39.10 -28.32 4.56
N HIS D 206 38.94 -28.35 5.88
CA HIS D 206 39.01 -27.15 6.69
C HIS D 206 40.46 -26.95 7.14
N MET D 207 40.98 -25.75 6.95
CA MET D 207 42.33 -25.39 7.41
C MET D 207 42.37 -23.89 7.59
N LYS D 208 42.75 -23.44 8.79
CA LYS D 208 42.88 -22.00 9.00
C LYS D 208 44.11 -21.44 8.30
N GLN D 209 45.23 -22.16 8.35
CA GLN D 209 46.49 -21.69 7.80
C GLN D 209 46.85 -22.47 6.54
N HIS D 210 47.73 -21.86 5.74
CA HIS D 210 48.10 -22.39 4.43
C HIS D 210 49.46 -23.09 4.43
N ILE D 211 50.11 -23.19 5.58
CA ILE D 211 51.47 -23.72 5.64
C ILE D 211 51.53 -25.10 5.01
N LEU D 212 50.56 -25.96 5.34
CA LEU D 212 50.54 -27.34 4.90
C LEU D 212 49.66 -27.56 3.67
N LEU D 213 49.22 -26.49 3.01
CA LEU D 213 48.29 -26.63 1.89
C LEU D 213 48.92 -27.38 0.73
N LEU D 214 50.14 -27.01 0.35
CA LEU D 214 50.70 -27.52 -0.89
C LEU D 214 51.06 -29.00 -0.79
N GLU D 215 51.52 -29.48 0.37
CA GLU D 215 51.86 -30.89 0.47
C GLU D 215 50.65 -31.76 0.85
N ILE D 216 49.50 -31.16 1.16
CA ILE D 216 48.25 -31.91 1.11
C ILE D 216 47.74 -31.97 -0.32
N PHE D 217 47.94 -30.89 -1.08
CA PHE D 217 47.47 -30.85 -2.46
C PHE D 217 48.15 -31.92 -3.30
N VAL D 218 49.47 -32.06 -3.17
CA VAL D 218 50.20 -33.02 -3.98
C VAL D 218 49.69 -34.44 -3.73
N ASP D 219 49.20 -34.71 -2.52
CA ASP D 219 48.77 -36.07 -2.19
C ASP D 219 47.37 -36.39 -2.73
N VAL D 220 46.52 -35.39 -2.92
CA VAL D 220 45.13 -35.63 -3.30
C VAL D 220 44.81 -35.22 -4.73
N THR D 221 45.69 -34.47 -5.41
CA THR D 221 45.32 -33.90 -6.69
C THR D 221 44.99 -34.98 -7.72
N SER D 222 45.61 -36.15 -7.62
CA SER D 222 45.41 -37.21 -8.59
C SER D 222 44.23 -38.11 -8.27
N SER D 223 43.59 -37.93 -7.12
CA SER D 223 42.50 -38.79 -6.70
C SER D 223 41.19 -38.07 -6.41
N VAL D 224 41.17 -36.75 -6.40
CA VAL D 224 40.00 -35.97 -6.03
C VAL D 224 39.39 -35.35 -7.28
N GLU D 225 38.06 -35.46 -7.41
CA GLU D 225 37.36 -34.85 -8.53
C GLU D 225 36.84 -33.44 -8.20
N CYS D 226 36.23 -33.28 -7.02
CA CYS D 226 35.74 -31.99 -6.57
C CYS D 226 36.45 -31.63 -5.27
N LEU D 227 37.30 -30.61 -5.32
CA LEU D 227 38.08 -30.19 -4.16
C LEU D 227 37.46 -28.93 -3.56
N GLU D 228 37.29 -28.93 -2.24
CA GLU D 228 36.76 -27.78 -1.52
C GLU D 228 37.69 -27.45 -0.37
N LEU D 229 38.09 -26.18 -0.29
CA LEU D 229 38.98 -25.69 0.75
C LEU D 229 38.22 -24.66 1.59
N ARG D 230 38.20 -24.86 2.90
CA ARG D 230 37.38 -24.06 3.79
C ARG D 230 38.22 -23.35 4.85
N ASP D 231 37.91 -22.07 5.06
CA ASP D 231 38.33 -21.26 6.19
C ASP D 231 39.76 -20.75 6.12
N THR D 232 40.53 -21.08 5.09
CA THR D 232 41.96 -20.82 5.12
C THR D 232 42.27 -19.37 4.77
N ASP D 233 43.22 -18.80 5.51
CA ASP D 233 43.75 -17.47 5.23
C ASP D 233 44.87 -17.61 4.19
N LEU D 234 44.62 -17.12 2.98
CA LEU D 234 45.59 -17.18 1.90
C LEU D 234 46.18 -15.81 1.56
N ASP D 235 46.07 -14.85 2.49
CA ASP D 235 46.52 -13.49 2.20
C ASP D 235 47.98 -13.46 1.79
N THR D 236 48.84 -14.23 2.47
CA THR D 236 50.27 -14.27 2.17
C THR D 236 50.71 -15.62 1.61
N PHE D 237 49.79 -16.34 0.97
CA PHE D 237 50.11 -17.62 0.37
C PHE D 237 51.05 -17.45 -0.80
N HIS D 238 52.12 -18.25 -0.85
N HIS D 238 52.12 -18.24 -0.83
CA HIS D 238 53.06 -18.22 -1.96
CA HIS D 238 53.09 -18.25 -1.92
C HIS D 238 53.17 -19.62 -2.55
C HIS D 238 53.09 -19.65 -2.54
N PHE D 239 53.04 -19.71 -3.87
CA PHE D 239 53.12 -20.97 -4.58
C PHE D 239 54.57 -21.33 -4.83
N SER D 240 54.93 -22.59 -4.59
CA SER D 240 56.31 -23.04 -4.75
C SER D 240 56.40 -24.55 -4.91
N GLU D 241 55.64 -25.12 -5.85
CA GLU D 241 55.71 -26.54 -6.14
C GLU D 241 56.20 -26.77 -7.57
N LEU D 242 57.39 -26.24 -7.89
CA LEU D 242 57.95 -26.42 -9.22
C LEU D 242 58.50 -27.82 -9.44
N SER D 243 58.92 -28.50 -8.37
CA SER D 243 59.55 -29.81 -8.48
C SER D 243 58.54 -30.87 -8.89
N THR D 244 57.59 -31.19 -8.00
CA THR D 244 56.67 -32.28 -8.22
C THR D 244 55.53 -31.93 -9.17
N GLY D 245 55.59 -30.78 -9.84
CA GLY D 245 54.61 -30.43 -10.84
C GLY D 245 54.84 -31.18 -12.14
N GLU D 246 54.36 -30.61 -13.23
CA GLU D 246 54.55 -31.18 -14.57
C GLU D 246 53.89 -32.55 -14.67
N THR D 247 52.66 -32.64 -14.16
CA THR D 247 51.89 -33.88 -14.20
C THR D 247 50.42 -33.52 -14.34
N ASN D 248 49.55 -34.53 -14.23
CA ASN D 248 48.13 -34.38 -14.48
C ASN D 248 47.34 -34.52 -13.18
N SER D 249 46.19 -33.84 -13.14
CA SER D 249 45.32 -33.81 -11.97
C SER D 249 43.92 -34.27 -12.36
N LEU D 250 43.23 -34.87 -11.39
CA LEU D 250 41.86 -35.33 -11.58
C LEU D 250 40.82 -34.27 -11.26
N ILE D 251 41.23 -33.18 -10.59
CA ILE D 251 40.27 -32.19 -10.10
C ILE D 251 39.59 -31.50 -11.27
N LYS D 252 38.25 -31.50 -11.25
CA LYS D 252 37.46 -30.77 -12.23
C LYS D 252 36.81 -29.52 -11.64
N LYS D 253 36.67 -29.43 -10.32
CA LYS D 253 36.04 -28.29 -9.68
C LYS D 253 36.82 -27.96 -8.42
N PHE D 254 37.13 -26.68 -8.24
CA PHE D 254 37.85 -26.19 -7.06
C PHE D 254 37.00 -25.12 -6.40
N THR D 255 36.58 -25.37 -5.16
CA THR D 255 35.74 -24.46 -4.41
C THR D 255 36.51 -23.89 -3.23
N PHE D 256 36.51 -22.57 -3.10
CA PHE D 256 37.03 -21.88 -1.94
C PHE D 256 35.84 -21.34 -1.15
N ARG D 257 35.74 -21.72 0.12
CA ARG D 257 34.64 -21.31 0.98
C ARG D 257 35.19 -20.66 2.24
N ASN D 258 34.74 -19.43 2.52
CA ASN D 258 35.19 -18.67 3.69
C ASN D 258 36.70 -18.51 3.69
N VAL D 259 37.26 -18.19 2.52
CA VAL D 259 38.70 -18.09 2.31
C VAL D 259 39.07 -16.63 2.10
N LYS D 260 40.20 -16.23 2.66
CA LYS D 260 40.68 -14.86 2.57
C LYS D 260 41.81 -14.78 1.54
N ILE D 261 41.66 -13.88 0.58
CA ILE D 261 42.61 -13.72 -0.51
C ILE D 261 42.90 -12.23 -0.67
N THR D 262 44.16 -11.89 -0.97
CA THR D 262 44.52 -10.54 -1.35
C THR D 262 44.81 -10.50 -2.85
N ASP D 263 44.87 -9.27 -3.39
CA ASP D 263 45.21 -9.12 -4.80
C ASP D 263 46.56 -9.75 -5.11
N GLU D 264 47.50 -9.67 -4.16
CA GLU D 264 48.82 -10.23 -4.38
C GLU D 264 48.79 -11.75 -4.40
N SER D 265 48.15 -12.36 -3.40
CA SER D 265 48.12 -13.81 -3.31
C SER D 265 47.18 -14.46 -4.31
N LEU D 266 46.27 -13.69 -4.93
CA LEU D 266 45.39 -14.27 -5.94
C LEU D 266 46.19 -14.81 -7.11
N PHE D 267 47.29 -14.14 -7.46
CA PHE D 267 48.15 -14.63 -8.52
C PHE D 267 48.88 -15.91 -8.10
N GLN D 268 49.18 -16.05 -6.80
CA GLN D 268 49.73 -17.30 -6.31
C GLN D 268 48.69 -18.41 -6.32
N VAL D 269 47.45 -18.09 -5.96
CA VAL D 269 46.38 -19.08 -6.01
C VAL D 269 46.19 -19.60 -7.43
N MET D 270 46.27 -18.71 -8.42
CA MET D 270 46.03 -19.12 -9.80
C MET D 270 47.20 -19.92 -10.36
N LYS D 271 48.41 -19.72 -9.83
CA LYS D 271 49.51 -20.62 -10.18
C LYS D 271 49.21 -22.03 -9.68
N LEU D 272 48.62 -22.15 -8.50
CA LEU D 272 48.18 -23.46 -8.02
C LEU D 272 47.10 -24.03 -8.95
N LEU D 273 46.09 -23.22 -9.28
CA LEU D 273 45.08 -23.65 -10.25
C LEU D 273 45.72 -24.01 -11.59
N ASN D 274 46.85 -23.37 -11.92
CA ASN D 274 47.55 -23.69 -13.15
C ASN D 274 48.02 -25.14 -13.17
N GLN D 275 48.23 -25.73 -12.00
CA GLN D 275 48.63 -27.13 -11.92
C GLN D 275 47.49 -28.08 -12.29
N ILE D 276 46.25 -27.58 -12.38
CA ILE D 276 45.09 -28.42 -12.66
C ILE D 276 44.66 -28.17 -14.10
N SER D 277 45.28 -28.87 -15.05
CA SER D 277 45.04 -28.60 -16.46
C SER D 277 43.60 -28.91 -16.85
N GLY D 278 42.97 -29.89 -16.20
CA GLY D 278 41.60 -30.26 -16.49
C GLY D 278 40.56 -29.49 -15.71
N LEU D 279 40.93 -28.40 -15.05
CA LEU D 279 39.98 -27.66 -14.22
C LEU D 279 38.90 -27.03 -15.10
N LEU D 280 37.65 -27.29 -14.74
CA LEU D 280 36.50 -26.77 -15.49
C LEU D 280 35.69 -25.75 -14.72
N GLU D 281 35.71 -25.78 -13.39
CA GLU D 281 34.83 -24.95 -12.58
C GLU D 281 35.60 -24.39 -11.39
N LEU D 282 35.47 -23.09 -11.17
CA LEU D 282 36.14 -22.39 -10.07
C LEU D 282 35.09 -21.61 -9.30
N GLU D 283 34.99 -21.86 -7.99
CA GLU D 283 33.93 -21.29 -7.18
C GLU D 283 34.52 -20.65 -5.92
N PHE D 284 34.09 -19.42 -5.64
CA PHE D 284 34.44 -18.72 -4.40
C PHE D 284 33.15 -18.39 -3.67
N ASP D 285 32.90 -19.07 -2.55
CA ASP D 285 31.74 -18.81 -1.72
C ASP D 285 32.17 -18.13 -0.42
N ASP D 286 31.50 -17.02 -0.09
CA ASP D 286 31.69 -16.36 1.20
C ASP D 286 33.16 -16.02 1.46
N CYS D 287 33.91 -15.79 0.38
CA CYS D 287 35.32 -15.44 0.52
C CYS D 287 35.48 -13.93 0.73
N THR D 288 36.72 -13.53 0.97
CA THR D 288 37.07 -12.13 1.15
C THR D 288 38.21 -11.77 0.19
N LEU D 289 38.10 -10.60 -0.42
CA LEU D 289 39.13 -10.08 -1.31
C LEU D 289 39.54 -8.70 -0.81
N ASN D 290 40.86 -8.49 -0.67
CA ASN D 290 41.38 -7.24 -0.15
C ASN D 290 42.73 -6.96 -0.81
N GLY D 291 43.21 -5.74 -0.66
CA GLY D 291 44.49 -5.35 -1.18
C GLY D 291 45.57 -5.39 -0.11
N VAL D 292 46.81 -5.59 -0.55
CA VAL D 292 47.98 -5.47 0.31
C VAL D 292 48.66 -4.16 -0.04
N GLY D 293 48.68 -3.21 0.90
CA GLY D 293 49.28 -1.92 0.68
C GLY D 293 49.12 -1.39 -0.73
N ASN D 294 50.24 -1.15 -1.40
CA ASN D 294 50.26 -0.78 -2.82
C ASN D 294 50.68 -2.00 -3.62
N PHE D 295 49.95 -2.28 -4.70
CA PHE D 295 50.26 -3.44 -5.51
C PHE D 295 49.82 -3.19 -6.95
N ARG D 296 50.63 -3.66 -7.89
CA ARG D 296 50.31 -3.63 -9.31
C ARG D 296 50.63 -4.99 -9.91
N ALA D 297 49.98 -5.29 -11.03
CA ALA D 297 50.09 -6.60 -11.67
C ALA D 297 51.08 -6.51 -12.83
N SER D 298 52.20 -7.22 -12.70
CA SER D 298 53.21 -7.31 -13.75
C SER D 298 53.58 -8.74 -14.13
N ASP D 299 53.27 -9.73 -13.31
CA ASP D 299 53.64 -11.13 -13.58
C ASP D 299 55.10 -11.24 -13.98
N VAL D 303 52.98 -15.24 -17.62
CA VAL D 303 51.60 -14.79 -17.70
C VAL D 303 50.66 -15.97 -17.51
N ILE D 304 49.38 -15.67 -17.28
CA ILE D 304 48.43 -16.63 -16.74
C ILE D 304 47.68 -17.32 -17.88
N ASP D 305 47.64 -18.65 -17.83
CA ASP D 305 46.89 -19.44 -18.79
C ASP D 305 45.49 -19.68 -18.25
N PRO D 306 44.42 -19.27 -18.95
CA PRO D 306 43.08 -19.55 -18.44
C PRO D 306 42.76 -21.03 -18.37
N GLY D 307 43.52 -21.89 -19.06
CA GLY D 307 43.23 -23.31 -19.06
C GLY D 307 41.88 -23.60 -19.68
N LYS D 308 41.22 -24.63 -19.16
CA LYS D 308 39.91 -25.06 -19.64
C LYS D 308 38.79 -24.66 -18.69
N VAL D 309 39.05 -23.71 -17.79
CA VAL D 309 38.01 -23.23 -16.88
C VAL D 309 36.89 -22.61 -17.70
N GLU D 310 35.69 -23.16 -17.59
CA GLU D 310 34.54 -22.68 -18.36
C GLU D 310 33.37 -22.24 -17.48
N THR D 311 33.45 -22.42 -16.17
CA THR D 311 32.43 -21.94 -15.24
C THR D 311 33.11 -21.20 -14.10
N LEU D 312 32.65 -19.98 -13.83
CA LEU D 312 33.15 -19.17 -12.73
C LEU D 312 31.96 -18.76 -11.87
N THR D 313 32.02 -19.09 -10.58
CA THR D 313 30.92 -18.83 -9.66
C THR D 313 31.46 -18.08 -8.44
N ILE D 314 30.84 -16.94 -8.14
CA ILE D 314 31.22 -16.12 -7.00
C ILE D 314 29.95 -15.76 -6.24
N ARG D 315 29.87 -16.14 -4.97
CA ARG D 315 28.71 -15.85 -4.15
C ARG D 315 29.14 -15.15 -2.86
N ARG D 316 28.44 -14.10 -2.50
CA ARG D 316 28.59 -13.44 -1.22
C ARG D 316 30.05 -13.05 -0.96
N LEU D 317 30.68 -12.46 -1.96
CA LEU D 317 32.03 -11.94 -1.78
C LEU D 317 31.99 -10.75 -0.82
N HIS D 318 32.86 -10.78 0.18
CA HIS D 318 32.96 -9.71 1.16
C HIS D 318 34.22 -8.89 0.90
N ILE D 319 34.10 -7.58 1.05
CA ILE D 319 35.23 -6.66 0.98
C ILE D 319 35.32 -5.98 2.34
N PRO D 320 36.45 -6.08 3.04
CA PRO D 320 36.50 -5.57 4.42
C PRO D 320 35.99 -4.13 4.52
N ARG D 321 35.44 -3.82 5.69
CA ARG D 321 34.97 -2.47 5.98
C ARG D 321 36.03 -1.43 5.66
N PHE D 322 37.25 -1.65 6.16
CA PHE D 322 38.36 -0.74 5.91
C PHE D 322 39.35 -1.39 4.96
N TYR D 323 38.90 -1.64 3.73
CA TYR D 323 39.69 -2.36 2.75
C TYR D 323 40.84 -1.51 2.23
N LEU D 324 41.85 -2.20 1.72
CA LEU D 324 42.93 -1.56 0.97
C LEU D 324 42.61 -1.70 -0.52
N PHE D 325 42.53 -0.57 -1.21
CA PHE D 325 42.11 -0.56 -2.60
C PHE D 325 42.94 -1.54 -3.41
N TYR D 326 42.31 -2.13 -4.43
CA TYR D 326 42.99 -3.05 -5.32
C TYR D 326 42.47 -2.84 -6.74
N ASP D 327 43.32 -3.13 -7.71
CA ASP D 327 43.01 -2.98 -9.13
C ASP D 327 43.38 -4.29 -9.83
N LEU D 328 42.40 -5.17 -10.01
CA LEU D 328 42.59 -6.43 -10.71
C LEU D 328 41.92 -6.42 -12.08
N SER D 329 41.82 -5.24 -12.71
CA SER D 329 41.23 -5.14 -14.03
C SER D 329 42.03 -5.92 -15.08
N THR D 330 43.30 -6.24 -14.79
CA THR D 330 44.08 -7.06 -15.71
C THR D 330 43.48 -8.44 -15.89
N LEU D 331 42.64 -8.90 -14.95
CA LEU D 331 42.02 -10.20 -15.03
C LEU D 331 40.87 -10.27 -16.04
N TYR D 332 40.36 -9.12 -16.48
CA TYR D 332 39.27 -9.11 -17.46
C TYR D 332 39.62 -9.93 -18.69
N SER D 333 40.87 -9.83 -19.16
CA SER D 333 41.28 -10.51 -20.38
C SER D 333 41.39 -12.03 -20.22
N LEU D 334 41.28 -12.55 -19.00
CA LEU D 334 41.40 -13.98 -18.76
C LEU D 334 40.07 -14.71 -18.89
N THR D 335 38.98 -14.00 -19.20
CA THR D 335 37.65 -14.58 -19.20
C THR D 335 37.13 -14.92 -20.58
N GLU D 336 37.98 -14.83 -21.62
CA GLU D 336 37.50 -14.95 -22.98
C GLU D 336 36.91 -16.33 -23.28
N ARG D 337 37.29 -17.36 -22.54
CA ARG D 337 36.82 -18.71 -22.79
C ARG D 337 35.74 -19.17 -21.81
N VAL D 338 35.34 -18.31 -20.88
CA VAL D 338 34.38 -18.70 -19.86
C VAL D 338 32.97 -18.66 -20.43
N LYS D 339 32.21 -19.73 -20.21
CA LYS D 339 30.86 -19.86 -20.76
C LYS D 339 29.77 -19.54 -19.75
N ARG D 340 30.01 -19.77 -18.46
CA ARG D 340 28.97 -19.65 -17.44
C ARG D 340 29.54 -18.89 -16.25
N ILE D 341 28.93 -17.75 -15.91
CA ILE D 341 29.40 -16.93 -14.80
C ILE D 341 28.22 -16.61 -13.89
N THR D 342 28.41 -16.85 -12.59
CA THR D 342 27.50 -16.39 -11.55
C THR D 342 28.29 -15.51 -10.60
N VAL D 343 27.89 -14.25 -10.49
CA VAL D 343 28.45 -13.33 -9.49
C VAL D 343 27.26 -12.82 -8.69
N GLU D 344 26.93 -13.52 -7.61
CA GLU D 344 25.73 -13.27 -6.83
C GLU D 344 26.09 -12.56 -5.54
N ASN D 345 25.33 -11.51 -5.21
CA ASN D 345 25.43 -10.83 -3.92
C ASN D 345 26.89 -10.50 -3.60
N SER D 346 27.56 -9.87 -4.56
CA SER D 346 28.98 -9.57 -4.45
C SER D 346 29.28 -8.11 -4.78
N LYS D 347 28.36 -7.21 -4.45
CA LYS D 347 28.59 -5.77 -4.54
C LYS D 347 29.02 -5.34 -5.94
N VAL D 348 28.24 -5.72 -6.93
CA VAL D 348 28.50 -5.37 -8.33
C VAL D 348 27.68 -4.12 -8.65
N PHE D 349 28.36 -2.99 -8.84
CA PHE D 349 27.73 -1.79 -9.37
C PHE D 349 27.89 -1.65 -10.88
N LEU D 350 28.99 -2.16 -11.42
CA LEU D 350 29.35 -1.94 -12.81
C LEU D 350 29.85 -3.22 -13.44
N VAL D 351 29.52 -3.40 -14.71
CA VAL D 351 30.16 -4.42 -15.54
C VAL D 351 30.76 -3.67 -16.74
N PRO D 352 32.01 -3.20 -16.64
CA PRO D 352 32.53 -2.28 -17.66
C PRO D 352 32.52 -2.89 -19.06
N CYS D 353 32.40 -2.01 -20.06
CA CYS D 353 32.40 -2.45 -21.45
C CYS D 353 33.67 -3.22 -21.78
N LEU D 354 34.81 -2.79 -21.23
CA LEU D 354 36.05 -3.53 -21.43
C LEU D 354 35.89 -4.98 -21.01
N LEU D 355 35.30 -5.21 -19.84
CA LEU D 355 35.10 -6.56 -19.35
C LEU D 355 34.11 -7.33 -20.23
N SER D 356 32.95 -6.73 -20.51
CA SER D 356 31.92 -7.44 -21.26
C SER D 356 32.37 -7.77 -22.68
N GLN D 357 33.28 -6.98 -23.25
CA GLN D 357 33.82 -7.30 -24.56
C GLN D 357 34.74 -8.51 -24.50
N HIS D 358 35.48 -8.68 -23.40
CA HIS D 358 36.34 -9.84 -23.25
C HIS D 358 35.54 -11.12 -23.01
N LEU D 359 34.29 -11.01 -22.58
CA LEU D 359 33.46 -12.18 -22.31
C LEU D 359 32.84 -12.70 -23.61
N LYS D 360 33.72 -13.16 -24.50
CA LYS D 360 33.31 -13.55 -25.85
C LYS D 360 32.60 -14.90 -25.88
N SER D 361 32.90 -15.79 -24.93
CA SER D 361 32.29 -17.11 -24.88
C SER D 361 31.13 -17.20 -23.90
N LEU D 362 30.83 -16.11 -23.20
CA LEU D 362 29.85 -16.17 -22.11
C LEU D 362 28.45 -16.39 -22.65
N GLU D 363 27.83 -17.50 -22.23
CA GLU D 363 26.48 -17.84 -22.63
C GLU D 363 25.45 -17.65 -21.52
N TYR D 364 25.88 -17.66 -20.26
CA TYR D 364 24.99 -17.58 -19.11
C TYR D 364 25.63 -16.65 -18.10
N LEU D 365 24.91 -15.60 -17.72
CA LEU D 365 25.41 -14.62 -16.75
C LEU D 365 24.35 -14.41 -15.69
N ASP D 366 24.70 -14.69 -14.43
CA ASP D 366 23.80 -14.50 -13.29
C ASP D 366 24.41 -13.42 -12.39
N LEU D 367 23.75 -12.27 -12.33
CA LEU D 367 24.16 -11.16 -11.47
C LEU D 367 23.11 -10.86 -10.40
N SER D 368 22.48 -11.91 -9.88
CA SER D 368 21.43 -11.74 -8.89
C SER D 368 21.94 -11.02 -7.65
N GLU D 369 21.02 -10.30 -7.00
CA GLU D 369 21.25 -9.70 -5.68
C GLU D 369 22.47 -8.77 -5.67
N ASN D 370 22.55 -7.91 -6.69
CA ASN D 370 23.62 -6.92 -6.73
C ASN D 370 23.04 -5.51 -6.80
N LEU D 371 23.87 -4.53 -7.18
CA LEU D 371 23.46 -3.13 -7.18
C LEU D 371 23.75 -2.50 -8.54
N MET D 372 23.30 -3.16 -9.60
CA MET D 372 23.63 -2.72 -10.95
C MET D 372 23.01 -1.35 -11.23
N VAL D 373 23.85 -0.36 -11.50
CA VAL D 373 23.38 0.93 -11.96
C VAL D 373 22.65 0.73 -13.28
N GLU D 374 21.38 1.12 -13.33
CA GLU D 374 20.56 0.81 -14.50
C GLU D 374 21.10 1.46 -15.77
N GLU D 375 21.52 2.73 -15.67
CA GLU D 375 21.94 3.44 -16.87
C GLU D 375 23.25 2.89 -17.43
N TYR D 376 24.12 2.36 -16.57
CA TYR D 376 25.38 1.80 -17.02
C TYR D 376 25.30 0.31 -17.27
N LEU D 377 24.12 -0.29 -17.19
CA LEU D 377 23.88 -1.54 -17.89
C LEU D 377 24.05 -1.36 -19.40
N LYS D 378 23.80 -0.13 -19.89
CA LYS D 378 23.97 0.15 -21.31
C LYS D 378 25.44 0.23 -21.69
N ASN D 379 26.31 0.64 -20.76
CA ASN D 379 27.73 0.56 -21.02
C ASN D 379 28.17 -0.89 -21.13
N SER D 380 27.56 -1.79 -20.35
CA SER D 380 27.89 -3.20 -20.45
C SER D 380 27.47 -3.78 -21.79
N ALA D 381 26.41 -3.24 -22.38
CA ALA D 381 25.91 -3.72 -23.67
C ALA D 381 26.45 -2.86 -24.82
N CYS D 382 27.75 -2.57 -24.78
CA CYS D 382 28.39 -1.82 -25.85
C CYS D 382 28.57 -2.70 -27.08
N GLU D 383 29.13 -2.12 -28.14
CA GLU D 383 29.38 -2.86 -29.36
C GLU D 383 30.24 -4.08 -29.08
N ASP D 384 29.84 -5.21 -29.65
CA ASP D 384 30.58 -6.47 -29.56
C ASP D 384 30.64 -7.00 -28.13
N ALA D 385 29.76 -6.54 -27.25
CA ALA D 385 29.66 -7.09 -25.91
C ALA D 385 28.78 -8.34 -25.93
N TRP D 386 29.20 -9.35 -25.17
CA TRP D 386 28.37 -10.51 -24.89
C TRP D 386 27.74 -11.11 -26.14
N PRO D 387 28.52 -11.32 -27.20
CA PRO D 387 27.93 -11.84 -28.44
C PRO D 387 27.30 -13.22 -28.28
N SER D 388 27.79 -14.02 -27.34
CA SER D 388 27.26 -15.36 -27.10
C SER D 388 26.23 -15.40 -25.98
N LEU D 389 25.97 -14.28 -25.33
CA LEU D 389 25.10 -14.27 -24.15
C LEU D 389 23.66 -14.56 -24.56
N GLN D 390 23.08 -15.63 -23.99
CA GLN D 390 21.70 -15.98 -24.25
C GLN D 390 20.83 -16.04 -23.01
N THR D 391 21.42 -16.11 -21.81
CA THR D 391 20.67 -16.04 -20.57
C THR D 391 21.28 -14.96 -19.68
N LEU D 392 20.45 -14.04 -19.21
CA LEU D 392 20.87 -12.95 -18.35
C LEU D 392 19.92 -12.86 -17.17
N ILE D 393 20.46 -12.94 -15.97
CA ILE D 393 19.68 -12.93 -14.74
C ILE D 393 20.11 -11.71 -13.94
N LEU D 394 19.22 -10.72 -13.84
CA LEU D 394 19.44 -9.51 -13.06
C LEU D 394 18.43 -9.43 -11.92
N ARG D 395 18.12 -10.58 -11.33
CA ARG D 395 17.17 -10.64 -10.25
C ARG D 395 17.67 -9.85 -9.04
N GLN D 396 16.76 -9.08 -8.44
CA GLN D 396 17.04 -8.39 -7.18
C GLN D 396 18.24 -7.45 -7.30
N ASN D 397 18.20 -6.58 -8.31
CA ASN D 397 19.09 -5.44 -8.41
C ASN D 397 18.26 -4.18 -8.13
N HIS D 398 18.79 -3.02 -8.51
CA HIS D 398 18.10 -1.75 -8.27
C HIS D 398 17.44 -1.20 -9.53
N LEU D 399 16.85 -2.06 -10.34
CA LEU D 399 16.23 -1.63 -11.58
C LEU D 399 14.88 -0.98 -11.30
N ALA D 400 14.61 0.13 -11.96
CA ALA D 400 13.40 0.91 -11.71
C ALA D 400 12.48 1.02 -12.91
N SER D 401 12.99 0.97 -14.12
CA SER D 401 12.21 1.20 -15.33
C SER D 401 12.25 -0.04 -16.21
N LEU D 402 11.07 -0.60 -16.51
CA LEU D 402 11.01 -1.71 -17.46
C LEU D 402 11.38 -1.25 -18.86
N GLU D 403 10.87 -0.09 -19.28
CA GLU D 403 11.15 0.40 -20.63
C GLU D 403 12.64 0.57 -20.85
N LYS D 404 13.32 1.25 -19.93
CA LYS D 404 14.74 1.50 -20.12
C LYS D 404 15.56 0.22 -19.98
N THR D 405 15.13 -0.71 -19.13
CA THR D 405 15.80 -2.01 -19.06
C THR D 405 15.69 -2.74 -20.38
N GLY D 406 14.50 -2.75 -20.98
CA GLY D 406 14.34 -3.38 -22.28
C GLY D 406 15.21 -2.75 -23.34
N GLU D 407 15.21 -1.41 -23.40
CA GLU D 407 16.04 -0.72 -24.38
C GLU D 407 17.53 -1.01 -24.17
N THR D 408 17.95 -1.18 -22.91
CA THR D 408 19.36 -1.38 -22.63
C THR D 408 19.86 -2.69 -23.23
N LEU D 409 19.05 -3.74 -23.17
CA LEU D 409 19.44 -5.07 -23.63
C LEU D 409 19.16 -5.29 -25.10
N LEU D 410 18.64 -4.27 -25.80
CA LEU D 410 18.15 -4.47 -27.16
C LEU D 410 19.26 -4.93 -28.10
N THR D 411 20.47 -4.39 -27.94
CA THR D 411 21.57 -4.72 -28.84
C THR D 411 22.16 -6.10 -28.58
N LEU D 412 21.67 -6.84 -27.58
CA LEU D 412 22.16 -8.19 -27.31
C LEU D 412 21.28 -9.16 -28.11
N LYS D 413 21.71 -9.44 -29.35
CA LYS D 413 20.84 -10.11 -30.30
C LYS D 413 20.61 -11.58 -29.97
N ASN D 414 21.54 -12.22 -29.27
CA ASN D 414 21.40 -13.62 -28.90
C ASN D 414 20.71 -13.82 -27.56
N LEU D 415 20.29 -12.74 -26.90
CA LEU D 415 19.65 -12.85 -25.60
C LEU D 415 18.24 -13.39 -25.75
N THR D 416 17.97 -14.55 -25.15
CA THR D 416 16.66 -15.17 -25.22
C THR D 416 16.00 -15.40 -23.87
N ASN D 417 16.77 -15.44 -22.78
CA ASN D 417 16.24 -15.63 -21.44
C ASN D 417 16.63 -14.43 -20.60
N ILE D 418 15.64 -13.68 -20.13
CA ILE D 418 15.85 -12.51 -19.29
C ILE D 418 15.05 -12.68 -18.01
N ASP D 419 15.76 -12.76 -16.88
CA ASP D 419 15.15 -12.78 -15.56
C ASP D 419 15.44 -11.44 -14.90
N ILE D 420 14.40 -10.65 -14.67
CA ILE D 420 14.53 -9.37 -13.98
C ILE D 420 13.51 -9.32 -12.84
N SER D 421 13.25 -10.49 -12.24
CA SER D 421 12.31 -10.56 -11.14
C SER D 421 12.88 -9.90 -9.89
N LYS D 422 11.98 -9.58 -8.96
CA LYS D 422 12.36 -8.99 -7.67
C LYS D 422 13.00 -7.61 -7.83
N ASN D 423 12.59 -6.88 -8.87
CA ASN D 423 12.94 -5.48 -9.04
C ASN D 423 11.65 -4.66 -9.04
N SER D 424 11.70 -3.48 -8.44
CA SER D 424 10.48 -2.69 -8.21
C SER D 424 10.23 -1.81 -9.43
N PHE D 425 9.61 -2.41 -10.44
CA PHE D 425 9.26 -1.70 -11.66
C PHE D 425 7.94 -0.94 -11.52
N HIS D 426 7.00 -1.49 -10.76
CA HIS D 426 5.73 -0.85 -10.44
C HIS D 426 4.77 -0.79 -11.63
N SER D 427 5.25 -0.38 -12.81
CA SER D 427 4.38 -0.26 -13.97
C SER D 427 5.19 -0.46 -15.25
N MET D 428 4.47 -0.47 -16.37
CA MET D 428 5.06 -0.60 -17.69
C MET D 428 4.26 0.24 -18.66
N PRO D 429 4.89 0.81 -19.68
CA PRO D 429 4.18 1.62 -20.66
C PRO D 429 3.43 0.73 -21.66
N GLU D 430 2.81 1.37 -22.65
CA GLU D 430 2.02 0.63 -23.63
C GLU D 430 2.90 -0.11 -24.63
N THR D 431 4.09 0.41 -24.93
CA THR D 431 4.98 -0.22 -25.90
C THR D 431 6.41 -0.20 -25.38
N CYS D 432 7.11 -1.31 -25.60
CA CYS D 432 8.50 -1.46 -25.18
C CYS D 432 9.29 -2.14 -26.29
N GLN D 433 10.61 -2.01 -26.21
CA GLN D 433 11.53 -2.72 -27.09
C GLN D 433 12.26 -3.78 -26.28
N TRP D 434 12.33 -4.99 -26.82
CA TRP D 434 13.04 -6.10 -26.22
C TRP D 434 13.87 -6.79 -27.29
N PRO D 435 14.90 -7.55 -26.90
CA PRO D 435 15.64 -8.32 -27.88
C PRO D 435 14.72 -9.21 -28.71
N GLU D 436 14.99 -9.26 -30.02
CA GLU D 436 14.08 -9.91 -30.94
C GLU D 436 13.91 -11.40 -30.64
N LYS D 437 14.92 -12.03 -30.04
CA LYS D 437 14.87 -13.47 -29.78
C LYS D 437 14.33 -13.81 -28.40
N MET D 438 13.92 -12.82 -27.60
CA MET D 438 13.48 -13.10 -26.24
C MET D 438 12.30 -14.05 -26.24
N LYS D 439 12.47 -15.19 -25.56
CA LYS D 439 11.43 -16.21 -25.46
C LYS D 439 11.06 -16.53 -24.02
N TYR D 440 11.84 -16.07 -23.04
CA TYR D 440 11.56 -16.31 -21.63
C TYR D 440 11.78 -15.01 -20.88
N LEU D 441 10.74 -14.52 -20.22
CA LEU D 441 10.80 -13.27 -19.47
C LEU D 441 10.21 -13.50 -18.09
N ASN D 442 10.97 -13.15 -17.05
CA ASN D 442 10.57 -13.36 -15.66
C ASN D 442 10.34 -12.00 -15.02
N LEU D 443 9.07 -11.68 -14.73
CA LEU D 443 8.69 -10.43 -14.09
C LEU D 443 8.08 -10.71 -12.71
N SER D 444 8.45 -11.82 -12.10
CA SER D 444 7.92 -12.17 -10.79
C SER D 444 8.34 -11.13 -9.75
N SER D 445 7.42 -10.79 -8.86
CA SER D 445 7.69 -9.89 -7.74
C SER D 445 8.28 -8.56 -8.24
N THR D 446 7.53 -7.89 -9.10
CA THR D 446 7.91 -6.58 -9.60
C THR D 446 6.90 -5.50 -9.25
N ARG D 447 5.89 -5.81 -8.42
CA ARG D 447 4.95 -4.83 -7.89
C ARG D 447 4.11 -4.19 -8.99
N ILE D 448 3.75 -4.96 -10.00
CA ILE D 448 2.93 -4.44 -11.10
C ILE D 448 1.47 -4.79 -10.85
N HIS D 449 0.58 -3.88 -11.23
CA HIS D 449 -0.85 -4.07 -11.07
C HIS D 449 -1.58 -4.37 -12.37
N SER D 450 -0.88 -4.36 -13.51
CA SER D 450 -1.50 -4.61 -14.79
C SER D 450 -0.40 -4.87 -15.81
N VAL D 451 -0.74 -5.61 -16.86
CA VAL D 451 0.18 -5.91 -17.94
C VAL D 451 -0.31 -5.23 -19.22
N THR D 452 0.65 -4.88 -20.08
CA THR D 452 0.33 -4.21 -21.34
C THR D 452 1.07 -4.87 -22.50
N GLY D 453 0.98 -4.27 -23.68
CA GLY D 453 1.72 -4.75 -24.83
C GLY D 453 3.23 -4.62 -24.71
N CYS D 454 3.71 -3.98 -23.65
CA CYS D 454 5.14 -4.00 -23.36
C CYS D 454 5.68 -5.42 -23.43
N ILE D 455 4.91 -6.39 -22.95
CA ILE D 455 5.26 -7.80 -23.03
C ILE D 455 5.18 -8.23 -24.50
N PRO D 456 6.29 -8.61 -25.13
CA PRO D 456 6.25 -8.89 -26.57
C PRO D 456 5.63 -10.22 -26.91
N LYS D 457 5.10 -10.31 -28.13
CA LYS D 457 4.44 -11.51 -28.62
C LYS D 457 5.41 -12.66 -28.87
N THR D 458 6.71 -12.39 -28.92
CA THR D 458 7.70 -13.44 -29.17
C THR D 458 7.85 -14.40 -27.99
N LEU D 459 7.25 -14.08 -26.84
CA LEU D 459 7.52 -14.85 -25.63
C LEU D 459 6.89 -16.24 -25.71
N GLU D 460 7.64 -17.23 -25.20
CA GLU D 460 7.15 -18.59 -25.01
C GLU D 460 6.91 -18.91 -23.54
N ILE D 461 7.59 -18.23 -22.62
CA ILE D 461 7.42 -18.45 -21.19
C ILE D 461 7.34 -17.09 -20.52
N LEU D 462 6.29 -16.88 -19.73
CA LEU D 462 6.10 -15.62 -19.01
C LEU D 462 5.79 -15.94 -17.55
N ASP D 463 6.51 -15.29 -16.64
CA ASP D 463 6.25 -15.37 -15.22
C ASP D 463 5.87 -13.98 -14.73
N VAL D 464 4.64 -13.85 -14.25
CA VAL D 464 4.18 -12.61 -13.63
C VAL D 464 3.64 -12.95 -12.24
N SER D 465 4.19 -14.01 -11.64
CA SER D 465 3.79 -14.45 -10.31
C SER D 465 4.07 -13.37 -9.27
N ASN D 466 3.34 -13.45 -8.16
CA ASN D 466 3.62 -12.63 -6.98
C ASN D 466 3.61 -11.14 -7.32
N ASN D 467 2.51 -10.69 -7.93
CA ASN D 467 2.29 -9.28 -8.22
C ASN D 467 0.89 -8.94 -7.70
N ASN D 468 0.30 -7.88 -8.25
CA ASN D 468 -1.03 -7.43 -7.84
C ASN D 468 -1.97 -7.35 -9.05
N LEU D 469 -1.87 -8.32 -9.95
CA LEU D 469 -2.68 -8.30 -11.16
C LEU D 469 -4.11 -8.72 -10.86
N ASN D 470 -5.06 -7.99 -11.44
CA ASN D 470 -6.46 -8.38 -11.43
C ASN D 470 -6.90 -9.00 -12.75
N LEU D 471 -6.24 -8.65 -13.85
CA LEU D 471 -6.61 -9.13 -15.17
C LEU D 471 -5.36 -9.52 -15.94
N PHE D 472 -5.50 -10.54 -16.77
CA PHE D 472 -4.51 -10.88 -17.79
C PHE D 472 -5.27 -11.15 -19.08
N SER D 473 -5.18 -10.23 -20.03
CA SER D 473 -5.80 -10.39 -21.34
C SER D 473 -4.86 -9.90 -22.44
N LEU D 474 -3.62 -10.37 -22.40
CA LEU D 474 -2.66 -10.07 -23.45
C LEU D 474 -2.72 -11.14 -24.53
N ASN D 475 -2.47 -10.72 -25.76
CA ASN D 475 -2.45 -11.62 -26.91
C ASN D 475 -1.01 -12.07 -27.12
N LEU D 476 -0.67 -13.24 -26.57
CA LEU D 476 0.66 -13.82 -26.68
C LEU D 476 0.56 -15.10 -27.50
N PRO D 477 0.66 -15.02 -28.82
CA PRO D 477 0.28 -16.18 -29.67
C PRO D 477 1.22 -17.38 -29.54
N GLN D 478 2.42 -17.21 -28.98
CA GLN D 478 3.39 -18.28 -28.90
C GLN D 478 3.66 -18.75 -27.47
N LEU D 479 2.94 -18.22 -26.50
CA LEU D 479 3.20 -18.57 -25.10
C LEU D 479 2.85 -20.04 -24.86
N LYS D 480 3.80 -20.77 -24.27
CA LYS D 480 3.58 -22.15 -23.87
C LYS D 480 3.35 -22.30 -22.37
N GLU D 481 3.91 -21.40 -21.57
CA GLU D 481 3.85 -21.50 -20.11
C GLU D 481 3.59 -20.12 -19.54
N LEU D 482 2.52 -20.00 -18.75
CA LEU D 482 2.20 -18.76 -18.04
C LEU D 482 2.18 -19.05 -16.55
N TYR D 483 3.04 -18.36 -15.80
CA TYR D 483 3.06 -18.43 -14.34
C TYR D 483 2.55 -17.10 -13.80
N ILE D 484 1.43 -17.16 -13.08
CA ILE D 484 0.72 -15.96 -12.68
C ILE D 484 0.06 -16.21 -11.32
N SER D 485 0.66 -17.07 -10.51
CA SER D 485 0.14 -17.34 -9.18
C SER D 485 0.49 -16.20 -8.24
N ARG D 486 -0.24 -16.13 -7.12
CA ARG D 486 -0.10 -15.08 -6.14
C ARG D 486 -0.39 -13.71 -6.76
N ASN D 487 -1.59 -13.59 -7.32
CA ASN D 487 -2.09 -12.33 -7.83
C ASN D 487 -3.51 -12.15 -7.29
N LYS D 488 -4.27 -11.26 -7.91
CA LYS D 488 -5.66 -11.00 -7.53
C LYS D 488 -6.59 -11.20 -8.72
N LEU D 489 -6.35 -12.24 -9.50
CA LEU D 489 -7.14 -12.46 -10.71
C LEU D 489 -8.55 -12.91 -10.36
N MET D 490 -9.55 -12.18 -10.88
CA MET D 490 -10.94 -12.56 -10.73
C MET D 490 -11.41 -13.51 -11.83
N THR D 491 -10.81 -13.44 -13.02
CA THR D 491 -11.18 -14.31 -14.12
C THR D 491 -9.91 -14.91 -14.72
N LEU D 492 -10.05 -16.15 -15.18
CA LEU D 492 -8.99 -16.88 -15.87
C LEU D 492 -8.47 -16.02 -17.03
N PRO D 493 -7.18 -16.06 -17.34
CA PRO D 493 -6.69 -15.32 -18.51
C PRO D 493 -7.37 -15.79 -19.79
N ASP D 494 -7.47 -14.86 -20.75
CA ASP D 494 -8.14 -15.14 -22.01
C ASP D 494 -7.49 -16.32 -22.71
N ALA D 495 -8.15 -17.49 -22.65
CA ALA D 495 -7.59 -18.70 -23.23
C ALA D 495 -7.58 -18.66 -24.76
N SER D 496 -8.47 -17.88 -25.37
CA SER D 496 -8.48 -17.81 -26.83
C SER D 496 -7.22 -17.12 -27.36
N LEU D 497 -6.60 -16.26 -26.55
CA LEU D 497 -5.41 -15.54 -26.96
C LEU D 497 -4.12 -16.13 -26.38
N LEU D 498 -4.21 -17.31 -25.77
CA LEU D 498 -3.03 -18.09 -25.36
C LEU D 498 -3.17 -19.49 -25.94
N PRO D 499 -3.25 -19.61 -27.26
CA PRO D 499 -3.63 -20.90 -27.86
C PRO D 499 -2.64 -22.03 -27.64
N MET D 500 -1.35 -21.74 -27.45
CA MET D 500 -0.32 -22.77 -27.40
C MET D 500 0.02 -23.19 -25.97
N LEU D 501 -0.81 -22.82 -25.00
CA LEU D 501 -0.47 -23.01 -23.59
C LEU D 501 -0.24 -24.48 -23.26
N LEU D 502 0.95 -24.79 -22.73
CA LEU D 502 1.22 -26.10 -22.15
C LEU D 502 1.01 -26.10 -20.64
N VAL D 503 1.42 -25.03 -19.97
CA VAL D 503 1.36 -24.93 -18.52
C VAL D 503 0.64 -23.65 -18.14
N LEU D 504 -0.20 -23.72 -17.11
CA LEU D 504 -0.94 -22.56 -16.61
C LEU D 504 -0.97 -22.66 -15.09
N LYS D 505 -0.11 -21.89 -14.43
CA LYS D 505 -0.04 -21.87 -12.97
C LYS D 505 -0.78 -20.64 -12.48
N ILE D 506 -2.01 -20.84 -12.01
CA ILE D 506 -2.88 -19.73 -11.64
C ILE D 506 -3.47 -19.96 -10.25
N SER D 507 -2.73 -20.67 -9.41
CA SER D 507 -3.14 -20.87 -8.03
C SER D 507 -2.92 -19.60 -7.22
N ARG D 508 -3.59 -19.54 -6.07
CA ARG D 508 -3.50 -18.40 -5.15
C ARG D 508 -3.89 -17.10 -5.86
N ASN D 509 -5.13 -17.08 -6.35
CA ASN D 509 -5.73 -15.88 -6.90
C ASN D 509 -7.10 -15.74 -6.24
N GLN D 510 -7.96 -14.90 -6.82
CA GLN D 510 -9.32 -14.71 -6.33
C GLN D 510 -10.34 -15.26 -7.31
N LEU D 511 -10.00 -16.37 -7.95
CA LEU D 511 -10.89 -16.97 -8.94
C LEU D 511 -12.05 -17.66 -8.25
N LYS D 512 -13.27 -17.29 -8.64
CA LYS D 512 -14.48 -17.92 -8.11
C LYS D 512 -15.09 -18.92 -9.08
N SER D 513 -14.94 -18.72 -10.39
CA SER D 513 -15.53 -19.62 -11.36
C SER D 513 -14.67 -19.65 -12.61
N VAL D 514 -15.07 -20.51 -13.54
CA VAL D 514 -14.38 -20.68 -14.82
C VAL D 514 -15.43 -20.76 -15.92
N PRO D 515 -15.23 -20.13 -17.08
CA PRO D 515 -16.23 -20.23 -18.14
C PRO D 515 -16.33 -21.66 -18.66
N ASP D 516 -17.55 -22.07 -18.99
CA ASP D 516 -17.78 -23.42 -19.48
C ASP D 516 -17.03 -23.65 -20.80
N GLY D 517 -16.37 -24.80 -20.89
CA GLY D 517 -15.62 -25.15 -22.09
C GLY D 517 -14.28 -24.46 -22.24
N ILE D 518 -13.80 -23.77 -21.20
CA ILE D 518 -12.60 -22.94 -21.35
C ILE D 518 -11.39 -23.81 -21.71
N PHE D 519 -11.30 -25.00 -21.11
CA PHE D 519 -10.11 -25.83 -21.26
C PHE D 519 -10.14 -26.69 -22.51
N ASP D 520 -11.31 -26.87 -23.13
CA ASP D 520 -11.38 -27.59 -24.41
C ASP D 520 -10.66 -26.82 -25.51
N ARG D 521 -10.68 -25.48 -25.44
CA ARG D 521 -9.98 -24.68 -26.45
C ARG D 521 -8.47 -24.87 -26.36
N LEU D 522 -7.93 -25.05 -25.15
CA LEU D 522 -6.50 -25.24 -24.95
C LEU D 522 -6.17 -26.69 -25.23
N THR D 523 -5.92 -27.00 -26.50
CA THR D 523 -5.67 -28.37 -26.93
C THR D 523 -4.29 -28.89 -26.56
N SER D 524 -3.41 -28.04 -26.05
CA SER D 524 -2.04 -28.43 -25.73
C SER D 524 -1.74 -28.39 -24.24
N LEU D 525 -2.76 -28.33 -23.39
CA LEU D 525 -2.56 -28.14 -21.96
C LEU D 525 -2.07 -29.44 -21.31
N GLN D 526 -0.98 -29.34 -20.56
CA GLN D 526 -0.38 -30.48 -19.87
C GLN D 526 -0.56 -30.41 -18.36
N LYS D 527 -0.23 -29.28 -17.74
CA LYS D 527 -0.33 -29.12 -16.29
C LYS D 527 -1.00 -27.79 -15.97
N ILE D 528 -1.78 -27.79 -14.88
CA ILE D 528 -2.54 -26.62 -14.49
C ILE D 528 -2.66 -26.60 -12.97
N TRP D 529 -2.33 -25.47 -12.36
CA TRP D 529 -2.49 -25.24 -10.93
C TRP D 529 -3.78 -24.44 -10.72
N LEU D 530 -4.71 -25.00 -9.96
CA LEU D 530 -5.97 -24.34 -9.67
C LEU D 530 -6.27 -24.19 -8.18
N HIS D 531 -5.43 -24.74 -7.31
CA HIS D 531 -5.74 -24.77 -5.88
C HIS D 531 -5.62 -23.37 -5.27
N THR D 532 -6.09 -23.27 -4.03
CA THR D 532 -6.05 -22.03 -3.25
C THR D 532 -6.77 -20.90 -3.99
N ASN D 533 -7.92 -21.22 -4.57
CA ASN D 533 -8.84 -20.23 -5.11
C ASN D 533 -10.21 -20.41 -4.46
N PRO D 534 -10.93 -19.31 -4.17
CA PRO D 534 -12.26 -19.46 -3.54
C PRO D 534 -13.32 -19.93 -4.55
N TRP D 535 -13.20 -21.19 -4.96
CA TRP D 535 -14.12 -21.73 -5.95
C TRP D 535 -15.54 -21.77 -5.41
N ASP D 536 -16.46 -21.13 -6.15
CA ASP D 536 -17.88 -21.16 -5.81
C ASP D 536 -18.44 -22.52 -6.20
N CYS D 537 -18.70 -23.38 -5.21
CA CYS D 537 -19.19 -24.73 -5.47
C CYS D 537 -20.72 -24.80 -5.45
N SER D 538 -21.34 -23.92 -6.25
CA SER D 538 -22.78 -23.98 -6.50
C SER D 538 -23.01 -24.77 -7.78
N CYS D 539 -23.99 -25.67 -7.74
CA CYS D 539 -24.14 -26.62 -8.84
C CYS D 539 -24.45 -25.97 -10.18
N PRO D 540 -25.25 -24.92 -10.27
CA PRO D 540 -25.53 -24.32 -11.60
C PRO D 540 -24.31 -23.67 -12.26
N ARG D 541 -23.12 -23.80 -11.66
CA ARG D 541 -21.92 -23.22 -12.24
C ARG D 541 -20.75 -24.20 -12.31
N ILE D 542 -20.56 -25.05 -11.30
CA ILE D 542 -19.35 -25.85 -11.20
C ILE D 542 -19.44 -27.16 -11.96
N ASP D 543 -20.52 -27.41 -12.70
CA ASP D 543 -20.67 -28.68 -13.37
C ASP D 543 -19.49 -28.95 -14.32
N TYR D 544 -19.12 -27.95 -15.12
CA TYR D 544 -18.05 -28.14 -16.08
C TYR D 544 -16.72 -28.43 -15.38
N LEU D 545 -16.35 -27.59 -14.41
CA LEU D 545 -15.05 -27.72 -13.77
C LEU D 545 -14.93 -29.05 -13.04
N SER D 546 -15.98 -29.45 -12.31
CA SER D 546 -15.94 -30.73 -11.60
C SER D 546 -15.78 -31.88 -12.58
N ARG D 547 -16.57 -31.88 -13.66
CA ARG D 547 -16.40 -32.90 -14.69
C ARG D 547 -14.97 -32.89 -15.24
N TRP D 548 -14.51 -31.72 -15.67
CA TRP D 548 -13.19 -31.61 -16.28
C TRP D 548 -12.11 -32.14 -15.35
N LEU D 549 -12.19 -31.81 -14.05
CA LEU D 549 -11.15 -32.21 -13.11
C LEU D 549 -11.04 -33.72 -13.01
N ASN D 550 -12.18 -34.42 -12.90
CA ASN D 550 -12.13 -35.87 -12.79
C ASN D 550 -11.69 -36.51 -14.10
N LYS D 551 -12.13 -35.97 -15.23
CA LYS D 551 -11.69 -36.49 -16.52
C LYS D 551 -10.26 -36.12 -16.84
N ASN D 552 -9.69 -35.13 -16.14
CA ASN D 552 -8.33 -34.67 -16.37
C ASN D 552 -7.52 -34.63 -15.08
N SER D 553 -7.78 -35.58 -14.18
CA SER D 553 -7.12 -35.57 -12.87
C SER D 553 -5.61 -35.56 -13.01
N GLN D 554 -5.07 -36.18 -14.06
CA GLN D 554 -3.63 -36.28 -14.23
C GLN D 554 -2.98 -34.94 -14.57
N LYS D 555 -3.75 -33.97 -15.05
CA LYS D 555 -3.21 -32.68 -15.42
C LYS D 555 -3.12 -31.71 -14.24
N GLU D 556 -4.05 -31.81 -13.29
CA GLU D 556 -4.08 -30.85 -12.19
C GLU D 556 -2.95 -31.10 -11.20
N GLN D 557 -2.17 -30.06 -10.95
CA GLN D 557 -1.19 -30.06 -9.87
C GLN D 557 -1.85 -29.44 -8.65
N GLY D 558 -1.87 -30.17 -7.53
CA GLY D 558 -2.65 -29.77 -6.39
C GLY D 558 -4.09 -30.24 -6.54
N SER D 559 -4.97 -29.65 -5.73
CA SER D 559 -6.39 -29.98 -5.75
C SER D 559 -7.20 -28.74 -5.49
N ALA D 560 -8.12 -28.43 -6.40
CA ALA D 560 -9.02 -27.30 -6.21
C ALA D 560 -9.97 -27.59 -5.06
N LYS D 561 -10.07 -26.64 -4.13
CA LYS D 561 -10.92 -26.77 -2.96
C LYS D 561 -12.11 -25.81 -3.06
N CYS D 562 -13.21 -26.21 -2.44
CA CYS D 562 -14.35 -25.30 -2.30
C CYS D 562 -14.07 -24.28 -1.19
N SER D 563 -14.74 -23.13 -1.28
CA SER D 563 -14.50 -22.05 -0.34
C SER D 563 -14.94 -22.44 1.07
N GLY D 564 -16.25 -22.59 1.27
CA GLY D 564 -16.79 -22.93 2.57
C GLY D 564 -16.19 -24.21 3.13
N SER D 565 -16.50 -25.33 2.50
CA SER D 565 -15.96 -26.62 2.90
C SER D 565 -14.63 -26.87 2.19
N GLY D 566 -13.74 -27.58 2.87
CA GLY D 566 -12.43 -27.88 2.31
C GLY D 566 -12.45 -29.12 1.43
N LYS D 567 -13.54 -29.31 0.70
CA LYS D 567 -13.72 -30.52 -0.11
C LYS D 567 -13.22 -30.28 -1.54
N PRO D 568 -12.54 -31.26 -2.14
CA PRO D 568 -12.09 -31.08 -3.53
C PRO D 568 -13.27 -30.86 -4.48
N VAL D 569 -13.03 -30.05 -5.51
CA VAL D 569 -14.07 -29.74 -6.47
C VAL D 569 -14.42 -30.99 -7.30
N ARG D 570 -13.41 -31.79 -7.65
CA ARG D 570 -13.67 -32.96 -8.48
C ARG D 570 -14.63 -33.94 -7.81
N SER D 571 -14.70 -33.92 -6.48
CA SER D 571 -15.54 -34.84 -5.73
C SER D 571 -16.96 -34.34 -5.55
N ILE D 572 -17.47 -33.56 -6.51
CA ILE D 572 -18.82 -33.00 -6.41
C ILE D 572 -19.52 -33.25 -7.74
N ILE D 573 -20.66 -33.95 -7.67
CA ILE D 573 -21.48 -34.24 -8.84
C ILE D 573 -22.68 -33.31 -8.83
N CYS D 574 -23.13 -32.90 -10.02
CA CYS D 574 -24.25 -31.98 -10.13
C CYS D 574 -25.21 -32.44 -11.22
N PRO D 575 -26.52 -32.25 -11.02
CA PRO D 575 -27.51 -32.55 -12.08
C PRO D 575 -27.22 -31.83 -13.39
#